data_5UZE
#
_entry.id   5UZE
#
_cell.length_a   64.777
_cell.length_b   77.662
_cell.length_c   80.321
_cell.angle_alpha   110.03
_cell.angle_beta   103.99
_cell.angle_gamma   105.46
#
_symmetry.space_group_name_H-M   'P 1'
#
loop_
_entity.id
_entity.type
_entity.pdbx_description
1 polymer "Inosine-5'-monophosphate dehydrogenase,Inosine-5'-monophosphate dehydrogenase"
2 non-polymer 'INOSINIC ACID'
3 non-polymer "N-{4-chloro-3-[4-(trifluoromethyl)-1,3-thiazol-2-yl]phenyl}-N'-(2-{3-[(1E)-N-hydroxyethanimidoyl]phenyl}propan-2-yl)urea"
4 non-polymer 'POTASSIUM ION'
5 non-polymer GLYCEROL
6 water water
#
_entity_poly.entity_id   1
_entity_poly.type   'polypeptide(L)'
_entity_poly.pdbx_seq_one_letter_code
;SNAMARILKTAYTFDDVLLVPNKSEVLPNEVSLKTQLTKKIQLNIPLMSASMDTVTESKMAIAMAREGGIGIIHKNMTIE
DQAREVDRVKRSGGLLCGASIGVTNDMMERVDAVVKAKVDVIVLDTAHGHSKGVIEGVKRIKAKYPELQVIAGNIATPEA
VRDLAEAGADCVKVGIGPGSICTTRIVAGVGVPQLTAVMDCAEEGKKLGIPVIADGGLKYSGDIVKALAAGACAAMMGSI
FAGCEEAPGAIEIYQGRSYKVYRGMGSLGAMAKGSSDRYFQNGTKKFVPEGVEGRIAYKGHLADTIYQLIGGIKSGMGYL
GAPTLENLYENANFVVQTSAGFRESHPHDINITKEAPNYSVNQ
;
_entity_poly.pdbx_strand_id   A,B,C,D
#
loop_
_chem_comp.id
_chem_comp.type
_chem_comp.name
_chem_comp.formula
8L1 non-polymer N-{4-chloro-3-[4-(trifluoromethyl)-1,3-thiazol-2-yl]phenyl}-N'-(2-{3-[(1E)-N-hydroxyethanimidoyl]phenyl}propan-2-yl)urea 'C22 H20 Cl F3 N4 O2 S'
GOL non-polymer GLYCEROL 'C3 H8 O3'
IMP non-polymer 'INOSINIC ACID' 'C10 H13 N4 O8 P'
K non-polymer 'POTASSIUM ION' 'K 1'
#
# COMPACT_ATOMS: atom_id res chain seq x y z
N ILE A 7 -6.11 7.35 19.08
CA ILE A 7 -5.67 6.73 17.84
C ILE A 7 -6.44 7.36 16.64
N LEU A 8 -6.97 8.56 16.80
CA LEU A 8 -7.80 9.07 15.71
C LEU A 8 -6.96 9.70 14.58
N LYS A 9 -5.83 10.30 14.91
CA LYS A 9 -5.12 11.20 13.99
C LYS A 9 -4.05 10.49 13.17
N THR A 10 -4.02 10.79 11.87
CA THR A 10 -3.04 10.29 10.91
C THR A 10 -1.90 11.29 10.75
N ALA A 11 -0.67 10.80 10.63
CA ALA A 11 0.50 11.65 10.46
C ALA A 11 1.19 11.32 9.15
N TYR A 12 1.70 12.34 8.47
CA TYR A 12 2.28 12.16 7.14
C TYR A 12 3.79 12.35 7.15
N THR A 13 4.46 11.58 6.30
CA THR A 13 5.85 11.85 6.00
C THR A 13 5.95 12.42 4.58
N PHE A 14 7.18 12.56 4.10
CA PHE A 14 7.43 13.32 2.88
C PHE A 14 6.78 12.68 1.66
N ASP A 15 6.99 11.38 1.49
CA ASP A 15 6.44 10.65 0.37
C ASP A 15 4.92 10.67 0.36
N ASP A 16 4.29 11.17 1.42
CA ASP A 16 2.83 11.16 1.53
C ASP A 16 2.17 12.33 0.82
N VAL A 17 2.92 13.39 0.52
CA VAL A 17 2.32 14.62 0.06
C VAL A 17 3.05 15.17 -1.16
N LEU A 18 2.44 16.20 -1.76
CA LEU A 18 3.01 16.91 -2.88
C LEU A 18 2.68 18.38 -2.71
N LEU A 19 3.52 19.22 -3.29
CA LEU A 19 3.30 20.66 -3.29
C LEU A 19 2.62 21.07 -4.59
N VAL A 20 1.63 21.95 -4.48
CA VAL A 20 0.83 22.38 -5.62
C VAL A 20 1.52 23.57 -6.28
N PRO A 21 1.81 23.52 -7.57
CA PRO A 21 2.42 24.68 -8.24
C PRO A 21 1.55 25.91 -8.09
N ASN A 22 2.20 27.08 -7.99
CA ASN A 22 1.51 28.36 -7.92
C ASN A 22 1.84 29.20 -9.15
N LYS A 23 1.11 30.30 -9.31
CA LYS A 23 1.50 31.33 -10.26
C LYS A 23 2.87 31.88 -9.88
N SER A 24 3.78 31.92 -10.86
CA SER A 24 5.17 32.31 -10.60
C SER A 24 5.68 33.30 -11.63
N GLU A 25 6.10 34.46 -11.15
CA GLU A 25 6.87 35.45 -11.90
C GLU A 25 8.37 35.28 -11.68
N VAL A 26 8.78 34.13 -11.15
CA VAL A 26 10.10 33.94 -10.59
C VAL A 26 10.77 32.80 -11.34
N LEU A 27 11.98 33.04 -11.84
CA LEU A 27 12.67 31.90 -12.41
C LEU A 27 13.52 31.20 -11.36
N PRO A 28 13.82 29.91 -11.54
CA PRO A 28 14.60 29.17 -10.52
C PRO A 28 15.92 29.83 -10.14
N ASN A 29 16.70 30.28 -11.12
CA ASN A 29 17.99 30.88 -10.76
C ASN A 29 17.86 32.34 -10.35
N GLU A 30 16.66 32.73 -9.96
CA GLU A 30 16.36 34.01 -9.33
C GLU A 30 16.21 33.92 -7.82
N VAL A 31 16.01 32.73 -7.28
CA VAL A 31 15.56 32.57 -5.90
C VAL A 31 16.76 32.56 -4.96
N SER A 32 16.49 32.84 -3.69
CA SER A 32 17.53 32.98 -2.67
C SER A 32 17.24 32.00 -1.55
N LEU A 33 18.18 31.10 -1.29
CA LEU A 33 18.03 30.08 -0.27
C LEU A 33 18.61 30.50 1.10
N LYS A 34 18.90 31.77 1.31
CA LYS A 34 19.38 32.23 2.61
C LYS A 34 18.39 31.85 3.72
N THR A 35 18.92 31.38 4.85
CA THR A 35 18.03 31.11 5.96
C THR A 35 18.74 31.43 7.26
N GLN A 36 17.95 31.58 8.30
CA GLN A 36 18.45 31.84 9.65
C GLN A 36 18.49 30.50 10.39
N LEU A 37 19.69 29.94 10.54
CA LEU A 37 19.84 28.73 11.32
C LEU A 37 19.46 28.98 12.77
N THR A 38 19.94 30.09 13.32
CA THR A 38 19.47 30.66 14.57
C THR A 38 19.34 32.15 14.35
N LYS A 39 18.81 32.86 15.37
CA LYS A 39 18.72 34.31 15.29
C LYS A 39 20.05 34.96 14.90
N LYS A 40 21.16 34.36 15.32
CA LYS A 40 22.48 34.91 15.02
C LYS A 40 23.14 34.29 13.80
N ILE A 41 22.85 33.04 13.47
CA ILE A 41 23.62 32.31 12.48
C ILE A 41 22.83 32.27 11.18
N GLN A 42 23.37 32.93 10.15
CA GLN A 42 22.80 32.90 8.81
C GLN A 42 23.57 31.92 7.95
N LEU A 43 22.88 30.93 7.41
CA LEU A 43 23.41 30.11 6.34
C LEU A 43 23.01 30.70 4.99
N ASN A 44 23.83 30.42 3.97
CA ASN A 44 23.48 30.86 2.63
C ASN A 44 22.55 29.85 1.96
N ILE A 45 22.75 28.56 2.22
CA ILE A 45 21.84 27.50 1.78
C ILE A 45 21.41 26.68 3.00
N PRO A 46 20.16 26.19 3.03
CA PRO A 46 19.60 25.59 4.25
C PRO A 46 19.88 24.09 4.42
N LEU A 47 21.15 23.70 4.30
CA LEU A 47 21.54 22.30 4.39
C LEU A 47 22.64 22.13 5.43
N MET A 48 22.55 21.06 6.21
CA MET A 48 23.58 20.74 7.17
C MET A 48 23.84 19.23 7.18
N SER A 49 25.10 18.87 7.47
CA SER A 49 25.48 17.46 7.50
C SER A 49 25.36 16.93 8.93
N ALA A 50 24.88 15.67 9.04
CA ALA A 50 24.58 15.03 10.32
C ALA A 50 25.85 14.83 11.16
N SER A 51 25.68 14.85 12.48
CA SER A 51 26.79 14.60 13.41
C SER A 51 26.92 13.10 13.68
N MET A 52 27.45 12.41 12.67
CA MET A 52 27.65 10.97 12.73
C MET A 52 29.09 10.68 12.34
N ASP A 53 29.63 9.57 12.86
CA ASP A 53 31.03 9.21 12.61
C ASP A 53 31.26 8.67 11.22
N THR A 54 30.22 8.54 10.39
CA THR A 54 30.40 8.18 8.99
C THR A 54 29.87 9.28 8.07
N VAL A 55 29.78 10.49 8.57
CA VAL A 55 29.32 11.58 7.78
C VAL A 55 30.19 12.82 7.96
N THR A 56 30.19 13.39 9.16
CA THR A 56 30.93 14.61 9.36
C THR A 56 32.12 14.73 10.31
N GLU A 57 33.28 14.98 9.72
CA GLU A 57 34.51 15.42 10.40
C GLU A 57 34.94 16.73 9.73
N SER A 58 36.15 17.22 10.03
CA SER A 58 36.48 18.58 9.57
C SER A 58 36.37 18.68 8.05
N LYS A 59 36.86 17.68 7.32
CA LYS A 59 36.87 17.77 5.87
C LYS A 59 35.45 17.93 5.32
N MET A 60 34.51 17.09 5.76
CA MET A 60 33.12 17.30 5.36
C MET A 60 32.60 18.65 5.85
N ALA A 61 33.01 19.06 7.05
CA ALA A 61 32.49 20.31 7.61
C ALA A 61 33.06 21.52 6.87
N ILE A 62 34.30 21.41 6.39
CA ILE A 62 34.88 22.48 5.58
C ILE A 62 34.14 22.59 4.25
N ALA A 63 33.79 21.46 3.64
CA ALA A 63 33.17 21.53 2.33
C ALA A 63 31.71 21.94 2.42
N MET A 64 31.05 21.67 3.55
CA MET A 64 29.68 22.18 3.74
C MET A 64 29.68 23.70 3.91
N ALA A 65 30.58 24.18 4.76
CA ALA A 65 30.68 25.61 5.00
C ALA A 65 30.90 26.37 3.71
N ARG A 66 31.85 25.88 2.88
CA ARG A 66 32.18 26.55 1.62
C ARG A 66 31.01 26.53 0.62
N GLU A 67 30.15 25.52 0.68
CA GLU A 67 28.97 25.53 -0.17
C GLU A 67 27.87 26.44 0.35
N GLY A 68 27.99 26.95 1.57
CA GLY A 68 26.98 27.80 2.16
C GLY A 68 26.23 27.16 3.31
N GLY A 69 26.52 25.92 3.63
CA GLY A 69 25.84 25.21 4.68
C GLY A 69 26.69 25.12 5.92
N ILE A 70 26.52 24.04 6.67
CA ILE A 70 27.33 23.85 7.86
C ILE A 70 27.40 22.37 8.16
N GLY A 71 28.49 21.96 8.79
CA GLY A 71 28.65 20.60 9.26
C GLY A 71 28.76 20.59 10.78
N ILE A 72 28.22 19.55 11.39
CA ILE A 72 28.20 19.36 12.84
C ILE A 72 29.17 18.22 13.14
N ILE A 73 30.40 18.58 13.55
CA ILE A 73 31.42 17.60 13.88
C ILE A 73 30.88 16.64 14.93
N HIS A 74 30.95 15.34 14.63
CA HIS A 74 30.40 14.37 15.57
C HIS A 74 31.26 14.33 16.84
N LYS A 75 30.76 13.65 17.86
CA LYS A 75 31.44 13.61 19.17
C LYS A 75 31.99 12.23 19.51
N ASN A 76 31.94 11.27 18.58
CA ASN A 76 32.51 9.95 18.85
C ASN A 76 34.03 9.98 18.69
N MET A 77 34.66 10.81 19.52
CA MET A 77 36.10 11.00 19.57
C MET A 77 36.41 11.73 20.87
N THR A 78 37.68 11.72 21.27
CA THR A 78 38.09 12.44 22.47
C THR A 78 37.68 13.90 22.36
N ILE A 79 37.54 14.54 23.53
CA ILE A 79 37.26 15.98 23.59
C ILE A 79 38.33 16.76 22.85
N GLU A 80 39.60 16.38 23.04
CA GLU A 80 40.71 17.07 22.41
C GLU A 80 40.67 16.90 20.90
N ASP A 81 40.28 15.73 20.41
CA ASP A 81 40.21 15.53 18.96
C ASP A 81 39.08 16.35 18.34
N GLN A 82 37.95 16.46 19.03
CA GLN A 82 36.85 17.25 18.49
C GLN A 82 37.24 18.72 18.43
N ALA A 83 37.86 19.22 19.50
CA ALA A 83 38.34 20.59 19.49
C ALA A 83 39.33 20.81 18.35
N ARG A 84 40.12 19.79 18.01
CA ARG A 84 41.02 19.90 16.86
C ARG A 84 40.25 19.94 15.55
N GLU A 85 39.27 19.04 15.40
CA GLU A 85 38.45 19.06 14.20
C GLU A 85 37.78 20.42 14.02
N VAL A 86 37.12 20.92 15.08
CA VAL A 86 36.49 22.23 14.98
C VAL A 86 37.52 23.27 14.59
N ASP A 87 38.63 23.32 15.33
CA ASP A 87 39.64 24.34 15.11
C ASP A 87 40.21 24.25 13.69
N ARG A 88 40.36 23.04 13.18
CA ARG A 88 40.76 22.84 11.79
C ARG A 88 39.79 23.53 10.83
N VAL A 89 38.49 23.53 11.16
CA VAL A 89 37.51 24.16 10.28
C VAL A 89 37.62 25.67 10.37
N LYS A 90 37.81 26.19 11.58
CA LYS A 90 37.88 27.64 11.79
C LYS A 90 39.04 28.34 11.08
N ARG A 91 40.21 27.69 11.07
CA ARG A 91 41.39 28.28 10.45
C ARG A 91 41.55 27.87 8.99
N SER A 92 40.48 27.39 8.36
CA SER A 92 40.41 27.15 6.92
C SER A 92 39.74 28.30 6.20
N GLY A 93 39.96 29.53 6.67
CA GLY A 93 39.19 30.68 6.27
C GLY A 93 38.44 31.26 7.45
N GLY A 94 37.20 31.66 7.23
CA GLY A 94 36.33 32.07 8.33
C GLY A 94 35.09 31.22 8.46
N LEU A 95 35.21 29.92 8.18
CA LEU A 95 34.05 29.06 7.99
C LEU A 95 33.28 28.84 9.29
N LEU A 96 31.95 28.83 9.18
CA LEU A 96 31.10 28.37 10.29
C LEU A 96 31.30 26.88 10.54
N CYS A 97 31.20 26.49 11.81
CA CYS A 97 31.39 25.12 12.25
C CYS A 97 30.48 24.88 13.45
N GLY A 98 29.86 23.70 13.48
CA GLY A 98 29.14 23.22 14.65
C GLY A 98 29.81 22.03 15.32
N ALA A 99 29.38 21.75 16.54
CA ALA A 99 29.87 20.58 17.27
C ALA A 99 28.72 19.88 17.96
N SER A 100 28.81 18.56 18.02
CA SER A 100 27.82 17.75 18.72
C SER A 100 28.26 17.55 20.16
N ILE A 101 27.29 17.66 21.09
CA ILE A 101 27.49 17.42 22.53
C ILE A 101 26.37 16.52 23.04
N GLY A 102 26.71 15.50 23.81
CA GLY A 102 25.73 14.67 24.47
C GLY A 102 25.56 15.09 25.92
N VAL A 103 24.57 14.50 26.59
CA VAL A 103 24.36 14.79 28.01
C VAL A 103 25.14 13.73 28.80
N THR A 104 26.28 14.15 29.34
CA THR A 104 27.24 13.24 29.94
C THR A 104 27.85 13.92 31.17
N ASN A 105 28.69 13.17 31.89
CA ASN A 105 29.53 13.82 32.87
C ASN A 105 30.68 14.58 32.20
N ASP A 106 31.04 14.19 30.97
CA ASP A 106 31.98 14.96 30.15
C ASP A 106 31.46 16.34 29.78
N MET A 107 30.12 16.49 29.67
CA MET A 107 29.45 17.55 28.93
C MET A 107 30.19 18.88 28.87
N MET A 108 30.41 19.52 30.02
CA MET A 108 30.91 20.88 29.97
C MET A 108 32.38 20.95 29.57
N GLU A 109 33.19 19.94 29.90
CA GLU A 109 34.55 19.87 29.34
C GLU A 109 34.51 19.77 27.82
N ARG A 110 33.60 18.99 27.27
CA ARG A 110 33.46 18.98 25.82
C ARG A 110 33.04 20.35 25.32
N VAL A 111 32.09 21.00 26.00
CA VAL A 111 31.65 22.33 25.60
C VAL A 111 32.77 23.35 25.75
N ASP A 112 33.51 23.30 26.87
CA ASP A 112 34.58 24.28 27.05
C ASP A 112 35.63 24.16 25.94
N ALA A 113 35.97 22.94 25.54
CA ALA A 113 36.96 22.77 24.50
C ALA A 113 36.47 23.26 23.14
N VAL A 114 35.22 22.97 22.76
CA VAL A 114 34.84 23.42 21.42
C VAL A 114 34.55 24.92 21.41
N VAL A 115 34.16 25.51 22.54
CA VAL A 115 33.96 26.96 22.61
C VAL A 115 35.30 27.69 22.46
N LYS A 116 36.30 27.29 23.24
CA LYS A 116 37.60 27.92 23.15
C LYS A 116 38.19 27.74 21.75
N ALA A 117 37.94 26.58 21.13
CA ALA A 117 38.31 26.30 19.75
C ALA A 117 37.46 27.07 18.75
N LYS A 118 36.53 27.91 19.21
CA LYS A 118 35.73 28.85 18.41
C LYS A 118 34.60 28.21 17.61
N VAL A 119 34.06 27.08 18.06
CA VAL A 119 32.85 26.56 17.43
C VAL A 119 31.77 27.63 17.40
N ASP A 120 30.94 27.61 16.35
CA ASP A 120 29.90 28.62 16.19
C ASP A 120 28.58 28.23 16.82
N VAL A 121 28.26 26.94 16.81
CA VAL A 121 27.00 26.43 17.30
C VAL A 121 27.25 25.02 17.85
N ILE A 122 26.78 24.76 19.04
CA ILE A 122 26.78 23.39 19.53
C ILE A 122 25.38 22.85 19.40
N VAL A 123 25.31 21.53 19.21
CA VAL A 123 24.07 20.79 19.12
C VAL A 123 24.06 19.80 20.28
N LEU A 124 23.26 20.06 21.30
CA LEU A 124 22.97 19.03 22.30
C LEU A 124 21.93 18.10 21.68
N ASP A 125 22.39 16.96 21.19
CA ASP A 125 21.49 15.99 20.59
C ASP A 125 21.47 14.67 21.33
N THR A 126 20.27 14.18 21.57
CA THR A 126 20.11 12.93 22.26
C THR A 126 18.90 12.20 21.70
N ALA A 127 18.81 10.91 21.96
CA ALA A 127 17.69 10.14 21.45
C ALA A 127 16.36 10.80 21.80
N HIS A 128 16.29 11.50 22.92
CA HIS A 128 15.03 12.05 23.42
C HIS A 128 15.28 13.46 23.92
N GLY A 129 15.13 14.44 23.02
CA GLY A 129 15.38 15.83 23.38
C GLY A 129 14.42 16.38 24.41
N HIS A 130 13.19 15.86 24.47
CA HIS A 130 12.20 16.31 25.43
C HIS A 130 12.39 15.60 26.78
N SER A 131 13.55 15.80 27.39
CA SER A 131 13.91 15.06 28.59
C SER A 131 14.54 16.00 29.61
N LYS A 132 14.42 15.58 30.88
CA LYS A 132 14.97 16.36 31.98
C LYS A 132 16.47 16.59 31.81
N GLY A 133 17.19 15.60 31.29
CA GLY A 133 18.61 15.77 31.08
C GLY A 133 18.93 16.88 30.10
N VAL A 134 18.21 16.91 28.97
CA VAL A 134 18.51 17.90 27.95
C VAL A 134 18.10 19.30 28.42
N ILE A 135 16.93 19.42 29.04
CA ILE A 135 16.49 20.72 29.53
C ILE A 135 17.51 21.28 30.51
N GLU A 136 17.93 20.46 31.48
CA GLU A 136 18.96 20.88 32.42
C GLU A 136 20.28 21.18 31.71
N GLY A 137 20.60 20.37 30.70
CA GLY A 137 21.85 20.57 29.97
C GLY A 137 21.89 21.87 29.20
N VAL A 138 20.76 22.24 28.57
CA VAL A 138 20.67 23.53 27.90
C VAL A 138 20.74 24.66 28.92
N LYS A 139 20.01 24.53 30.03
CA LYS A 139 20.07 25.54 31.09
C LYS A 139 21.48 25.65 31.67
N ARG A 140 22.18 24.53 31.82
CA ARG A 140 23.56 24.59 32.28
C ARG A 140 24.46 25.32 31.29
N ILE A 141 24.39 24.97 30.01
CA ILE A 141 25.31 25.53 29.02
C ILE A 141 25.10 27.04 28.89
N LYS A 142 23.86 27.46 28.66
CA LYS A 142 23.56 28.89 28.48
C LYS A 142 23.87 29.71 29.73
N ALA A 143 23.77 29.09 30.90
CA ALA A 143 24.20 29.75 32.12
C ALA A 143 25.68 30.11 32.06
N LYS A 144 26.51 29.19 31.56
CA LYS A 144 27.95 29.43 31.49
C LYS A 144 28.31 30.26 30.26
N TYR A 145 27.65 29.99 29.12
CA TYR A 145 27.91 30.68 27.85
C TYR A 145 26.62 31.28 27.32
N PRO A 146 26.25 32.48 27.76
CA PRO A 146 24.95 33.04 27.35
C PRO A 146 24.86 33.30 25.86
N GLU A 147 25.86 33.96 25.29
CA GLU A 147 25.77 34.35 23.89
C GLU A 147 26.16 33.22 22.92
N LEU A 148 26.43 32.00 23.41
CA LEU A 148 26.74 30.90 22.50
C LEU A 148 25.45 30.21 22.04
N GLN A 149 25.46 29.74 20.80
CA GLN A 149 24.27 29.25 20.13
C GLN A 149 24.10 27.74 20.31
N VAL A 150 22.93 27.34 20.80
CA VAL A 150 22.66 25.99 21.25
C VAL A 150 21.47 25.43 20.49
N ILE A 151 21.70 24.34 19.76
CA ILE A 151 20.62 23.60 19.11
C ILE A 151 20.32 22.39 19.98
N ALA A 152 19.03 22.14 20.23
CA ALA A 152 18.64 21.06 21.14
C ALA A 152 17.75 20.07 20.40
N GLY A 153 18.03 18.78 20.57
CA GLY A 153 17.20 17.78 19.92
C GLY A 153 17.51 16.41 20.50
N ASN A 154 16.87 15.39 19.91
CA ASN A 154 15.85 15.54 18.88
C ASN A 154 14.46 15.45 19.50
N ILE A 155 13.45 16.07 18.86
CA ILE A 155 12.09 16.12 19.37
C ILE A 155 11.11 15.85 18.23
N ALA A 156 9.82 15.82 18.57
CA ALA A 156 8.78 15.51 17.61
C ALA A 156 7.45 16.18 17.93
N THR A 157 7.34 16.88 19.07
CA THR A 157 6.08 17.50 19.47
C THR A 157 6.23 19.01 19.69
N PRO A 158 5.13 19.77 19.59
CA PRO A 158 5.21 21.19 19.96
C PRO A 158 5.39 21.43 21.45
N GLU A 159 4.81 20.58 22.31
CA GLU A 159 5.14 20.70 23.73
C GLU A 159 6.64 20.66 23.92
N ALA A 160 7.33 19.81 23.16
CA ALA A 160 8.79 19.72 23.26
C ALA A 160 9.46 21.01 22.81
N VAL A 161 8.90 21.71 21.82
CA VAL A 161 9.50 22.96 21.35
C VAL A 161 9.50 23.99 22.46
N ARG A 162 8.36 24.18 23.10
CA ARG A 162 8.23 25.19 24.14
C ARG A 162 9.21 24.92 25.29
N ASP A 163 9.23 23.66 25.78
CA ASP A 163 10.07 23.33 26.94
C ASP A 163 11.56 23.56 26.65
N LEU A 164 12.00 23.34 25.41
CA LEU A 164 13.39 23.63 25.06
C LEU A 164 13.59 25.11 24.80
N ALA A 165 12.59 25.79 24.23
CA ALA A 165 12.66 27.24 24.08
C ALA A 165 12.73 27.91 25.44
N GLU A 166 11.87 27.49 26.38
CA GLU A 166 11.95 27.98 27.75
C GLU A 166 13.33 27.75 28.36
N ALA A 167 13.88 26.54 28.18
CA ALA A 167 15.18 26.19 28.73
C ALA A 167 16.32 27.01 28.14
N GLY A 168 16.12 27.66 27.01
CA GLY A 168 17.11 28.54 26.42
C GLY A 168 17.74 28.10 25.11
N ALA A 169 17.28 27.03 24.50
CA ALA A 169 17.83 26.65 23.19
C ALA A 169 17.56 27.76 22.17
N ASP A 170 18.50 27.94 21.25
CA ASP A 170 18.35 28.94 20.19
C ASP A 170 17.78 28.34 18.92
N CYS A 171 17.61 27.02 18.89
CA CYS A 171 17.07 26.31 17.75
C CYS A 171 16.83 24.86 18.17
N VAL A 172 15.77 24.25 17.66
CA VAL A 172 15.45 22.88 18.03
C VAL A 172 15.45 22.00 16.79
N LYS A 173 15.80 20.72 17.00
CA LYS A 173 16.06 19.76 15.93
C LYS A 173 15.03 18.64 15.96
N VAL A 174 14.30 18.47 14.86
CA VAL A 174 13.11 17.63 14.79
C VAL A 174 13.42 16.31 14.07
N GLY A 175 13.03 15.20 14.69
CA GLY A 175 13.12 13.90 14.08
C GLY A 175 13.40 12.75 15.05
N ILE A 176 12.35 12.06 15.49
CA ILE A 176 12.49 10.79 16.20
C ILE A 176 12.04 9.69 15.25
N GLY A 177 13.00 8.87 14.79
CA GLY A 177 12.70 7.73 13.96
C GLY A 177 12.85 7.81 12.43
N PRO A 178 12.94 8.99 11.82
CA PRO A 178 12.86 9.00 10.34
C PRO A 178 14.15 8.58 9.65
N GLY A 179 15.29 8.55 10.33
CA GLY A 179 16.54 8.41 9.63
C GLY A 179 16.66 7.08 8.92
N SER A 180 17.49 7.06 7.89
CA SER A 180 17.63 5.89 7.03
C SER A 180 18.24 4.70 7.78
N ILE A 181 19.07 4.95 8.78
CA ILE A 181 19.73 3.88 9.55
C ILE A 181 19.08 3.69 10.92
N CYS A 182 17.86 4.16 11.09
CA CYS A 182 17.27 4.28 12.42
C CYS A 182 16.25 3.17 12.63
N THR A 183 16.28 2.54 13.80
CA THR A 183 15.32 1.51 14.19
C THR A 183 14.51 1.88 15.42
N THR A 184 14.57 3.15 15.83
CA THR A 184 13.88 3.58 17.05
C THR A 184 12.40 3.20 17.04
N ARG A 185 11.73 3.49 15.93
CA ARG A 185 10.29 3.22 15.81
C ARG A 185 10.00 1.73 15.87
N ILE A 186 10.95 0.92 15.42
CA ILE A 186 10.81 -0.53 15.38
C ILE A 186 11.11 -1.16 16.75
N VAL A 187 12.21 -0.77 17.39
CA VAL A 187 12.55 -1.44 18.65
C VAL A 187 11.86 -0.79 19.83
N ALA A 188 11.59 0.52 19.78
CA ALA A 188 10.91 1.20 20.89
C ALA A 188 9.44 1.48 20.66
N GLY A 189 8.98 1.48 19.40
CA GLY A 189 7.60 1.78 19.10
C GLY A 189 7.25 3.25 19.03
N VAL A 190 8.24 4.13 19.00
CA VAL A 190 8.04 5.55 19.27
C VAL A 190 8.52 6.37 18.07
N GLY A 191 7.78 7.41 17.74
CA GLY A 191 8.18 8.28 16.65
C GLY A 191 6.99 8.99 16.05
N VAL A 192 7.27 10.01 15.27
CA VAL A 192 6.24 10.77 14.60
C VAL A 192 6.65 10.90 13.14
N PRO A 193 5.68 10.64 12.18
CA PRO A 193 6.12 10.82 10.78
C PRO A 193 6.68 12.22 10.61
N GLN A 194 7.82 12.30 9.94
CA GLN A 194 8.59 13.52 9.85
C GLN A 194 7.95 14.77 9.33
N LEU A 195 7.17 14.69 8.26
CA LEU A 195 6.55 15.90 7.75
C LEU A 195 5.57 16.49 8.75
N THR A 196 4.68 15.66 9.30
CA THR A 196 3.78 16.16 10.34
C THR A 196 4.57 16.63 11.56
N ALA A 197 5.64 15.90 11.94
CA ALA A 197 6.52 16.34 13.03
C ALA A 197 7.06 17.75 12.78
N VAL A 198 7.61 18.00 11.60
CA VAL A 198 8.18 19.32 11.29
C VAL A 198 7.08 20.37 11.26
N MET A 199 5.97 20.06 10.58
CA MET A 199 4.84 20.97 10.51
C MET A 199 4.41 21.42 11.90
N ASP A 200 4.07 20.48 12.77
CA ASP A 200 3.60 20.87 14.11
C ASP A 200 4.67 21.65 14.86
N CYS A 201 5.93 21.22 14.76
CA CYS A 201 6.98 21.87 15.54
C CYS A 201 7.34 23.23 14.95
N ALA A 202 7.36 23.33 13.62
CA ALA A 202 7.59 24.62 12.98
C ALA A 202 6.54 25.63 13.44
N GLU A 203 5.29 25.18 13.59
CA GLU A 203 4.20 26.11 13.87
C GLU A 203 4.32 26.67 15.29
N GLU A 204 4.64 25.82 16.26
CA GLU A 204 4.85 26.31 17.61
C GLU A 204 6.17 27.07 17.71
N GLY A 205 7.16 26.69 16.90
CA GLY A 205 8.41 27.41 16.89
C GLY A 205 8.27 28.84 16.41
N LYS A 206 7.34 29.08 15.49
CA LYS A 206 7.14 30.43 14.94
C LYS A 206 6.37 31.33 15.91
N LYS A 207 5.43 30.75 16.67
CA LYS A 207 4.79 31.50 17.75
C LYS A 207 5.81 31.96 18.79
N LEU A 208 6.87 31.18 19.01
CA LEU A 208 7.85 31.49 20.06
C LEU A 208 9.08 32.24 19.56
N GLY A 209 9.31 32.28 18.26
CA GLY A 209 10.51 32.94 17.75
C GLY A 209 11.72 32.05 17.69
N ILE A 210 11.53 30.75 17.55
CA ILE A 210 12.61 29.77 17.58
C ILE A 210 12.54 28.94 16.30
N PRO A 211 13.64 28.77 15.59
CA PRO A 211 13.60 27.97 14.35
C PRO A 211 13.81 26.48 14.62
N VAL A 212 13.34 25.67 13.69
CA VAL A 212 13.41 24.23 13.80
C VAL A 212 14.10 23.65 12.57
N ILE A 213 14.85 22.57 12.80
CA ILE A 213 15.59 21.85 11.77
C ILE A 213 14.89 20.52 11.49
N ALA A 214 14.73 20.19 10.20
CA ALA A 214 14.20 18.88 9.79
C ALA A 214 15.36 17.89 9.68
N ASP A 215 15.45 16.95 10.61
CA ASP A 215 16.58 16.03 10.69
C ASP A 215 16.10 14.65 10.31
N GLY A 216 16.64 14.10 9.25
CA GLY A 216 16.48 12.69 8.94
C GLY A 216 15.40 12.41 7.92
N GLY A 217 15.61 11.33 7.16
CA GLY A 217 14.56 10.81 6.32
C GLY A 217 14.48 11.41 4.94
N LEU A 218 15.21 12.51 4.68
CA LEU A 218 15.25 13.09 3.35
C LEU A 218 16.09 12.22 2.43
N LYS A 219 15.56 11.91 1.25
CA LYS A 219 16.38 11.15 0.31
C LYS A 219 16.55 11.82 -1.05
N TYR A 220 15.64 12.69 -1.45
CA TYR A 220 15.74 13.45 -2.69
C TYR A 220 15.59 14.94 -2.39
N SER A 221 16.05 15.77 -3.34
CA SER A 221 15.93 17.22 -3.16
C SER A 221 14.46 17.66 -3.00
N GLY A 222 13.53 17.05 -3.74
CA GLY A 222 12.10 17.31 -3.52
C GLY A 222 11.71 17.19 -2.05
N ASP A 223 12.33 16.26 -1.32
CA ASP A 223 11.99 16.10 0.09
C ASP A 223 12.37 17.33 0.89
N ILE A 224 13.51 17.95 0.55
CA ILE A 224 13.92 19.15 1.27
C ILE A 224 12.94 20.29 1.01
N VAL A 225 12.49 20.45 -0.25
CA VAL A 225 11.48 21.48 -0.53
C VAL A 225 10.28 21.32 0.37
N LYS A 226 9.83 20.08 0.58
CA LYS A 226 8.68 19.85 1.45
C LYS A 226 8.99 20.23 2.90
N ALA A 227 10.18 19.89 3.38
CA ALA A 227 10.55 20.21 4.75
C ALA A 227 10.58 21.72 4.95
N LEU A 228 11.14 22.46 3.98
CA LEU A 228 11.20 23.91 4.10
C LEU A 228 9.82 24.53 3.95
N ALA A 229 8.99 23.96 3.07
CA ALA A 229 7.63 24.45 2.92
C ALA A 229 6.82 24.22 4.19
N ALA A 230 7.10 23.12 4.90
CA ALA A 230 6.50 22.85 6.21
C ALA A 230 6.93 23.87 7.26
N GLY A 231 8.06 24.53 7.06
CA GLY A 231 8.44 25.56 7.97
C GLY A 231 9.83 25.39 8.57
N ALA A 232 10.54 24.32 8.25
CA ALA A 232 11.85 24.12 8.86
C ALA A 232 12.84 25.18 8.38
N CYS A 233 13.74 25.58 9.27
CA CYS A 233 14.69 26.59 8.84
C CYS A 233 15.80 25.98 8.00
N ALA A 234 16.02 24.67 8.11
CA ALA A 234 17.16 23.98 7.52
C ALA A 234 16.95 22.48 7.58
N ALA A 235 17.52 21.78 6.60
CA ALA A 235 17.44 20.32 6.52
C ALA A 235 18.78 19.72 6.89
N MET A 236 18.75 18.59 7.60
CA MET A 236 19.96 17.87 7.97
C MET A 236 19.90 16.44 7.44
N MET A 237 21.02 15.99 6.85
CA MET A 237 21.03 14.72 6.14
C MET A 237 22.23 13.87 6.53
N GLY A 238 22.04 12.55 6.50
CA GLY A 238 23.14 11.66 6.78
C GLY A 238 23.50 10.89 5.53
N SER A 239 22.58 10.02 5.10
CA SER A 239 22.86 9.16 3.95
C SER A 239 23.07 9.97 2.69
N ILE A 240 22.47 11.15 2.59
CA ILE A 240 22.65 11.91 1.35
C ILE A 240 24.09 12.38 1.23
N PHE A 241 24.77 12.61 2.36
CA PHE A 241 26.16 13.08 2.34
C PHE A 241 27.18 11.98 2.61
N ALA A 242 26.78 10.90 3.27
CA ALA A 242 27.72 9.86 3.67
C ALA A 242 28.33 9.13 2.49
N GLY A 243 27.71 9.20 1.32
CA GLY A 243 28.38 8.56 0.21
C GLY A 243 29.38 9.45 -0.49
N CYS A 244 29.62 10.64 0.02
CA CYS A 244 30.49 11.62 -0.62
C CYS A 244 31.94 11.44 -0.18
N GLU A 245 32.85 11.92 -1.03
CA GLU A 245 34.27 11.68 -0.84
C GLU A 245 34.75 12.21 0.50
N GLU A 246 34.19 13.34 0.94
CA GLU A 246 34.62 14.01 2.15
C GLU A 246 34.16 13.28 3.41
N ALA A 247 33.21 12.35 3.29
CA ALA A 247 32.70 11.66 4.46
C ALA A 247 33.70 10.60 4.90
N PRO A 248 33.85 10.37 6.20
CA PRO A 248 34.67 9.24 6.64
C PRO A 248 33.85 7.98 6.45
N GLY A 249 34.55 6.88 6.28
CA GLY A 249 33.85 5.68 5.92
C GLY A 249 34.72 4.81 5.06
N ALA A 250 35.03 3.61 5.53
CA ALA A 250 35.76 2.67 4.69
C ALA A 250 35.06 2.51 3.35
N ILE A 251 35.84 2.22 2.33
CA ILE A 251 35.32 1.96 1.00
C ILE A 251 35.21 0.44 0.84
N GLU A 252 34.00 -0.03 0.60
CA GLU A 252 33.75 -1.44 0.33
C GLU A 252 33.33 -1.61 -1.13
N ILE A 253 33.69 -2.75 -1.69
CA ILE A 253 33.49 -3.05 -3.09
C ILE A 253 32.48 -4.18 -3.22
N TYR A 254 31.57 -4.05 -4.17
CA TYR A 254 30.57 -5.09 -4.40
C TYR A 254 29.98 -4.91 -5.79
N GLN A 255 30.09 -5.95 -6.61
CA GLN A 255 29.55 -6.01 -7.99
C GLN A 255 29.76 -4.72 -8.78
N GLY A 256 31.04 -4.36 -8.90
CA GLY A 256 31.42 -3.26 -9.77
C GLY A 256 31.21 -1.88 -9.21
N ARG A 257 30.82 -1.77 -7.93
CA ARG A 257 30.55 -0.47 -7.34
C ARG A 257 31.33 -0.29 -6.04
N SER A 258 31.67 0.95 -5.76
CA SER A 258 32.30 1.34 -4.50
C SER A 258 31.23 1.88 -3.57
N TYR A 259 31.27 1.43 -2.32
CA TYR A 259 30.30 1.85 -1.31
C TYR A 259 31.03 2.46 -0.14
N LYS A 260 30.37 3.41 0.51
CA LYS A 260 30.85 4.03 1.73
C LYS A 260 30.08 3.48 2.92
N VAL A 261 30.81 3.15 3.99
CA VAL A 261 30.17 2.64 5.20
C VAL A 261 29.33 3.74 5.83
N TYR A 262 28.10 3.40 6.21
CA TYR A 262 27.19 4.36 6.82
C TYR A 262 26.35 3.64 7.87
N ARG A 263 26.44 4.07 9.12
CA ARG A 263 25.75 3.36 10.20
C ARG A 263 25.17 4.36 11.19
N GLY A 264 24.14 3.90 11.91
CA GLY A 264 23.54 4.74 12.94
C GLY A 264 24.49 4.91 14.11
N MET A 265 24.42 6.07 14.73
CA MET A 265 25.21 6.35 15.91
C MET A 265 24.76 5.41 17.03
N GLY A 266 23.51 4.99 16.99
CA GLY A 266 23.02 4.09 18.02
C GLY A 266 23.12 2.63 17.61
N SER A 267 23.97 2.35 16.62
CA SER A 267 24.22 1.00 16.17
C SER A 267 25.38 0.42 16.96
N LEU A 268 25.37 -0.92 17.09
CA LEU A 268 26.43 -1.71 17.69
C LEU A 268 27.84 -1.21 17.38
N GLY A 269 28.19 -1.13 16.09
CA GLY A 269 29.53 -0.72 15.72
C GLY A 269 29.87 0.71 16.10
N ALA A 270 28.87 1.59 16.11
CA ALA A 270 29.12 2.97 16.51
C ALA A 270 29.32 3.07 18.03
N MET A 271 28.52 2.36 18.80
CA MET A 271 28.61 2.44 20.25
C MET A 271 29.80 1.68 20.81
N ALA A 272 30.59 1.02 19.95
CA ALA A 272 31.77 0.27 20.35
C ALA A 272 33.08 0.95 19.89
N LYS A 286 25.18 -6.83 24.93
CA LYS A 286 24.61 -6.11 26.06
C LYS A 286 24.12 -4.71 25.67
N PHE A 287 24.54 -4.27 24.48
CA PHE A 287 23.93 -3.08 23.90
C PHE A 287 22.51 -3.41 23.42
N VAL A 288 21.59 -2.46 23.57
CA VAL A 288 20.27 -2.56 22.92
C VAL A 288 20.22 -1.48 21.84
N PRO A 289 20.63 -1.81 20.63
CA PRO A 289 20.85 -0.79 19.61
C PRO A 289 19.57 -0.17 19.08
N GLU A 290 19.70 1.02 18.50
CA GLU A 290 18.58 1.71 17.87
C GLU A 290 18.98 2.14 16.46
N GLY A 291 19.89 1.39 15.85
CA GLY A 291 20.42 1.69 14.54
C GLY A 291 20.97 0.43 13.91
N VAL A 292 21.14 0.49 12.59
CA VAL A 292 21.79 -0.58 11.84
C VAL A 292 23.05 -0.03 11.17
N GLU A 293 23.88 -0.95 10.72
CA GLU A 293 25.11 -0.61 10.03
C GLU A 293 25.02 -1.10 8.60
N GLY A 294 25.41 -0.26 7.66
CA GLY A 294 25.44 -0.69 6.29
C GLY A 294 26.36 0.12 5.43
N ARG A 295 25.94 0.37 4.19
CA ARG A 295 26.76 1.07 3.20
C ARG A 295 25.85 1.60 2.11
N ILE A 296 26.24 2.77 1.58
CA ILE A 296 25.58 3.41 0.44
C ILE A 296 26.62 3.63 -0.64
N ALA A 297 26.13 3.82 -1.88
CA ALA A 297 27.03 3.89 -3.01
C ALA A 297 27.86 5.15 -2.97
N TYR A 298 29.14 5.04 -3.32
CA TYR A 298 29.98 6.23 -3.46
C TYR A 298 29.37 7.20 -4.48
N LYS A 299 29.25 8.48 -4.10
CA LYS A 299 28.65 9.51 -4.92
C LYS A 299 29.62 10.59 -5.39
N GLY A 300 30.90 10.46 -5.09
CA GLY A 300 31.84 11.49 -5.50
C GLY A 300 31.86 12.70 -4.58
N HIS A 301 32.30 13.81 -5.14
CA HIS A 301 32.54 15.00 -4.34
C HIS A 301 31.25 15.69 -3.91
N LEU A 302 31.26 16.15 -2.65
CA LEU A 302 30.12 16.87 -2.08
C LEU A 302 29.58 17.94 -3.02
N ALA A 303 30.46 18.76 -3.60
CA ALA A 303 30.03 19.90 -4.41
C ALA A 303 29.06 19.49 -5.50
N ASP A 304 29.30 18.34 -6.13
CA ASP A 304 28.38 17.85 -7.16
C ASP A 304 27.05 17.47 -6.54
N THR A 305 27.07 16.82 -5.38
CA THR A 305 25.82 16.46 -4.69
C THR A 305 25.07 17.71 -4.27
N ILE A 306 25.78 18.72 -3.77
CA ILE A 306 25.12 19.94 -3.32
C ILE A 306 24.47 20.64 -4.51
N TYR A 307 25.20 20.76 -5.61
CA TYR A 307 24.63 21.35 -6.83
C TYR A 307 23.27 20.72 -7.15
N GLN A 308 23.22 19.40 -7.25
CA GLN A 308 21.97 18.72 -7.59
C GLN A 308 20.86 19.06 -6.59
N LEU A 309 21.17 19.06 -5.29
CA LEU A 309 20.14 19.34 -4.29
C LEU A 309 19.68 20.78 -4.36
N ILE A 310 20.62 21.71 -4.48
CA ILE A 310 20.24 23.11 -4.57
C ILE A 310 19.42 23.34 -5.82
N GLY A 311 19.81 22.69 -6.92
CA GLY A 311 19.06 22.89 -8.16
C GLY A 311 17.64 22.37 -8.00
N GLY A 312 17.48 21.27 -7.27
CA GLY A 312 16.15 20.76 -6.99
C GLY A 312 15.34 21.75 -6.19
N ILE A 313 15.93 22.30 -5.12
CA ILE A 313 15.18 23.20 -4.26
C ILE A 313 14.79 24.45 -5.04
N LYS A 314 15.71 24.95 -5.87
CA LYS A 314 15.43 26.13 -6.68
C LYS A 314 14.27 25.90 -7.64
N SER A 315 14.29 24.77 -8.35
CA SER A 315 13.18 24.49 -9.25
C SER A 315 11.86 24.46 -8.47
N GLY A 316 11.86 23.82 -7.29
CA GLY A 316 10.65 23.76 -6.49
C GLY A 316 10.12 25.13 -6.18
N MET A 317 11.00 26.01 -5.69
CA MET A 317 10.58 27.37 -5.39
C MET A 317 10.10 28.07 -6.65
N GLY A 318 10.68 27.72 -7.80
CA GLY A 318 10.19 28.25 -9.06
C GLY A 318 8.75 27.83 -9.32
N TYR A 319 8.48 26.52 -9.20
CA TYR A 319 7.12 26.04 -9.35
C TYR A 319 6.17 26.77 -8.40
N LEU A 320 6.65 27.12 -7.19
CA LEU A 320 5.80 27.74 -6.16
C LEU A 320 5.83 29.26 -6.17
N GLY A 321 6.61 29.89 -7.04
CA GLY A 321 6.61 31.34 -7.14
C GLY A 321 7.22 32.02 -5.93
N ALA A 322 8.16 31.35 -5.27
CA ALA A 322 8.71 31.83 -3.99
C ALA A 322 10.11 32.38 -4.18
N PRO A 323 10.29 33.70 -4.17
CA PRO A 323 11.66 34.24 -4.28
C PRO A 323 12.53 33.97 -3.06
N THR A 324 11.94 33.62 -1.92
CA THR A 324 12.70 33.37 -0.70
C THR A 324 12.04 32.24 0.07
N LEU A 325 12.79 31.71 1.03
CA LEU A 325 12.28 30.60 1.83
C LEU A 325 11.04 30.99 2.61
N GLU A 326 10.99 32.22 3.12
CA GLU A 326 9.80 32.66 3.85
C GLU A 326 8.57 32.64 2.95
N ASN A 327 8.68 33.19 1.74
CA ASN A 327 7.54 33.19 0.82
C ASN A 327 7.15 31.77 0.45
N LEU A 328 8.12 30.84 0.41
CA LEU A 328 7.84 29.44 0.15
C LEU A 328 6.95 28.83 1.22
N TYR A 329 7.27 29.08 2.50
CA TYR A 329 6.49 28.52 3.60
C TYR A 329 5.07 29.08 3.62
N GLU A 330 4.93 30.36 3.29
CA GLU A 330 3.68 31.10 3.41
C GLU A 330 2.70 30.79 2.29
N ASN A 331 3.19 30.30 1.15
CA ASN A 331 2.36 30.10 -0.03
C ASN A 331 2.26 28.64 -0.43
N ALA A 332 2.85 27.72 0.34
CA ALA A 332 2.87 26.32 -0.05
C ALA A 332 1.53 25.66 0.27
N ASN A 333 1.02 24.88 -0.68
CA ASN A 333 -0.20 24.11 -0.51
C ASN A 333 0.11 22.65 -0.75
N PHE A 334 -0.32 21.82 0.20
CA PHE A 334 0.00 20.40 0.21
C PHE A 334 -1.24 19.63 -0.19
N VAL A 335 -1.00 18.44 -0.72
CA VAL A 335 -1.99 17.55 -1.23
C VAL A 335 -1.48 16.14 -0.93
N VAL A 336 -2.34 15.28 -0.40
CA VAL A 336 -1.95 13.92 -0.06
C VAL A 336 -2.08 13.06 -1.31
N GLN A 337 -1.05 12.26 -1.60
CA GLN A 337 -1.09 11.30 -2.69
C GLN A 337 -1.17 9.89 -2.10
N THR A 338 -1.76 8.95 -2.85
CA THR A 338 -1.89 7.59 -2.37
C THR A 338 -0.61 6.81 -2.69
N SER A 339 -0.62 5.52 -2.36
CA SER A 339 0.39 4.61 -2.90
C SER A 339 0.44 4.68 -4.42
N ALA A 340 -0.72 4.76 -5.08
CA ALA A 340 -0.77 4.85 -6.54
C ALA A 340 -0.21 6.18 -7.03
N GLY A 341 -0.53 7.28 -6.36
CA GLY A 341 0.09 8.55 -6.72
C GLY A 341 1.59 8.50 -6.58
N PHE A 342 2.06 7.96 -5.45
CA PHE A 342 3.48 7.78 -5.23
C PHE A 342 4.15 7.02 -6.37
N ARG A 343 3.46 6.00 -6.92
CA ARG A 343 4.02 5.26 -8.05
C ARG A 343 3.98 6.09 -9.33
N GLU A 344 2.92 6.90 -9.51
CA GLU A 344 2.87 7.80 -10.65
C GLU A 344 3.98 8.85 -10.56
N SER A 345 4.25 9.33 -9.33
CA SER A 345 5.24 10.39 -9.09
C SER A 345 6.66 9.94 -9.44
N HIS A 346 7.05 8.73 -9.04
CA HIS A 346 8.35 8.24 -9.46
C HIS A 346 8.30 7.88 -10.94
N PRO A 347 9.46 7.82 -11.61
CA PRO A 347 9.49 7.19 -12.93
C PRO A 347 8.83 5.82 -12.83
N HIS A 348 8.11 5.44 -13.88
CA HIS A 348 7.42 4.16 -13.87
C HIS A 348 7.39 3.63 -15.28
N ASP A 349 7.27 2.29 -15.39
CA ASP A 349 7.15 1.60 -16.67
C ASP A 349 8.28 1.96 -17.63
N ILE A 350 9.44 2.27 -17.06
CA ILE A 350 10.65 2.54 -17.82
C ILE A 350 11.75 1.63 -17.29
N ASN A 351 12.51 1.04 -18.21
CA ASN A 351 13.74 0.33 -17.85
C ASN A 351 14.85 1.37 -17.97
N ILE A 352 15.19 2.02 -16.86
CA ILE A 352 16.18 3.10 -16.89
C ILE A 352 17.57 2.52 -17.16
N THR A 353 18.34 3.23 -17.97
CA THR A 353 19.58 2.69 -18.52
C THR A 353 20.75 3.65 -18.32
N LYS A 354 20.48 4.95 -18.27
CA LYS A 354 21.49 5.97 -18.10
C LYS A 354 21.32 6.59 -16.72
N GLU A 355 22.42 6.73 -15.99
CA GLU A 355 22.33 7.29 -14.65
C GLU A 355 21.91 8.76 -14.73
N ALA A 356 21.18 9.19 -13.71
CA ALA A 356 20.76 10.56 -13.52
C ALA A 356 21.41 11.07 -12.25
N PRO A 357 22.01 12.27 -12.27
CA PRO A 357 22.65 12.79 -11.04
C PRO A 357 21.65 13.14 -9.96
N ASN A 358 20.36 13.15 -10.32
CA ASN A 358 19.15 13.58 -9.63
C ASN A 358 18.45 12.42 -8.93
N TYR A 359 18.55 11.22 -9.49
CA TYR A 359 17.64 10.12 -9.18
C TYR A 359 18.35 8.78 -9.37
N SER A 360 18.31 7.96 -8.33
CA SER A 360 18.99 6.67 -8.25
C SER A 360 20.49 6.79 -8.44
N ARG B 6 -3.77 22.09 7.55
CA ARG B 6 -2.93 22.61 6.47
C ARG B 6 -2.80 21.56 5.35
N ILE B 7 -3.03 20.31 5.73
CA ILE B 7 -2.72 19.19 4.86
C ILE B 7 -3.89 18.21 4.96
N LEU B 8 -4.97 18.49 4.23
CA LEU B 8 -6.24 17.81 4.38
C LEU B 8 -6.76 17.16 3.09
N LYS B 9 -6.30 17.59 1.93
CA LYS B 9 -6.88 17.17 0.65
C LYS B 9 -6.05 16.03 0.05
N THR B 10 -6.67 14.86 -0.08
CA THR B 10 -6.13 13.78 -0.88
C THR B 10 -6.41 14.03 -2.37
N ALA B 11 -5.39 13.86 -3.21
CA ALA B 11 -5.60 13.92 -4.65
C ALA B 11 -5.31 12.55 -5.25
N TYR B 12 -6.06 12.23 -6.29
CA TYR B 12 -6.12 10.89 -6.84
C TYR B 12 -5.53 10.81 -8.23
N THR B 13 -5.12 9.61 -8.59
CA THR B 13 -4.60 9.32 -9.90
C THR B 13 -5.39 8.15 -10.47
N PHE B 14 -5.09 7.79 -11.73
CA PHE B 14 -5.90 6.83 -12.45
C PHE B 14 -6.07 5.52 -11.68
N ASP B 15 -4.96 4.95 -11.21
CA ASP B 15 -5.00 3.65 -10.56
C ASP B 15 -5.78 3.67 -9.25
N ASP B 16 -6.12 4.85 -8.73
CA ASP B 16 -6.90 5.02 -7.51
C ASP B 16 -8.40 4.86 -7.69
N VAL B 17 -8.92 4.94 -8.92
CA VAL B 17 -10.36 5.03 -9.09
C VAL B 17 -10.83 4.05 -10.15
N LEU B 18 -12.13 3.81 -10.14
CA LEU B 18 -12.80 3.03 -11.17
C LEU B 18 -14.08 3.77 -11.57
N LEU B 19 -14.48 3.62 -12.84
CA LEU B 19 -15.77 4.10 -13.31
C LEU B 19 -16.86 3.05 -13.05
N VAL B 20 -18.00 3.49 -12.55
CA VAL B 20 -19.12 2.59 -12.27
C VAL B 20 -19.95 2.40 -13.53
N PRO B 21 -20.33 1.17 -13.89
CA PRO B 21 -21.16 0.97 -15.09
C PRO B 21 -22.51 1.65 -14.94
N ASN B 22 -23.02 2.16 -16.06
CA ASN B 22 -24.36 2.76 -16.14
C ASN B 22 -25.28 1.89 -17.00
N LYS B 23 -26.57 2.01 -16.78
CA LYS B 23 -27.52 1.42 -17.72
C LYS B 23 -27.13 1.86 -19.14
N SER B 24 -27.07 0.91 -20.06
CA SER B 24 -26.57 1.20 -21.40
C SER B 24 -27.57 0.78 -22.48
N GLU B 25 -27.89 1.70 -23.38
CA GLU B 25 -28.67 1.39 -24.58
C GLU B 25 -27.78 1.30 -25.82
N VAL B 26 -26.47 1.49 -25.69
CA VAL B 26 -25.55 1.57 -26.82
C VAL B 26 -24.48 0.50 -26.70
N LEU B 27 -24.04 0.00 -27.85
CA LEU B 27 -22.97 -0.96 -28.03
C LEU B 27 -21.66 -0.23 -28.33
N PRO B 28 -20.52 -0.87 -28.10
CA PRO B 28 -19.23 -0.18 -28.33
C PRO B 28 -19.04 0.29 -29.75
N ASN B 29 -19.45 -0.49 -30.74
CA ASN B 29 -19.26 -0.09 -32.13
C ASN B 29 -20.11 1.11 -32.53
N GLU B 30 -21.12 1.47 -31.73
CA GLU B 30 -22.02 2.57 -32.09
C GLU B 30 -21.54 3.91 -31.57
N VAL B 31 -20.50 3.93 -30.81
CA VAL B 31 -20.10 5.06 -30.00
C VAL B 31 -19.23 6.01 -30.80
N SER B 32 -19.27 7.30 -30.46
CA SER B 32 -18.58 8.34 -31.20
C SER B 32 -17.39 8.87 -30.41
N LEU B 33 -16.22 8.88 -31.05
CA LEU B 33 -14.97 9.28 -30.41
C LEU B 33 -14.52 10.69 -30.80
N LYS B 34 -15.41 11.50 -31.37
CA LYS B 34 -15.02 12.81 -31.88
C LYS B 34 -14.94 13.85 -30.75
N THR B 35 -13.94 14.72 -30.83
CA THR B 35 -13.68 15.70 -29.79
C THR B 35 -13.18 16.99 -30.44
N GLN B 36 -13.47 18.13 -29.80
CA GLN B 36 -12.94 19.42 -30.23
C GLN B 36 -11.63 19.67 -29.48
N LEU B 37 -10.50 19.61 -30.21
CA LEU B 37 -9.23 19.90 -29.55
C LEU B 37 -9.13 21.38 -29.23
N THR B 38 -9.64 22.22 -30.13
CA THR B 38 -9.96 23.60 -29.88
C THR B 38 -11.31 23.84 -30.54
N LYS B 39 -11.81 25.07 -30.43
CA LYS B 39 -13.05 25.39 -31.11
C LYS B 39 -12.92 25.17 -32.62
N LYS B 40 -11.71 25.33 -33.16
CA LYS B 40 -11.48 25.19 -34.59
C LYS B 40 -10.84 23.88 -35.02
N ILE B 41 -10.46 22.99 -34.10
CA ILE B 41 -9.85 21.72 -34.50
C ILE B 41 -10.63 20.55 -33.91
N GLN B 42 -11.08 19.67 -34.80
CA GLN B 42 -11.73 18.42 -34.45
C GLN B 42 -10.79 17.25 -34.73
N LEU B 43 -10.67 16.34 -33.78
CA LEU B 43 -10.05 15.06 -34.04
C LEU B 43 -11.14 14.00 -34.14
N ASN B 44 -10.91 12.98 -34.97
CA ASN B 44 -11.83 11.86 -35.03
C ASN B 44 -11.64 10.91 -33.85
N ILE B 45 -10.42 10.83 -33.30
CA ILE B 45 -10.18 10.12 -32.04
C ILE B 45 -9.38 11.03 -31.12
N PRO B 46 -9.59 10.98 -29.80
CA PRO B 46 -9.06 12.04 -28.94
C PRO B 46 -7.66 11.75 -28.45
N LEU B 47 -6.78 11.24 -29.30
CA LEU B 47 -5.45 10.82 -28.93
C LEU B 47 -4.40 11.72 -29.58
N MET B 48 -3.36 12.03 -28.82
CA MET B 48 -2.24 12.85 -29.28
C MET B 48 -0.93 12.20 -28.90
N SER B 49 0.05 12.29 -29.79
CA SER B 49 1.40 11.85 -29.48
C SER B 49 2.20 13.04 -28.97
N ALA B 50 3.10 12.76 -28.02
CA ALA B 50 3.80 13.79 -27.25
C ALA B 50 4.97 14.38 -28.04
N SER B 51 5.26 15.67 -27.76
CA SER B 51 6.33 16.38 -28.49
C SER B 51 7.66 16.08 -27.82
N MET B 52 8.16 14.88 -28.08
CA MET B 52 9.43 14.42 -27.52
C MET B 52 10.30 13.89 -28.65
N ASP B 53 11.61 13.94 -28.48
CA ASP B 53 12.52 13.48 -29.54
C ASP B 53 12.64 11.95 -29.61
N THR B 54 11.85 11.17 -28.88
CA THR B 54 11.77 9.74 -29.07
C THR B 54 10.34 9.27 -29.27
N VAL B 55 9.41 10.19 -29.53
CA VAL B 55 8.02 9.84 -29.81
C VAL B 55 7.56 10.36 -31.18
N THR B 56 7.53 11.68 -31.31
CA THR B 56 6.98 12.25 -32.49
C THR B 56 7.79 13.10 -33.43
N GLU B 57 7.97 12.58 -34.62
CA GLU B 57 8.46 13.36 -35.73
C GLU B 57 7.43 13.26 -36.86
N SER B 58 7.81 13.74 -38.03
CA SER B 58 6.87 13.75 -39.15
C SER B 58 6.22 12.39 -39.34
N LYS B 59 7.01 11.32 -39.29
CA LYS B 59 6.47 10.00 -39.60
C LYS B 59 5.36 9.61 -38.62
N MET B 60 5.57 9.91 -37.33
CA MET B 60 4.56 9.59 -36.32
C MET B 60 3.40 10.59 -36.37
N ALA B 61 3.69 11.83 -36.72
CA ALA B 61 2.63 12.82 -36.95
C ALA B 61 1.76 12.45 -38.16
N ILE B 62 2.35 11.85 -39.20
CA ILE B 62 1.56 11.36 -40.32
C ILE B 62 0.74 10.14 -39.89
N ALA B 63 1.36 9.25 -39.12
CA ALA B 63 0.67 8.02 -38.71
C ALA B 63 -0.47 8.31 -37.72
N MET B 64 -0.27 9.29 -36.83
CA MET B 64 -1.34 9.68 -35.93
C MET B 64 -2.49 10.34 -36.70
N ALA B 65 -2.18 11.38 -37.48
CA ALA B 65 -3.19 12.06 -38.27
C ALA B 65 -4.05 11.09 -39.06
N ARG B 66 -3.42 10.15 -39.74
CA ARG B 66 -4.13 9.15 -40.53
C ARG B 66 -5.02 8.23 -39.71
N GLU B 67 -4.87 8.21 -38.38
CA GLU B 67 -5.73 7.40 -37.52
C GLU B 67 -6.88 8.20 -36.93
N GLY B 68 -6.87 9.53 -37.05
CA GLY B 68 -7.88 10.39 -36.49
C GLY B 68 -7.38 11.31 -35.39
N GLY B 69 -6.13 11.13 -34.96
CA GLY B 69 -5.53 11.94 -33.94
C GLY B 69 -4.55 12.93 -34.53
N ILE B 70 -3.60 13.38 -33.71
CA ILE B 70 -2.64 14.37 -34.16
C ILE B 70 -1.33 14.12 -33.43
N GLY B 71 -0.25 14.52 -34.05
CA GLY B 71 1.05 14.50 -33.41
C GLY B 71 1.61 15.90 -33.30
N ILE B 72 2.37 16.14 -32.25
CA ILE B 72 3.07 17.40 -32.03
C ILE B 72 4.55 17.10 -32.30
N ILE B 73 5.05 17.53 -33.46
CA ILE B 73 6.47 17.35 -33.75
C ILE B 73 7.29 18.10 -32.72
N HIS B 74 8.34 17.46 -32.22
CA HIS B 74 9.11 18.06 -31.12
C HIS B 74 9.97 19.22 -31.62
N LYS B 75 10.50 19.98 -30.66
CA LYS B 75 11.29 21.18 -30.95
C LYS B 75 12.78 20.99 -30.65
N ASN B 76 13.21 19.77 -30.30
CA ASN B 76 14.64 19.46 -30.12
C ASN B 76 15.32 19.29 -31.49
N MET B 77 15.16 20.31 -32.31
CA MET B 77 15.81 20.39 -33.61
C MET B 77 15.88 21.86 -33.97
N THR B 78 16.63 22.16 -35.02
CA THR B 78 16.66 23.56 -35.41
C THR B 78 15.31 23.99 -35.99
N ILE B 79 15.18 25.30 -36.18
CA ILE B 79 13.91 25.87 -36.63
C ILE B 79 13.58 25.41 -38.05
N GLU B 80 14.56 25.43 -38.95
CA GLU B 80 14.27 25.01 -40.33
C GLU B 80 13.95 23.53 -40.41
N ASP B 81 14.53 22.71 -39.52
CA ASP B 81 14.24 21.29 -39.55
C ASP B 81 12.81 21.02 -39.08
N GLN B 82 12.35 21.74 -38.06
CA GLN B 82 11.02 21.51 -37.55
C GLN B 82 9.96 22.03 -38.51
N ALA B 83 10.24 23.15 -39.19
CA ALA B 83 9.32 23.60 -40.23
C ALA B 83 9.31 22.63 -41.40
N ARG B 84 10.49 22.12 -41.79
CA ARG B 84 10.53 21.06 -42.78
C ARG B 84 9.75 19.84 -42.31
N GLU B 85 9.86 19.48 -41.03
CA GLU B 85 9.17 18.30 -40.52
C GLU B 85 7.64 18.45 -40.62
N VAL B 86 7.11 19.61 -40.25
CA VAL B 86 5.66 19.79 -40.35
C VAL B 86 5.24 19.90 -41.83
N ASP B 87 6.03 20.57 -42.66
CA ASP B 87 5.72 20.60 -44.09
C ASP B 87 5.62 19.19 -44.67
N ARG B 88 6.41 18.24 -44.14
CA ARG B 88 6.30 16.88 -44.65
C ARG B 88 4.92 16.28 -44.35
N VAL B 89 4.29 16.71 -43.26
CA VAL B 89 3.01 16.11 -42.94
C VAL B 89 1.89 16.79 -43.70
N LYS B 90 1.93 18.12 -43.81
CA LYS B 90 0.93 18.82 -44.60
C LYS B 90 0.99 18.39 -46.06
N ARG B 91 2.15 17.93 -46.52
CA ARG B 91 2.27 17.44 -47.90
C ARG B 91 1.58 16.10 -48.07
N SER B 92 1.48 15.30 -47.01
CA SER B 92 0.89 13.96 -47.13
C SER B 92 -0.63 13.97 -47.06
N GLY B 93 -1.27 14.89 -47.76
CA GLY B 93 -2.72 14.85 -47.90
C GLY B 93 -3.49 15.76 -46.97
N GLY B 94 -2.92 16.93 -46.67
CA GLY B 94 -3.58 17.89 -45.80
C GLY B 94 -3.84 17.42 -44.38
N LEU B 95 -3.04 16.51 -43.86
CA LEU B 95 -3.22 15.99 -42.50
C LEU B 95 -3.02 17.07 -41.44
N LEU B 96 -3.67 16.87 -40.30
CA LEU B 96 -3.43 17.73 -39.13
C LEU B 96 -1.98 17.62 -38.66
N CYS B 97 -1.42 18.74 -38.24
CA CYS B 97 -0.09 18.74 -37.64
C CYS B 97 0.01 19.79 -36.55
N GLY B 98 0.71 19.43 -35.47
CA GLY B 98 1.09 20.39 -34.45
C GLY B 98 2.60 20.53 -34.29
N ALA B 99 3.07 21.64 -33.72
CA ALA B 99 4.48 21.81 -33.39
C ALA B 99 4.64 22.40 -31.99
N SER B 100 5.68 21.94 -31.30
CA SER B 100 6.00 22.42 -29.97
C SER B 100 6.89 23.66 -30.05
N ILE B 101 6.61 24.63 -29.16
CA ILE B 101 7.31 25.91 -29.10
C ILE B 101 7.63 26.18 -27.64
N GLY B 102 8.86 26.62 -27.37
CA GLY B 102 9.30 26.94 -26.02
C GLY B 102 9.45 28.44 -25.82
N VAL B 103 9.58 28.83 -24.55
CA VAL B 103 9.82 30.21 -24.15
C VAL B 103 11.29 30.52 -24.37
N THR B 104 11.65 30.92 -25.59
CA THR B 104 13.05 31.06 -25.99
C THR B 104 13.33 32.49 -26.42
N ASN B 105 14.59 32.77 -26.69
CA ASN B 105 14.90 34.05 -27.29
C ASN B 105 14.38 34.14 -28.71
N ASP B 106 14.25 33.01 -29.39
CA ASP B 106 13.81 32.97 -30.79
C ASP B 106 12.40 32.45 -30.93
N MET B 107 11.62 32.51 -29.84
CA MET B 107 10.26 31.97 -29.82
C MET B 107 9.45 32.39 -31.05
N MET B 108 9.44 33.68 -31.37
CA MET B 108 8.62 34.15 -32.47
C MET B 108 9.18 33.73 -33.82
N GLU B 109 10.46 33.41 -33.89
CA GLU B 109 11.05 32.97 -35.16
C GLU B 109 10.75 31.50 -35.43
N ARG B 110 10.68 30.67 -34.38
CA ARG B 110 10.21 29.30 -34.57
C ARG B 110 8.73 29.28 -34.95
N VAL B 111 7.93 30.13 -34.31
CA VAL B 111 6.51 30.22 -34.65
C VAL B 111 6.36 30.60 -36.12
N ASP B 112 7.20 31.53 -36.61
CA ASP B 112 7.11 31.96 -37.99
C ASP B 112 7.32 30.80 -38.95
N ALA B 113 8.40 30.04 -38.78
CA ALA B 113 8.69 28.94 -39.70
C ALA B 113 7.59 27.88 -39.70
N VAL B 114 7.02 27.55 -38.54
CA VAL B 114 6.01 26.50 -38.62
C VAL B 114 4.69 27.05 -39.12
N VAL B 115 4.40 28.33 -38.88
CA VAL B 115 3.20 28.93 -39.48
C VAL B 115 3.33 28.94 -40.99
N LYS B 116 4.52 29.30 -41.50
CA LYS B 116 4.76 29.26 -42.93
C LYS B 116 4.50 27.87 -43.50
N ALA B 117 4.94 26.82 -42.81
CA ALA B 117 4.69 25.45 -43.24
C ALA B 117 3.30 24.97 -42.90
N LYS B 118 2.40 25.88 -42.52
CA LYS B 118 0.96 25.63 -42.38
C LYS B 118 0.66 24.63 -41.26
N VAL B 119 1.30 24.85 -40.10
CA VAL B 119 0.97 24.07 -38.93
C VAL B 119 -0.43 24.47 -38.43
N ASP B 120 -1.22 23.48 -38.01
CA ASP B 120 -2.57 23.72 -37.53
C ASP B 120 -2.62 24.26 -36.10
N VAL B 121 -1.67 23.86 -35.26
CA VAL B 121 -1.71 24.20 -33.83
C VAL B 121 -0.28 24.19 -33.30
N ILE B 122 0.03 25.12 -32.41
CA ILE B 122 1.30 25.07 -31.71
C ILE B 122 1.04 24.81 -30.24
N VAL B 123 2.01 24.21 -29.58
CA VAL B 123 1.93 23.89 -28.17
C VAL B 123 3.10 24.61 -27.51
N LEU B 124 2.80 25.71 -26.82
CA LEU B 124 3.74 26.38 -25.96
C LEU B 124 3.85 25.58 -24.66
N ASP B 125 4.68 24.52 -24.67
CA ASP B 125 4.74 23.60 -23.54
C ASP B 125 6.03 23.76 -22.75
N THR B 126 5.88 23.82 -21.43
CA THR B 126 6.93 24.21 -20.52
C THR B 126 6.78 23.39 -19.24
N ALA B 127 7.89 23.28 -18.52
CA ALA B 127 7.88 22.77 -17.15
C ALA B 127 6.71 23.32 -16.35
N HIS B 128 6.53 24.65 -16.36
CA HIS B 128 5.59 25.38 -15.52
C HIS B 128 4.78 26.34 -16.39
N GLY B 129 3.65 25.87 -16.92
CA GLY B 129 2.82 26.68 -17.79
C GLY B 129 2.14 27.84 -17.11
N HIS B 130 2.07 27.83 -15.79
CA HIS B 130 1.44 28.90 -15.03
C HIS B 130 2.49 29.92 -14.57
N SER B 131 3.14 30.53 -15.56
CA SER B 131 4.29 31.38 -15.32
C SER B 131 4.20 32.63 -16.19
N LYS B 132 4.95 33.66 -15.77
CA LYS B 132 4.94 34.92 -16.49
C LYS B 132 5.40 34.73 -17.94
N GLY B 133 6.39 33.86 -18.15
CA GLY B 133 6.88 33.61 -19.49
C GLY B 133 5.80 33.08 -20.41
N VAL B 134 5.21 31.95 -20.03
CA VAL B 134 4.14 31.36 -20.84
C VAL B 134 3.00 32.35 -21.03
N ILE B 135 2.61 33.05 -19.95
CA ILE B 135 1.48 33.97 -20.07
C ILE B 135 1.81 35.09 -21.07
N GLU B 136 3.06 35.51 -21.14
CA GLU B 136 3.41 36.57 -22.08
C GLU B 136 3.64 36.04 -23.49
N GLY B 137 4.19 34.83 -23.60
CA GLY B 137 4.34 34.22 -24.90
C GLY B 137 3.01 34.03 -25.59
N VAL B 138 2.00 33.54 -24.85
CA VAL B 138 0.67 33.37 -25.41
C VAL B 138 0.15 34.71 -25.96
N LYS B 139 0.16 35.76 -25.14
CA LYS B 139 -0.34 37.06 -25.60
C LYS B 139 0.41 37.53 -26.84
N ARG B 140 1.71 37.31 -26.88
CA ARG B 140 2.52 37.79 -28.00
C ARG B 140 2.32 36.93 -29.25
N ILE B 141 2.02 35.65 -29.09
CA ILE B 141 1.80 34.80 -30.25
C ILE B 141 0.45 35.10 -30.88
N LYS B 142 -0.59 35.21 -30.05
CA LYS B 142 -1.92 35.48 -30.57
C LYS B 142 -2.02 36.91 -31.10
N ALA B 143 -1.29 37.87 -30.52
CA ALA B 143 -1.36 39.23 -31.03
C ALA B 143 -0.84 39.32 -32.46
N LYS B 144 0.21 38.56 -32.77
CA LYS B 144 0.70 38.56 -34.15
C LYS B 144 -0.07 37.58 -35.03
N TYR B 145 -0.49 36.44 -34.49
CA TYR B 145 -1.11 35.38 -35.26
C TYR B 145 -2.50 35.08 -34.68
N PRO B 146 -3.43 36.03 -34.80
CA PRO B 146 -4.66 35.95 -33.97
C PRO B 146 -5.55 34.76 -34.27
N GLU B 147 -5.38 34.10 -35.41
CA GLU B 147 -6.19 32.93 -35.75
C GLU B 147 -5.47 31.61 -35.49
N LEU B 148 -4.15 31.64 -35.35
CA LEU B 148 -3.39 30.46 -34.95
C LEU B 148 -3.96 29.85 -33.67
N GLN B 149 -4.02 28.52 -33.64
CA GLN B 149 -4.53 27.81 -32.47
C GLN B 149 -3.37 27.49 -31.53
N VAL B 150 -3.45 27.96 -30.29
CA VAL B 150 -2.37 27.82 -29.34
C VAL B 150 -2.83 26.96 -28.17
N ILE B 151 -2.07 25.90 -27.91
CA ILE B 151 -2.20 25.10 -26.70
C ILE B 151 -1.08 25.54 -25.77
N ALA B 152 -1.42 25.79 -24.50
CA ALA B 152 -0.42 26.21 -23.52
C ALA B 152 -0.39 25.21 -22.38
N GLY B 153 0.81 24.95 -21.87
CA GLY B 153 0.96 24.06 -20.73
C GLY B 153 2.40 24.03 -20.26
N ASN B 154 2.68 23.16 -19.30
CA ASN B 154 1.68 22.34 -18.64
C ASN B 154 1.25 22.97 -17.31
N ILE B 155 0.05 22.60 -16.87
CA ILE B 155 -0.53 23.16 -15.64
C ILE B 155 -1.23 22.05 -14.87
N ALA B 156 -1.71 22.41 -13.68
CA ALA B 156 -2.30 21.46 -12.75
C ALA B 156 -3.41 22.07 -11.90
N THR B 157 -3.69 23.39 -12.00
CA THR B 157 -4.70 24.04 -11.14
C THR B 157 -5.77 24.84 -11.90
N PRO B 158 -6.93 25.07 -11.27
CA PRO B 158 -7.95 25.89 -11.94
C PRO B 158 -7.57 27.36 -12.09
N GLU B 159 -6.71 27.89 -11.23
CA GLU B 159 -6.25 29.27 -11.42
C GLU B 159 -5.40 29.38 -12.67
N ALA B 160 -4.65 28.31 -12.96
CA ALA B 160 -3.79 28.26 -14.13
C ALA B 160 -4.60 28.22 -15.41
N VAL B 161 -5.71 27.47 -15.42
CA VAL B 161 -6.60 27.41 -16.57
C VAL B 161 -7.14 28.80 -16.87
N ARG B 162 -7.67 29.46 -15.84
CA ARG B 162 -8.24 30.79 -16.03
C ARG B 162 -7.20 31.78 -16.56
N ASP B 163 -6.01 31.81 -15.95
CA ASP B 163 -5.01 32.81 -16.33
C ASP B 163 -4.46 32.58 -17.73
N LEU B 164 -4.40 31.33 -18.18
CA LEU B 164 -3.92 31.05 -19.52
C LEU B 164 -5.02 31.30 -20.56
N ALA B 165 -6.29 31.18 -20.15
CA ALA B 165 -7.39 31.49 -21.05
C ALA B 165 -7.49 33.00 -21.29
N GLU B 166 -7.35 33.81 -20.23
CA GLU B 166 -7.27 35.25 -20.42
C GLU B 166 -6.01 35.65 -21.16
N ALA B 167 -4.98 34.81 -21.16
CA ALA B 167 -3.82 35.03 -22.02
C ALA B 167 -4.15 34.86 -23.49
N GLY B 168 -5.18 34.07 -23.82
CA GLY B 168 -5.52 33.77 -25.19
C GLY B 168 -5.35 32.32 -25.61
N ALA B 169 -5.01 31.41 -24.69
CA ALA B 169 -4.90 30.01 -25.07
C ALA B 169 -6.23 29.49 -25.61
N ASP B 170 -6.14 28.67 -26.65
CA ASP B 170 -7.32 28.04 -27.22
C ASP B 170 -7.61 26.72 -26.56
N CYS B 171 -6.65 26.21 -25.80
CA CYS B 171 -6.69 24.92 -25.12
C CYS B 171 -5.46 24.84 -24.22
N VAL B 172 -5.59 24.17 -23.06
CA VAL B 172 -4.47 24.04 -22.13
C VAL B 172 -4.16 22.57 -21.87
N LYS B 173 -2.93 22.31 -21.44
CA LYS B 173 -2.43 20.95 -21.29
C LYS B 173 -2.08 20.70 -19.84
N VAL B 174 -2.72 19.69 -19.23
CA VAL B 174 -2.68 19.43 -17.79
C VAL B 174 -1.68 18.31 -17.50
N GLY B 175 -0.83 18.52 -16.50
CA GLY B 175 0.09 17.46 -16.12
C GLY B 175 1.42 17.97 -15.65
N ILE B 176 1.55 18.11 -14.32
CA ILE B 176 2.80 18.42 -13.65
C ILE B 176 3.27 17.16 -12.93
N GLY B 177 4.20 16.43 -13.55
CA GLY B 177 4.81 15.28 -12.91
C GLY B 177 4.28 13.86 -13.13
N PRO B 178 3.22 13.63 -13.93
CA PRO B 178 2.73 12.24 -14.07
C PRO B 178 3.55 11.39 -15.03
N GLY B 179 4.38 12.00 -15.88
CA GLY B 179 5.00 11.23 -16.96
C GLY B 179 5.79 10.05 -16.43
N SER B 180 5.77 8.96 -17.20
CA SER B 180 6.51 7.77 -16.84
C SER B 180 8.01 8.00 -16.73
N ILE B 181 8.54 9.01 -17.41
CA ILE B 181 9.95 9.30 -17.43
C ILE B 181 10.25 10.59 -16.67
N CYS B 182 9.34 11.02 -15.81
CA CYS B 182 9.41 12.33 -15.19
C CYS B 182 9.86 12.21 -13.73
N THR B 183 10.77 13.09 -13.31
CA THR B 183 11.20 13.12 -11.92
C THR B 183 10.83 14.42 -11.21
N THR B 184 10.00 15.27 -11.82
CA THR B 184 9.69 16.58 -11.27
C THR B 184 9.19 16.50 -9.83
N ARG B 185 8.33 15.54 -9.51
CA ARG B 185 7.83 15.51 -8.15
C ARG B 185 8.88 14.97 -7.19
N ILE B 186 9.85 14.21 -7.70
CA ILE B 186 10.93 13.72 -6.86
C ILE B 186 11.96 14.81 -6.60
N VAL B 187 12.50 15.37 -7.66
CA VAL B 187 13.50 16.41 -7.54
C VAL B 187 13.00 17.73 -7.00
N ALA B 188 11.82 18.16 -7.43
CA ALA B 188 11.28 19.44 -7.01
C ALA B 188 10.20 19.41 -5.94
N GLY B 189 9.60 18.25 -5.71
CA GLY B 189 8.55 18.09 -4.72
C GLY B 189 7.20 18.66 -5.12
N VAL B 190 7.08 19.02 -6.38
CA VAL B 190 5.89 19.66 -6.92
C VAL B 190 5.10 18.88 -7.95
N GLY B 191 3.78 18.92 -7.81
CA GLY B 191 2.87 18.27 -8.75
C GLY B 191 1.51 17.94 -8.17
N VAL B 192 0.60 17.45 -9.02
CA VAL B 192 -0.70 17.06 -8.56
C VAL B 192 -1.03 15.74 -9.18
N PRO B 193 -1.57 14.77 -8.34
CA PRO B 193 -1.89 13.49 -9.02
C PRO B 193 -2.82 13.78 -10.19
N GLN B 194 -2.53 13.18 -11.32
CA GLN B 194 -3.15 13.52 -12.58
C GLN B 194 -4.65 13.46 -12.72
N LEU B 195 -5.30 12.47 -12.16
CA LEU B 195 -6.75 12.41 -12.29
C LEU B 195 -7.41 13.58 -11.57
N THR B 196 -7.03 13.83 -10.30
CA THR B 196 -7.57 15.01 -9.61
C THR B 196 -7.26 16.27 -10.40
N ALA B 197 -6.01 16.42 -10.85
CA ALA B 197 -5.62 17.57 -11.67
C ALA B 197 -6.54 17.75 -12.87
N VAL B 198 -6.72 16.69 -13.66
CA VAL B 198 -7.55 16.83 -14.85
C VAL B 198 -8.98 17.20 -14.48
N MET B 199 -9.53 16.58 -13.41
CA MET B 199 -10.89 16.90 -12.96
C MET B 199 -11.03 18.37 -12.57
N ASP B 200 -10.15 18.85 -11.66
CA ASP B 200 -10.21 20.24 -11.23
C ASP B 200 -10.06 21.19 -12.43
N CYS B 201 -9.16 20.88 -13.36
CA CYS B 201 -8.93 21.79 -14.48
C CYS B 201 -10.04 21.69 -15.51
N ALA B 202 -10.54 20.48 -15.74
CA ALA B 202 -11.66 20.30 -16.66
C ALA B 202 -12.86 21.13 -16.20
N GLU B 203 -13.16 21.07 -14.91
CA GLU B 203 -14.28 21.83 -14.36
C GLU B 203 -14.14 23.31 -14.69
N GLU B 204 -12.96 23.87 -14.49
CA GLU B 204 -12.79 25.31 -14.72
C GLU B 204 -12.77 25.62 -16.22
N GLY B 205 -12.24 24.70 -17.03
CA GLY B 205 -12.21 24.93 -18.46
C GLY B 205 -13.60 24.94 -19.05
N LYS B 206 -14.46 24.03 -18.58
CA LYS B 206 -15.83 23.99 -19.09
C LYS B 206 -16.64 25.21 -18.65
N LYS B 207 -16.33 25.80 -17.48
CA LYS B 207 -17.00 27.07 -17.14
C LYS B 207 -16.56 28.21 -18.06
N LEU B 208 -15.30 28.20 -18.52
CA LEU B 208 -14.73 29.29 -19.30
C LEU B 208 -14.79 29.06 -20.81
N GLY B 209 -15.10 27.85 -21.25
CA GLY B 209 -15.18 27.57 -22.66
C GLY B 209 -13.89 27.07 -23.29
N ILE B 210 -12.86 26.76 -22.50
CA ILE B 210 -11.57 26.31 -23.03
C ILE B 210 -11.41 24.83 -22.70
N PRO B 211 -11.04 24.00 -23.68
CA PRO B 211 -10.82 22.57 -23.40
C PRO B 211 -9.46 22.31 -22.75
N VAL B 212 -9.36 21.14 -22.08
CA VAL B 212 -8.12 20.73 -21.45
C VAL B 212 -7.70 19.37 -21.98
N ILE B 213 -6.38 19.17 -21.99
CA ILE B 213 -5.72 17.95 -22.46
C ILE B 213 -5.17 17.22 -21.24
N ALA B 214 -5.40 15.90 -21.19
CA ALA B 214 -4.84 15.01 -20.18
C ALA B 214 -3.51 14.47 -20.69
N ASP B 215 -2.39 14.99 -20.15
CA ASP B 215 -1.04 14.73 -20.66
C ASP B 215 -0.21 13.97 -19.62
N GLY B 216 0.14 12.72 -19.92
CA GLY B 216 1.15 12.03 -19.14
C GLY B 216 0.56 11.07 -18.11
N GLY B 217 1.30 9.99 -17.84
CA GLY B 217 0.90 9.03 -16.83
C GLY B 217 -0.18 8.07 -17.27
N LEU B 218 -0.61 8.12 -18.52
CA LEU B 218 -1.50 7.09 -19.03
C LEU B 218 -0.70 5.84 -19.39
N LYS B 219 -1.27 4.67 -19.09
CA LYS B 219 -0.57 3.42 -19.36
C LYS B 219 -1.45 2.40 -20.08
N TYR B 220 -2.74 2.38 -19.77
CA TYR B 220 -3.67 1.46 -20.41
C TYR B 220 -4.84 2.23 -20.98
N SER B 221 -5.51 1.62 -21.96
CA SER B 221 -6.71 2.21 -22.55
C SER B 221 -7.71 2.62 -21.48
N GLY B 222 -7.93 1.76 -20.47
CA GLY B 222 -8.80 2.15 -19.36
C GLY B 222 -8.44 3.46 -18.71
N ASP B 223 -7.14 3.80 -18.69
CA ASP B 223 -6.72 5.08 -18.11
C ASP B 223 -7.23 6.24 -18.97
N ILE B 224 -7.17 6.11 -20.29
CA ILE B 224 -7.69 7.14 -21.18
C ILE B 224 -9.17 7.38 -20.89
N VAL B 225 -9.96 6.30 -20.75
CA VAL B 225 -11.38 6.45 -20.43
C VAL B 225 -11.58 7.27 -19.16
N LYS B 226 -10.80 6.98 -18.12
CA LYS B 226 -10.92 7.75 -16.88
C LYS B 226 -10.65 9.23 -17.14
N ALA B 227 -9.59 9.53 -17.90
CA ALA B 227 -9.22 10.92 -18.15
C ALA B 227 -10.27 11.63 -19.01
N LEU B 228 -10.92 10.92 -19.91
CA LEU B 228 -11.97 11.57 -20.69
C LEU B 228 -13.22 11.77 -19.85
N ALA B 229 -13.60 10.78 -19.03
CA ALA B 229 -14.72 10.95 -18.13
C ALA B 229 -14.48 12.07 -17.12
N ALA B 230 -13.21 12.34 -16.79
CA ALA B 230 -12.87 13.46 -15.94
C ALA B 230 -13.17 14.79 -16.62
N GLY B 231 -13.23 14.80 -17.93
CA GLY B 231 -13.62 15.97 -18.69
C GLY B 231 -12.57 16.45 -19.67
N ALA B 232 -11.46 15.75 -19.83
CA ALA B 232 -10.46 16.17 -20.81
C ALA B 232 -10.96 15.96 -22.24
N CYS B 233 -10.58 16.87 -23.13
CA CYS B 233 -10.99 16.74 -24.52
C CYS B 233 -10.16 15.72 -25.28
N ALA B 234 -8.98 15.37 -24.75
CA ALA B 234 -8.05 14.50 -25.46
C ALA B 234 -6.96 14.04 -24.49
N ALA B 235 -6.27 12.98 -24.89
CA ALA B 235 -5.24 12.36 -24.08
C ALA B 235 -3.91 12.42 -24.82
N MET B 236 -2.84 12.79 -24.10
CA MET B 236 -1.52 12.85 -24.72
C MET B 236 -0.60 11.82 -24.07
N MET B 237 0.15 11.09 -24.90
CA MET B 237 0.92 9.93 -24.48
C MET B 237 2.32 9.96 -25.09
N GLY B 238 3.31 9.54 -24.31
CA GLY B 238 4.63 9.35 -24.88
C GLY B 238 4.98 7.87 -24.85
N SER B 239 4.98 7.31 -23.64
CA SER B 239 5.33 5.91 -23.42
C SER B 239 4.51 4.97 -24.28
N ILE B 240 3.18 5.17 -24.34
CA ILE B 240 2.34 4.26 -25.12
C ILE B 240 2.76 4.25 -26.60
N PHE B 241 3.11 5.40 -27.14
CA PHE B 241 3.50 5.47 -28.55
C PHE B 241 5.00 5.28 -28.79
N ALA B 242 5.84 5.39 -27.75
CA ALA B 242 7.27 5.43 -28.00
C ALA B 242 7.87 4.08 -28.35
N GLY B 243 7.17 2.99 -28.06
CA GLY B 243 7.66 1.70 -28.51
C GLY B 243 7.38 1.39 -29.98
N CYS B 244 6.58 2.22 -30.64
CA CYS B 244 6.06 1.92 -31.98
C CYS B 244 7.10 2.20 -33.06
N GLU B 245 6.95 1.51 -34.19
CA GLU B 245 7.91 1.63 -35.28
C GLU B 245 8.01 3.05 -35.83
N GLU B 246 6.94 3.86 -35.71
CA GLU B 246 6.91 5.17 -36.34
C GLU B 246 7.55 6.27 -35.49
N ALA B 247 7.83 5.99 -34.22
CA ALA B 247 8.57 6.92 -33.37
C ALA B 247 10.04 6.99 -33.81
N PRO B 248 10.75 8.08 -33.48
CA PRO B 248 12.13 8.24 -33.95
C PRO B 248 13.05 7.25 -33.26
N GLY B 249 14.16 6.93 -33.93
CA GLY B 249 15.14 6.01 -33.41
C GLY B 249 14.95 4.58 -33.88
N ALA B 250 16.04 3.86 -34.14
CA ALA B 250 15.92 2.49 -34.66
C ALA B 250 15.51 1.51 -33.56
N ILE B 251 15.16 0.29 -34.00
CA ILE B 251 14.82 -0.81 -33.11
C ILE B 251 16.11 -1.46 -32.61
N GLU B 252 16.22 -1.61 -31.28
CA GLU B 252 17.40 -2.20 -30.66
C GLU B 252 17.07 -3.58 -30.10
N ILE B 253 18.09 -4.44 -30.08
CA ILE B 253 18.00 -5.78 -29.53
C ILE B 253 18.70 -5.78 -28.18
N TYR B 254 18.13 -6.50 -27.21
CA TYR B 254 18.74 -6.63 -25.89
C TYR B 254 18.30 -7.96 -25.29
N GLN B 255 19.23 -8.91 -25.21
CA GLN B 255 18.95 -10.27 -24.76
C GLN B 255 17.76 -10.87 -25.52
N GLY B 256 17.81 -10.75 -26.85
CA GLY B 256 16.87 -11.42 -27.71
C GLY B 256 15.50 -10.79 -27.82
N ARG B 257 15.26 -9.65 -27.18
CA ARG B 257 13.99 -8.94 -27.29
C ARG B 257 14.22 -7.56 -27.87
N SER B 258 13.30 -7.11 -28.71
CA SER B 258 13.42 -5.80 -29.34
C SER B 258 12.95 -4.69 -28.40
N TYR B 259 13.65 -3.55 -28.46
CA TYR B 259 13.39 -2.41 -27.58
C TYR B 259 13.55 -1.12 -28.36
N LYS B 260 13.09 -0.02 -27.75
CA LYS B 260 13.34 1.30 -28.29
C LYS B 260 13.71 2.22 -27.15
N VAL B 261 14.49 3.25 -27.46
CA VAL B 261 14.93 4.19 -26.44
C VAL B 261 13.83 5.21 -26.20
N TYR B 262 13.66 5.61 -24.93
CA TYR B 262 12.62 6.53 -24.53
C TYR B 262 13.12 7.32 -23.35
N ARG B 263 12.99 8.65 -23.42
CA ARG B 263 13.62 9.47 -22.41
C ARG B 263 12.84 10.77 -22.23
N GLY B 264 12.94 11.33 -21.03
CA GLY B 264 12.36 12.63 -20.79
C GLY B 264 13.08 13.71 -21.59
N MET B 265 12.31 14.72 -22.00
CA MET B 265 12.92 15.90 -22.59
C MET B 265 13.74 16.67 -21.58
N GLY B 266 13.46 16.51 -20.29
CA GLY B 266 14.25 17.17 -19.26
C GLY B 266 15.33 16.27 -18.70
N SER B 267 15.64 15.20 -19.40
CA SER B 267 16.73 14.29 -19.04
C SER B 267 18.05 14.79 -19.65
N LEU B 268 19.16 14.29 -19.11
CA LEU B 268 20.49 14.73 -19.53
C LEU B 268 20.68 14.56 -21.04
N GLY B 269 20.49 13.34 -21.52
CA GLY B 269 20.68 13.08 -22.95
C GLY B 269 19.90 14.03 -23.84
N ALA B 270 18.62 14.26 -23.50
CA ALA B 270 17.82 15.18 -24.30
C ALA B 270 18.33 16.62 -24.18
N MET B 271 18.75 17.03 -22.99
CA MET B 271 19.20 18.42 -22.86
C MET B 271 20.59 18.65 -23.44
N ALA B 272 21.31 17.59 -23.81
CA ALA B 272 22.61 17.72 -24.45
C ALA B 272 22.44 18.04 -25.94
N LYS B 285 27.11 18.90 -17.07
CA LYS B 285 27.25 18.81 -15.61
C LYS B 285 26.41 19.87 -14.91
N LYS B 286 26.34 21.07 -15.49
CA LYS B 286 25.55 22.14 -14.91
C LYS B 286 24.05 21.87 -15.00
N PHE B 287 23.64 20.82 -15.70
CA PHE B 287 22.21 20.52 -15.80
C PHE B 287 21.71 19.90 -14.51
N VAL B 288 20.47 20.25 -14.16
CA VAL B 288 19.70 19.58 -13.12
C VAL B 288 18.46 18.98 -13.79
N PRO B 289 18.52 17.71 -14.20
CA PRO B 289 17.42 17.14 -15.00
C PRO B 289 16.14 16.93 -14.20
N GLU B 290 15.04 16.84 -14.96
CA GLU B 290 13.76 16.48 -14.37
C GLU B 290 13.13 15.29 -15.10
N GLY B 291 13.95 14.47 -15.76
CA GLY B 291 13.50 13.26 -16.40
C GLY B 291 14.62 12.25 -16.45
N VAL B 292 14.26 11.02 -16.85
CA VAL B 292 15.20 9.93 -16.99
C VAL B 292 15.20 9.45 -18.43
N GLU B 293 16.14 8.57 -18.73
CA GLU B 293 16.32 7.95 -20.04
C GLU B 293 16.47 6.46 -19.84
N GLY B 294 15.65 5.70 -20.55
CA GLY B 294 15.74 4.26 -20.52
C GLY B 294 15.30 3.68 -21.84
N ARG B 295 14.80 2.44 -21.80
CA ARG B 295 14.37 1.71 -22.97
C ARG B 295 13.06 1.00 -22.66
N ILE B 296 12.22 0.88 -23.67
CA ILE B 296 10.90 0.26 -23.54
C ILE B 296 10.72 -0.77 -24.66
N ALA B 297 9.83 -1.72 -24.40
CA ALA B 297 9.66 -2.84 -25.33
C ALA B 297 9.12 -2.37 -26.67
N TYR B 298 9.58 -3.03 -27.74
CA TYR B 298 9.04 -2.76 -29.06
C TYR B 298 7.64 -3.37 -29.18
N LYS B 299 6.66 -2.56 -29.58
CA LYS B 299 5.27 -3.00 -29.63
C LYS B 299 4.68 -3.02 -31.04
N GLY B 300 5.46 -2.71 -32.07
CA GLY B 300 4.97 -2.82 -33.42
C GLY B 300 4.50 -1.50 -34.00
N HIS B 301 3.67 -1.62 -35.04
CA HIS B 301 3.24 -0.43 -35.77
C HIS B 301 2.09 0.25 -35.05
N LEU B 302 2.06 1.59 -35.20
CA LEU B 302 1.11 2.42 -34.46
C LEU B 302 -0.33 1.97 -34.67
N ALA B 303 -0.67 1.55 -35.89
CA ALA B 303 -2.04 1.14 -36.22
C ALA B 303 -2.57 0.12 -35.22
N ASP B 304 -1.74 -0.86 -34.85
CA ASP B 304 -2.19 -1.89 -33.91
C ASP B 304 -2.33 -1.34 -32.50
N THR B 305 -1.51 -0.37 -32.12
CA THR B 305 -1.65 0.22 -30.78
C THR B 305 -2.89 1.10 -30.71
N ILE B 306 -3.13 1.92 -31.73
CA ILE B 306 -4.33 2.76 -31.75
C ILE B 306 -5.58 1.89 -31.71
N TYR B 307 -5.60 0.81 -32.50
CA TYR B 307 -6.75 -0.07 -32.50
C TYR B 307 -7.07 -0.50 -31.07
N GLN B 308 -6.09 -1.08 -30.38
CA GLN B 308 -6.36 -1.55 -29.03
C GLN B 308 -6.80 -0.41 -28.13
N LEU B 309 -6.15 0.75 -28.24
CA LEU B 309 -6.60 1.90 -27.46
C LEU B 309 -8.06 2.24 -27.78
N ILE B 310 -8.40 2.39 -29.06
CA ILE B 310 -9.74 2.83 -29.46
C ILE B 310 -10.79 1.85 -28.95
N GLY B 311 -10.54 0.55 -29.17
CA GLY B 311 -11.51 -0.45 -28.71
C GLY B 311 -11.73 -0.40 -27.21
N GLY B 312 -10.66 -0.14 -26.45
CA GLY B 312 -10.82 -0.01 -25.02
C GLY B 312 -11.71 1.16 -24.65
N ILE B 313 -11.56 2.27 -25.37
CA ILE B 313 -12.39 3.44 -25.09
C ILE B 313 -13.84 3.17 -25.47
N LYS B 314 -14.05 2.50 -26.59
CA LYS B 314 -15.42 2.16 -26.99
C LYS B 314 -16.05 1.21 -25.98
N SER B 315 -15.27 0.24 -25.50
CA SER B 315 -15.79 -0.67 -24.49
C SER B 315 -16.18 0.09 -23.22
N GLY B 316 -15.28 0.96 -22.74
CA GLY B 316 -15.63 1.76 -21.56
C GLY B 316 -16.87 2.61 -21.75
N MET B 317 -17.01 3.21 -22.94
CA MET B 317 -18.14 4.10 -23.14
C MET B 317 -19.44 3.31 -23.26
N GLY B 318 -19.37 2.10 -23.82
CA GLY B 318 -20.52 1.23 -23.84
C GLY B 318 -20.96 0.82 -22.45
N TYR B 319 -19.99 0.45 -21.59
CA TYR B 319 -20.27 0.19 -20.17
C TYR B 319 -20.99 1.37 -19.53
N LEU B 320 -20.66 2.58 -19.95
CA LEU B 320 -21.22 3.79 -19.38
C LEU B 320 -22.46 4.27 -20.14
N GLY B 321 -22.85 3.58 -21.20
CA GLY B 321 -23.99 3.99 -22.00
C GLY B 321 -23.80 5.33 -22.66
N ALA B 322 -22.54 5.70 -22.94
CA ALA B 322 -22.22 7.02 -23.47
C ALA B 322 -22.03 6.96 -24.98
N PRO B 323 -22.93 7.54 -25.78
CA PRO B 323 -22.67 7.62 -27.24
C PRO B 323 -21.67 8.69 -27.64
N THR B 324 -21.37 9.65 -26.76
CA THR B 324 -20.40 10.72 -27.04
C THR B 324 -19.48 10.93 -25.83
N LEU B 325 -18.34 11.59 -26.08
CA LEU B 325 -17.45 11.91 -24.97
C LEU B 325 -18.10 12.93 -24.03
N GLU B 326 -18.90 13.85 -24.56
CA GLU B 326 -19.61 14.78 -23.68
C GLU B 326 -20.60 14.02 -22.78
N ASN B 327 -21.37 13.08 -23.34
CA ASN B 327 -22.28 12.31 -22.50
C ASN B 327 -21.52 11.47 -21.47
N LEU B 328 -20.31 11.01 -21.82
CA LEU B 328 -19.51 10.23 -20.88
C LEU B 328 -19.10 11.06 -19.67
N TYR B 329 -18.60 12.26 -19.91
CA TYR B 329 -18.24 13.17 -18.84
C TYR B 329 -19.44 13.52 -17.96
N GLU B 330 -20.62 13.62 -18.56
CA GLU B 330 -21.77 14.14 -17.81
C GLU B 330 -22.38 13.10 -16.87
N ASN B 331 -22.25 11.81 -17.18
CA ASN B 331 -22.85 10.75 -16.39
C ASN B 331 -21.83 9.80 -15.76
N ALA B 332 -20.53 10.10 -15.81
CA ALA B 332 -19.53 9.20 -15.24
C ALA B 332 -19.46 9.34 -13.73
N ASN B 333 -19.49 8.20 -13.03
CA ASN B 333 -19.38 8.11 -11.58
C ASN B 333 -18.11 7.33 -11.25
N PHE B 334 -17.32 7.85 -10.33
CA PHE B 334 -16.05 7.26 -9.91
C PHE B 334 -16.17 6.72 -8.51
N VAL B 335 -15.54 5.58 -8.27
CA VAL B 335 -15.32 5.09 -6.92
C VAL B 335 -13.82 4.94 -6.70
N VAL B 336 -13.38 5.22 -5.48
CA VAL B 336 -12.00 4.96 -5.07
C VAL B 336 -11.87 3.48 -4.76
N GLN B 337 -10.81 2.86 -5.25
CA GLN B 337 -10.44 1.50 -4.86
C GLN B 337 -9.12 1.56 -4.10
N THR B 338 -8.92 0.61 -3.19
CA THR B 338 -7.70 0.51 -2.40
C THR B 338 -6.65 -0.29 -3.16
N SER B 339 -5.47 -0.47 -2.54
CA SER B 339 -4.43 -1.32 -3.13
C SER B 339 -4.92 -2.76 -3.28
N ALA B 340 -5.72 -3.25 -2.31
CA ALA B 340 -6.41 -4.54 -2.51
C ALA B 340 -7.38 -4.47 -3.68
N GLY B 341 -8.15 -3.39 -3.79
CA GLY B 341 -8.99 -3.20 -4.96
C GLY B 341 -8.17 -3.20 -6.23
N PHE B 342 -7.05 -2.47 -6.23
CA PHE B 342 -6.14 -2.47 -7.37
C PHE B 342 -5.72 -3.87 -7.74
N ARG B 343 -5.29 -4.65 -6.74
CA ARG B 343 -4.81 -6.00 -6.96
C ARG B 343 -5.90 -6.87 -7.57
N GLU B 344 -7.12 -6.70 -7.13
CA GLU B 344 -8.24 -7.42 -7.73
C GLU B 344 -8.48 -6.95 -9.16
N SER B 345 -8.32 -5.63 -9.40
CA SER B 345 -8.62 -5.07 -10.73
C SER B 345 -7.73 -5.66 -11.81
N HIS B 346 -6.43 -5.81 -11.54
CA HIS B 346 -5.56 -6.48 -12.47
C HIS B 346 -5.81 -7.98 -12.45
N PRO B 347 -5.37 -8.70 -13.49
CA PRO B 347 -5.28 -10.17 -13.38
C PRO B 347 -4.47 -10.54 -12.15
N HIS B 348 -4.83 -11.67 -11.54
CA HIS B 348 -4.19 -12.08 -10.30
C HIS B 348 -4.23 -13.59 -10.18
N ASP B 349 -3.22 -14.13 -9.51
CA ASP B 349 -3.16 -15.56 -9.21
C ASP B 349 -3.20 -16.41 -10.47
N ILE B 350 -2.61 -15.90 -11.55
CA ILE B 350 -2.56 -16.60 -12.84
C ILE B 350 -1.17 -16.40 -13.43
N ASN B 351 -0.62 -17.47 -14.01
CA ASN B 351 0.61 -17.40 -14.79
C ASN B 351 0.23 -17.19 -16.25
N ILE B 352 0.28 -15.93 -16.70
CA ILE B 352 -0.14 -15.61 -18.06
C ILE B 352 0.82 -16.26 -19.04
N THR B 353 0.27 -17.06 -19.96
CA THR B 353 0.99 -17.84 -20.95
C THR B 353 1.00 -17.18 -22.32
N LYS B 354 -0.12 -16.60 -22.71
CA LYS B 354 -0.31 -16.00 -24.01
C LYS B 354 -0.41 -14.49 -23.84
N GLU B 355 0.26 -13.76 -24.71
CA GLU B 355 0.36 -12.31 -24.57
C GLU B 355 -0.93 -11.67 -25.06
N ALA B 356 -1.52 -10.82 -24.21
CA ALA B 356 -2.70 -10.07 -24.61
C ALA B 356 -2.29 -8.75 -25.24
N PRO B 357 -2.80 -8.41 -26.43
CA PRO B 357 -2.33 -7.21 -27.14
C PRO B 357 -2.65 -5.90 -26.45
N ASN B 358 -3.41 -5.93 -25.35
CA ASN B 358 -3.73 -4.69 -24.63
C ASN B 358 -3.41 -4.78 -23.14
N TYR B 359 -2.60 -5.76 -22.72
CA TYR B 359 -2.22 -5.85 -21.30
C TYR B 359 -0.83 -6.46 -21.18
N SER B 360 0.16 -5.62 -20.88
CA SER B 360 1.55 -6.02 -20.60
C SER B 360 2.24 -6.59 -21.83
N ALA C 5 -24.62 2.09 5.61
CA ALA C 5 -23.22 1.86 5.26
C ALA C 5 -22.60 0.86 6.22
N ARG C 6 -22.48 -0.39 5.76
CA ARG C 6 -22.05 -1.46 6.64
C ARG C 6 -20.56 -1.41 6.97
N ILE C 7 -19.73 -0.99 6.02
CA ILE C 7 -18.28 -0.99 6.19
C ILE C 7 -17.87 0.43 6.52
N LEU C 8 -17.71 0.69 7.81
CA LEU C 8 -17.41 2.01 8.37
C LEU C 8 -16.10 2.04 9.11
N LYS C 9 -15.91 1.08 10.02
CA LYS C 9 -14.85 1.15 11.02
C LYS C 9 -13.58 0.53 10.44
N THR C 10 -12.49 1.30 10.42
CA THR C 10 -11.19 0.73 10.11
C THR C 10 -10.49 0.35 11.41
N ALA C 11 -9.87 -0.83 11.42
CA ALA C 11 -9.18 -1.32 12.58
C ALA C 11 -7.70 -1.44 12.26
N TYR C 12 -6.87 -1.27 13.28
CA TYR C 12 -5.45 -1.08 13.10
C TYR C 12 -4.66 -2.18 13.80
N THR C 13 -3.50 -2.48 13.24
CA THR C 13 -2.53 -3.34 13.90
C THR C 13 -1.27 -2.53 14.21
N PHE C 14 -0.29 -3.20 14.81
CA PHE C 14 0.85 -2.50 15.39
C PHE C 14 1.58 -1.65 14.36
N ASP C 15 1.81 -2.19 13.17
CA ASP C 15 2.49 -1.51 12.09
C ASP C 15 1.71 -0.31 11.51
N ASP C 16 0.44 -0.13 11.85
CA ASP C 16 -0.30 1.03 11.36
C ASP C 16 -0.06 2.28 12.19
N VAL C 17 0.48 2.15 13.41
CA VAL C 17 0.51 3.23 14.38
C VAL C 17 1.90 3.39 14.98
N LEU C 18 2.09 4.50 15.68
CA LEU C 18 3.33 4.84 16.37
C LEU C 18 2.98 5.56 17.65
N LEU C 19 3.88 5.50 18.61
CA LEU C 19 3.68 6.21 19.88
C LEU C 19 4.39 7.55 19.84
N VAL C 20 3.71 8.58 20.34
CA VAL C 20 4.27 9.92 20.43
C VAL C 20 5.07 10.06 21.71
N PRO C 21 6.33 10.46 21.61
CA PRO C 21 7.15 10.62 22.82
C PRO C 21 6.59 11.70 23.72
N ASN C 22 6.66 11.46 25.03
CA ASN C 22 6.22 12.46 26.00
C ASN C 22 7.43 13.14 26.60
N LYS C 23 7.17 14.11 27.48
CA LYS C 23 8.22 14.66 28.32
C LYS C 23 8.62 13.64 29.38
N SER C 24 9.91 13.35 29.46
CA SER C 24 10.37 12.24 30.30
C SER C 24 11.34 12.75 31.36
N GLU C 25 10.96 12.59 32.63
CA GLU C 25 11.84 12.76 33.78
C GLU C 25 12.59 11.48 34.11
N VAL C 26 12.60 10.48 33.23
CA VAL C 26 13.05 9.15 33.64
C VAL C 26 13.75 8.46 32.47
N LEU C 27 14.78 7.65 32.82
CA LEU C 27 15.66 6.95 31.89
C LEU C 27 15.24 5.50 31.74
N PRO C 28 15.60 4.84 30.63
CA PRO C 28 15.20 3.44 30.44
C PRO C 28 15.63 2.51 31.58
N ASN C 29 16.79 2.73 32.19
CA ASN C 29 17.26 1.83 33.23
C ASN C 29 16.59 2.06 34.58
N GLU C 30 15.53 2.86 34.64
CA GLU C 30 14.84 3.11 35.89
C GLU C 30 13.40 2.62 35.91
N VAL C 31 12.84 2.26 34.77
CA VAL C 31 11.42 1.89 34.67
C VAL C 31 11.23 0.46 35.16
N SER C 32 10.06 0.21 35.74
CA SER C 32 9.70 -1.10 36.26
C SER C 32 8.68 -1.76 35.32
N LEU C 33 9.03 -2.95 34.82
CA LEU C 33 8.16 -3.72 33.94
C LEU C 33 7.28 -4.73 34.68
N LYS C 34 7.19 -4.63 36.00
CA LYS C 34 6.33 -5.51 36.78
C LYS C 34 4.87 -5.39 36.34
N THR C 35 4.16 -6.52 36.35
CA THR C 35 2.79 -6.52 35.89
C THR C 35 2.02 -7.63 36.58
N GLN C 36 0.70 -7.46 36.62
CA GLN C 36 -0.21 -8.44 37.24
C GLN C 36 -0.89 -9.25 36.14
N LEU C 37 -0.40 -10.49 35.95
CA LEU C 37 -1.04 -11.40 35.00
C LEU C 37 -2.48 -11.66 35.40
N THR C 38 -2.70 -11.91 36.68
CA THR C 38 -4.00 -11.90 37.34
C THR C 38 -3.82 -11.08 38.61
N LYS C 39 -4.80 -11.13 39.52
CA LYS C 39 -4.58 -10.41 40.77
C LYS C 39 -3.65 -11.19 41.69
N LYS C 40 -3.67 -12.51 41.60
CA LYS C 40 -2.81 -13.34 42.45
C LYS C 40 -1.42 -13.57 41.87
N ILE C 41 -1.22 -13.27 40.58
CA ILE C 41 0.04 -13.56 39.90
C ILE C 41 0.65 -12.26 39.42
N GLN C 42 1.88 -12.02 39.84
CA GLN C 42 2.61 -10.87 39.39
C GLN C 42 3.90 -11.33 38.72
N LEU C 43 4.06 -11.01 37.45
CA LEU C 43 5.31 -11.23 36.75
C LEU C 43 6.23 -10.02 36.88
N ASN C 44 7.52 -10.27 36.68
CA ASN C 44 8.52 -9.21 36.72
C ASN C 44 8.67 -8.52 35.36
N ILE C 45 8.55 -9.27 34.27
CA ILE C 45 8.50 -8.68 32.94
C ILE C 45 7.23 -9.19 32.27
N PRO C 46 6.56 -8.38 31.45
CA PRO C 46 5.21 -8.73 30.98
C PRO C 46 5.22 -9.57 29.71
N LEU C 47 5.98 -10.65 29.72
CA LEU C 47 6.08 -11.56 28.59
C LEU C 47 5.81 -13.04 28.90
N MET C 48 5.07 -13.70 28.01
CA MET C 48 4.76 -15.09 28.14
C MET C 48 5.03 -15.86 26.88
N SER C 49 5.49 -17.08 27.02
CA SER C 49 5.71 -17.92 25.85
C SER C 49 4.43 -18.69 25.51
N ALA C 50 4.23 -18.92 24.21
CA ALA C 50 2.96 -19.42 23.71
C ALA C 50 2.80 -20.91 23.98
N SER C 51 1.53 -21.34 24.06
CA SER C 51 1.20 -22.71 24.39
C SER C 51 1.19 -23.57 23.12
N MET C 52 2.39 -23.72 22.54
CA MET C 52 2.54 -24.43 21.29
C MET C 52 3.59 -25.53 21.41
N ASP C 53 3.40 -26.61 20.63
CA ASP C 53 4.32 -27.75 20.69
C ASP C 53 5.66 -27.49 20.02
N THR C 54 5.89 -26.32 19.43
CA THR C 54 7.23 -25.93 19.01
C THR C 54 7.72 -24.71 19.78
N VAL C 55 7.12 -24.44 20.91
CA VAL C 55 7.50 -23.29 21.68
C VAL C 55 7.68 -23.56 23.16
N THR C 56 6.61 -23.86 23.88
CA THR C 56 6.73 -24.07 25.31
C THR C 56 6.52 -25.49 25.82
N GLU C 57 7.51 -25.93 26.57
CA GLU C 57 7.53 -27.23 27.22
C GLU C 57 8.27 -26.92 28.52
N SER C 58 8.67 -27.92 29.28
CA SER C 58 9.27 -27.62 30.58
C SER C 58 10.56 -26.81 30.44
N LYS C 59 11.37 -27.13 29.43
CA LYS C 59 12.63 -26.42 29.22
C LYS C 59 12.40 -24.94 28.96
N MET C 60 11.41 -24.63 28.13
CA MET C 60 11.05 -23.24 27.84
C MET C 60 10.41 -22.58 29.06
N ALA C 61 9.44 -23.25 29.70
CA ALA C 61 8.75 -22.64 30.83
C ALA C 61 9.68 -22.38 32.01
N ILE C 62 10.70 -23.23 32.23
CA ILE C 62 11.66 -22.94 33.30
C ILE C 62 12.43 -21.68 32.98
N ALA C 63 12.90 -21.55 31.74
CA ALA C 63 13.72 -20.39 31.39
C ALA C 63 12.89 -19.11 31.36
N MET C 64 11.61 -19.20 30.98
CA MET C 64 10.73 -18.03 31.00
C MET C 64 10.57 -17.51 32.43
N ALA C 65 10.22 -18.40 33.35
CA ALA C 65 10.06 -17.99 34.75
C ALA C 65 11.34 -17.40 35.30
N ARG C 66 12.49 -18.02 34.99
CA ARG C 66 13.78 -17.53 35.47
C ARG C 66 14.11 -16.13 34.95
N GLU C 67 13.54 -15.72 33.82
CA GLU C 67 13.75 -14.36 33.32
C GLU C 67 12.71 -13.38 33.84
N GLY C 68 11.71 -13.86 34.59
CA GLY C 68 10.65 -13.02 35.13
C GLY C 68 9.29 -13.19 34.50
N GLY C 69 9.16 -14.04 33.47
CA GLY C 69 7.87 -14.24 32.82
C GLY C 69 7.23 -15.57 33.11
N ILE C 70 6.45 -16.08 32.17
CA ILE C 70 5.80 -17.38 32.37
C ILE C 70 5.67 -18.08 31.02
N GLY C 71 5.88 -19.38 31.05
CA GLY C 71 5.62 -20.24 29.91
C GLY C 71 4.42 -21.11 30.19
N ILE C 72 3.56 -21.25 29.20
CA ILE C 72 2.38 -22.06 29.32
C ILE C 72 2.64 -23.35 28.58
N ILE C 73 2.73 -24.46 29.30
CA ILE C 73 2.97 -25.75 28.68
C ILE C 73 1.78 -26.07 27.80
N HIS C 74 2.04 -26.64 26.62
CA HIS C 74 1.00 -26.96 25.67
C HIS C 74 0.33 -28.30 26.02
N LYS C 75 -0.82 -28.53 25.37
CA LYS C 75 -1.68 -29.67 25.70
C LYS C 75 -1.59 -30.80 24.67
N ASN C 76 -0.67 -30.72 23.72
CA ASN C 76 -0.50 -31.73 22.67
C ASN C 76 0.41 -32.86 23.17
N MET C 77 -0.15 -33.64 24.09
CA MET C 77 0.58 -34.68 24.80
C MET C 77 -0.38 -35.27 25.81
N THR C 78 -0.06 -36.48 26.28
CA THR C 78 -0.95 -37.12 27.22
C THR C 78 -1.11 -36.29 28.48
N ILE C 79 -2.20 -36.55 29.18
CA ILE C 79 -2.43 -35.93 30.46
C ILE C 79 -1.31 -36.27 31.45
N GLU C 80 -0.78 -37.50 31.38
CA GLU C 80 0.39 -37.88 32.18
C GLU C 80 1.57 -36.99 31.87
N ASP C 81 1.93 -36.89 30.58
CA ASP C 81 3.12 -36.13 30.20
C ASP C 81 2.99 -34.65 30.51
N GLN C 82 1.79 -34.08 30.44
CA GLN C 82 1.62 -32.66 30.75
C GLN C 82 1.84 -32.39 32.24
N ALA C 83 1.19 -33.18 33.11
CA ALA C 83 1.42 -33.03 34.54
C ALA C 83 2.90 -33.18 34.88
N ARG C 84 3.57 -34.13 34.22
CA ARG C 84 5.00 -34.31 34.44
C ARG C 84 5.79 -33.04 34.08
N GLU C 85 5.48 -32.42 32.94
CA GLU C 85 6.21 -31.22 32.54
C GLU C 85 5.96 -30.08 33.50
N VAL C 86 4.70 -29.89 33.93
CA VAL C 86 4.41 -28.85 34.91
C VAL C 86 5.16 -29.13 36.21
N ASP C 87 5.37 -30.40 36.55
CA ASP C 87 6.00 -30.72 37.83
C ASP C 87 7.49 -30.38 37.80
N ARG C 88 8.18 -30.75 36.72
CA ARG C 88 9.58 -30.34 36.54
C ARG C 88 9.74 -28.84 36.72
N VAL C 89 8.77 -28.04 36.23
CA VAL C 89 8.88 -26.61 36.42
C VAL C 89 8.65 -26.25 37.89
N LYS C 90 7.68 -26.92 38.52
CA LYS C 90 7.40 -26.61 39.92
C LYS C 90 8.54 -27.05 40.83
N ARG C 91 9.27 -28.11 40.48
CA ARG C 91 10.36 -28.60 41.31
C ARG C 91 11.71 -27.97 40.94
N SER C 92 11.72 -27.03 40.01
CA SER C 92 12.93 -26.31 39.62
C SER C 92 13.18 -25.09 40.47
N GLY C 93 12.59 -25.01 41.67
CA GLY C 93 12.86 -23.95 42.60
C GLY C 93 11.90 -22.77 42.59
N GLY C 94 10.63 -23.01 42.94
CA GLY C 94 9.66 -21.93 43.05
C GLY C 94 9.51 -21.05 41.81
N LEU C 95 9.18 -21.66 40.67
CA LEU C 95 9.02 -20.94 39.41
C LEU C 95 7.55 -21.00 38.99
N LEU C 96 6.97 -19.83 38.72
CA LEU C 96 5.61 -19.75 38.19
C LEU C 96 5.49 -20.64 36.96
N CYS C 97 4.29 -21.19 36.76
CA CYS C 97 4.11 -22.06 35.61
C CYS C 97 2.64 -22.17 35.24
N GLY C 98 2.36 -22.14 33.93
CA GLY C 98 1.03 -22.32 33.40
C GLY C 98 0.87 -23.61 32.60
N ALA C 99 -0.38 -23.94 32.28
CA ALA C 99 -0.71 -25.06 31.40
C ALA C 99 -2.02 -24.76 30.67
N SER C 100 -2.08 -25.11 29.39
CA SER C 100 -3.28 -24.87 28.63
C SER C 100 -4.17 -26.13 28.62
N ILE C 101 -5.48 -25.89 28.53
CA ILE C 101 -6.52 -26.92 28.58
C ILE C 101 -7.51 -26.63 27.47
N GLY C 102 -7.90 -27.66 26.71
CA GLY C 102 -8.90 -27.48 25.67
C GLY C 102 -10.30 -27.85 26.15
N VAL C 103 -11.29 -27.42 25.38
CA VAL C 103 -12.68 -27.82 25.62
C VAL C 103 -12.83 -29.26 25.14
N THR C 104 -12.61 -30.21 26.05
CA THR C 104 -12.44 -31.61 25.74
C THR C 104 -13.45 -32.40 26.55
N ASN C 105 -13.59 -33.68 26.21
CA ASN C 105 -14.33 -34.58 27.10
C ASN C 105 -13.52 -34.90 28.34
N ASP C 106 -12.21 -35.04 28.21
CA ASP C 106 -11.26 -35.32 29.28
C ASP C 106 -10.86 -34.06 30.06
N MET C 107 -11.61 -32.95 29.93
CA MET C 107 -11.10 -31.64 30.31
C MET C 107 -10.76 -31.57 31.79
N MET C 108 -11.73 -31.88 32.66
CA MET C 108 -11.52 -31.76 34.10
C MET C 108 -10.44 -32.71 34.61
N GLU C 109 -10.20 -33.81 33.92
CA GLU C 109 -9.07 -34.65 34.30
C GLU C 109 -7.76 -33.97 33.96
N ARG C 110 -7.69 -33.19 32.88
CA ARG C 110 -6.46 -32.45 32.60
C ARG C 110 -6.27 -31.37 33.68
N VAL C 111 -7.32 -30.61 33.98
CA VAL C 111 -7.23 -29.66 35.09
C VAL C 111 -6.80 -30.38 36.36
N ASP C 112 -7.46 -31.50 36.67
CA ASP C 112 -7.09 -32.35 37.79
C ASP C 112 -5.58 -32.54 37.88
N ALA C 113 -5.00 -33.14 36.83
CA ALA C 113 -3.61 -33.57 36.88
C ALA C 113 -2.65 -32.39 37.04
N VAL C 114 -2.85 -31.32 36.27
CA VAL C 114 -1.91 -30.20 36.38
C VAL C 114 -2.12 -29.45 37.68
N VAL C 115 -3.36 -29.44 38.20
CA VAL C 115 -3.58 -28.89 39.54
C VAL C 115 -2.81 -29.70 40.56
N LYS C 116 -2.91 -31.04 40.48
CA LYS C 116 -2.11 -31.90 41.34
C LYS C 116 -0.63 -31.56 41.22
N ALA C 117 -0.18 -31.23 40.01
CA ALA C 117 1.21 -30.85 39.85
C ALA C 117 1.47 -29.41 40.25
N LYS C 118 0.49 -28.73 40.86
CA LYS C 118 0.66 -27.40 41.46
C LYS C 118 0.91 -26.32 40.39
N VAL C 119 0.22 -26.45 39.26
CA VAL C 119 0.25 -25.41 38.22
C VAL C 119 -0.35 -24.14 38.79
N ASP C 120 0.22 -23.00 38.40
CA ASP C 120 -0.21 -21.71 38.95
C ASP C 120 -1.30 -21.04 38.13
N VAL C 121 -1.39 -21.33 36.84
CA VAL C 121 -2.42 -20.73 36.00
C VAL C 121 -2.76 -21.70 34.88
N ILE C 122 -4.04 -21.76 34.55
CA ILE C 122 -4.47 -22.55 33.40
C ILE C 122 -4.97 -21.59 32.34
N VAL C 123 -4.77 -21.98 31.09
CA VAL C 123 -5.31 -21.23 29.97
C VAL C 123 -6.25 -22.17 29.23
N LEU C 124 -7.55 -21.91 29.36
CA LEU C 124 -8.55 -22.54 28.50
C LEU C 124 -8.56 -21.73 27.19
N ASP C 125 -7.81 -22.20 26.19
CA ASP C 125 -7.65 -21.49 24.93
C ASP C 125 -8.27 -22.29 23.80
N THR C 126 -9.20 -21.69 23.09
CA THR C 126 -9.85 -22.27 21.93
C THR C 126 -9.71 -21.32 20.76
N ALA C 127 -10.01 -21.84 19.57
CA ALA C 127 -10.07 -20.98 18.39
C ALA C 127 -11.03 -19.82 18.61
N HIS C 128 -12.13 -20.05 19.34
CA HIS C 128 -13.18 -19.05 19.51
C HIS C 128 -13.55 -19.04 21.00
N GLY C 129 -12.95 -18.11 21.75
CA GLY C 129 -13.14 -18.11 23.19
C GLY C 129 -14.49 -17.57 23.60
N HIS C 130 -15.08 -16.72 22.76
CA HIS C 130 -16.38 -16.14 23.03
C HIS C 130 -17.50 -17.07 22.56
N SER C 131 -17.56 -18.24 23.17
CA SER C 131 -18.42 -19.33 22.72
C SER C 131 -18.99 -20.07 23.92
N LYS C 132 -20.06 -20.84 23.65
CA LYS C 132 -20.73 -21.59 24.72
C LYS C 132 -19.77 -22.53 25.44
N GLY C 133 -18.93 -23.25 24.69
CA GLY C 133 -18.07 -24.25 25.30
C GLY C 133 -17.08 -23.64 26.28
N VAL C 134 -16.46 -22.52 25.91
CA VAL C 134 -15.52 -21.88 26.83
C VAL C 134 -16.27 -21.27 28.01
N ILE C 135 -17.41 -20.64 27.77
CA ILE C 135 -18.19 -20.04 28.85
C ILE C 135 -18.48 -21.08 29.93
N GLU C 136 -19.04 -22.23 29.53
CA GLU C 136 -19.35 -23.26 30.51
C GLU C 136 -18.07 -23.83 31.13
N GLY C 137 -17.05 -24.05 30.30
CA GLY C 137 -15.79 -24.55 30.81
C GLY C 137 -15.28 -23.75 31.99
N VAL C 138 -15.18 -22.42 31.81
CA VAL C 138 -14.66 -21.57 32.87
C VAL C 138 -15.47 -21.73 34.14
N LYS C 139 -16.80 -21.74 34.02
CA LYS C 139 -17.64 -21.88 35.19
C LYS C 139 -17.50 -23.26 35.79
N ARG C 140 -17.41 -24.28 34.93
CA ARG C 140 -17.18 -25.65 35.41
C ARG C 140 -15.88 -25.72 36.21
N ILE C 141 -14.82 -25.07 35.73
CA ILE C 141 -13.54 -25.12 36.41
C ILE C 141 -13.55 -24.25 37.67
N LYS C 142 -14.27 -23.12 37.61
CA LYS C 142 -14.39 -22.30 38.81
C LYS C 142 -15.26 -22.97 39.87
N ALA C 143 -16.19 -23.84 39.45
CA ALA C 143 -17.00 -24.58 40.42
C ALA C 143 -16.14 -25.53 41.25
N LYS C 144 -15.19 -26.21 40.62
CA LYS C 144 -14.38 -27.19 41.32
C LYS C 144 -13.22 -26.54 42.05
N TYR C 145 -12.51 -25.64 41.39
CA TYR C 145 -11.31 -25.01 41.94
C TYR C 145 -11.46 -23.49 41.94
N PRO C 146 -12.18 -22.94 42.93
CA PRO C 146 -12.40 -21.49 42.93
C PRO C 146 -11.13 -20.69 43.18
N GLU C 147 -10.13 -21.28 43.82
CA GLU C 147 -8.88 -20.57 44.04
C GLU C 147 -8.08 -20.42 42.76
N LEU C 148 -8.23 -21.39 41.87
CA LEU C 148 -7.44 -21.42 40.65
C LEU C 148 -7.58 -20.21 39.75
N GLN C 149 -6.44 -19.79 39.21
CA GLN C 149 -6.39 -18.66 38.30
C GLN C 149 -6.61 -19.25 36.92
N VAL C 150 -7.55 -18.69 36.19
CA VAL C 150 -7.87 -19.20 34.88
C VAL C 150 -7.82 -18.06 33.89
N ILE C 151 -6.99 -18.21 32.85
CA ILE C 151 -7.04 -17.34 31.68
C ILE C 151 -7.89 -18.02 30.62
N ALA C 152 -8.70 -17.23 29.91
CA ALA C 152 -9.55 -17.76 28.84
C ALA C 152 -9.33 -17.00 27.55
N GLY C 153 -9.47 -17.69 26.43
CA GLY C 153 -9.32 -17.06 25.14
C GLY C 153 -9.55 -18.08 24.04
N ASN C 154 -9.32 -17.64 22.80
CA ASN C 154 -8.99 -16.25 22.50
C ASN C 154 -10.24 -15.46 22.09
N ILE C 155 -10.17 -14.13 22.15
CA ILE C 155 -11.31 -13.25 21.92
C ILE C 155 -10.83 -11.99 21.21
N ALA C 156 -11.80 -11.20 20.72
CA ALA C 156 -11.49 -10.00 19.96
C ALA C 156 -12.40 -8.81 20.23
N THR C 157 -13.38 -8.93 21.12
CA THR C 157 -14.38 -7.88 21.31
C THR C 157 -14.53 -7.50 22.78
N PRO C 158 -15.04 -6.30 23.05
CA PRO C 158 -15.40 -5.95 24.44
C PRO C 158 -16.56 -6.77 24.97
N GLU C 159 -17.50 -7.19 24.10
CA GLU C 159 -18.56 -8.05 24.59
C GLU C 159 -18.00 -9.37 25.08
N ALA C 160 -16.98 -9.89 24.39
CA ALA C 160 -16.35 -11.14 24.81
C ALA C 160 -15.68 -11.01 26.18
N VAL C 161 -15.11 -9.84 26.51
CA VAL C 161 -14.50 -9.67 27.83
C VAL C 161 -15.54 -9.80 28.92
N ARG C 162 -16.69 -9.14 28.74
CA ARG C 162 -17.75 -9.21 29.74
C ARG C 162 -18.19 -10.64 29.99
N ASP C 163 -18.61 -11.33 28.93
CA ASP C 163 -19.15 -12.67 29.08
C ASP C 163 -18.11 -13.64 29.62
N LEU C 164 -16.83 -13.39 29.35
CA LEU C 164 -15.81 -14.21 29.97
C LEU C 164 -15.53 -13.77 31.40
N ALA C 165 -15.74 -12.49 31.70
CA ALA C 165 -15.57 -12.02 33.08
C ALA C 165 -16.72 -12.45 33.97
N GLU C 166 -17.96 -12.38 33.46
CA GLU C 166 -19.13 -12.85 34.19
C GLU C 166 -19.16 -14.37 34.31
N ALA C 167 -18.27 -15.07 33.63
CA ALA C 167 -18.18 -16.53 33.74
C ALA C 167 -17.09 -16.98 34.70
N GLY C 168 -16.19 -16.09 35.11
CA GLY C 168 -15.21 -16.46 36.11
C GLY C 168 -13.76 -16.17 35.78
N ALA C 169 -13.44 -16.00 34.50
CA ALA C 169 -12.04 -15.86 34.08
C ALA C 169 -11.34 -14.77 34.87
N ASP C 170 -10.10 -15.03 35.26
CA ASP C 170 -9.28 -14.04 35.93
C ASP C 170 -8.46 -13.22 34.96
N CYS C 171 -8.33 -13.69 33.72
CA CYS C 171 -7.66 -12.97 32.66
C CYS C 171 -8.25 -13.44 31.33
N VAL C 172 -8.11 -12.61 30.30
CA VAL C 172 -8.63 -12.94 28.98
C VAL C 172 -7.56 -12.65 27.92
N LYS C 173 -7.38 -13.60 27.00
CA LYS C 173 -6.34 -13.51 25.97
C LYS C 173 -6.95 -12.99 24.67
N VAL C 174 -6.40 -11.89 24.16
CA VAL C 174 -6.90 -11.27 22.94
C VAL C 174 -6.08 -11.74 21.75
N GLY C 175 -6.76 -12.07 20.66
CA GLY C 175 -6.06 -12.41 19.45
C GLY C 175 -6.79 -13.46 18.64
N ILE C 176 -7.53 -12.99 17.62
CA ILE C 176 -8.12 -13.86 16.62
C ILE C 176 -7.44 -13.55 15.28
N GLY C 177 -6.53 -14.44 14.87
CA GLY C 177 -5.96 -14.34 13.56
C GLY C 177 -4.60 -13.67 13.36
N PRO C 178 -4.09 -12.87 14.32
CA PRO C 178 -2.84 -12.15 14.02
C PRO C 178 -1.61 -13.03 13.97
N GLY C 179 -1.71 -14.31 14.31
CA GLY C 179 -0.53 -15.12 14.53
C GLY C 179 0.26 -15.35 13.26
N SER C 180 1.58 -15.37 13.38
CA SER C 180 2.44 -15.48 12.20
C SER C 180 2.21 -16.80 11.46
N ILE C 181 1.79 -17.84 12.14
CA ILE C 181 1.50 -19.10 11.48
C ILE C 181 0.00 -19.30 11.32
N CYS C 182 -0.76 -18.24 11.49
CA CYS C 182 -2.20 -18.37 11.47
C CYS C 182 -2.93 -18.08 10.19
N THR C 183 -3.79 -19.00 9.78
CA THR C 183 -4.57 -18.75 8.57
C THR C 183 -6.04 -18.48 8.85
N THR C 184 -6.44 -18.35 10.12
CA THR C 184 -7.85 -18.13 10.46
C THR C 184 -8.50 -17.02 9.62
N ARG C 185 -7.78 -15.92 9.42
CA ARG C 185 -8.39 -14.80 8.70
C ARG C 185 -8.64 -15.14 7.24
N ILE C 186 -7.78 -15.98 6.66
CA ILE C 186 -7.84 -16.31 5.25
C ILE C 186 -8.84 -17.45 4.99
N VAL C 187 -8.91 -18.43 5.89
CA VAL C 187 -9.76 -19.60 5.67
C VAL C 187 -11.18 -19.38 6.20
N ALA C 188 -11.34 -18.60 7.28
CA ALA C 188 -12.65 -18.30 7.84
C ALA C 188 -13.12 -16.87 7.56
N GLY C 189 -12.22 -15.94 7.29
CA GLY C 189 -12.64 -14.56 7.05
C GLY C 189 -12.84 -13.73 8.29
N VAL C 190 -12.39 -14.22 9.44
CA VAL C 190 -12.69 -13.60 10.72
C VAL C 190 -11.42 -13.10 11.38
N GLY C 191 -11.60 -12.07 12.18
CA GLY C 191 -10.54 -11.50 12.94
C GLY C 191 -10.63 -10.01 13.06
N VAL C 192 -9.86 -9.49 13.99
CA VAL C 192 -9.79 -8.09 14.22
C VAL C 192 -8.32 -7.75 14.23
N PRO C 193 -7.93 -6.61 13.54
CA PRO C 193 -6.49 -6.31 13.62
C PRO C 193 -6.12 -6.17 15.10
N GLN C 194 -4.98 -6.73 15.48
CA GLN C 194 -4.60 -6.85 16.86
C GLN C 194 -4.49 -5.62 17.73
N LEU C 195 -3.94 -4.54 17.22
CA LEU C 195 -3.85 -3.35 18.06
C LEU C 195 -5.24 -2.81 18.44
N THR C 196 -6.16 -2.75 17.47
CA THR C 196 -7.53 -2.31 17.77
C THR C 196 -8.23 -3.29 18.71
N ALA C 197 -8.02 -4.59 18.50
CA ALA C 197 -8.64 -5.61 19.35
C ALA C 197 -8.15 -5.48 20.79
N VAL C 198 -6.82 -5.46 20.98
CA VAL C 198 -6.27 -5.24 22.32
C VAL C 198 -6.86 -3.97 22.91
N MET C 199 -6.88 -2.89 22.14
CA MET C 199 -7.33 -1.60 22.65
C MET C 199 -8.79 -1.66 23.10
N ASP C 200 -9.67 -2.22 22.25
CA ASP C 200 -11.10 -2.31 22.59
C ASP C 200 -11.31 -3.20 23.81
N CYS C 201 -10.58 -4.31 23.90
CA CYS C 201 -10.77 -5.23 25.01
C CYS C 201 -10.12 -4.71 26.28
N ALA C 202 -8.92 -4.13 26.16
CA ALA C 202 -8.27 -3.51 27.31
C ALA C 202 -9.20 -2.50 27.97
N GLU C 203 -9.97 -1.76 27.15
CA GLU C 203 -10.86 -0.74 27.70
C GLU C 203 -12.04 -1.36 28.44
N GLU C 204 -12.64 -2.42 27.90
CA GLU C 204 -13.68 -3.08 28.68
C GLU C 204 -13.07 -3.77 29.89
N GLY C 205 -11.92 -4.41 29.71
CA GLY C 205 -11.31 -5.16 30.80
C GLY C 205 -10.94 -4.28 31.98
N LYS C 206 -10.47 -3.06 31.73
CA LYS C 206 -10.03 -2.21 32.83
C LYS C 206 -11.21 -1.72 33.66
N LYS C 207 -12.31 -1.39 33.00
CA LYS C 207 -13.51 -0.93 33.68
C LYS C 207 -14.07 -2.05 34.55
N LEU C 208 -13.98 -3.27 34.05
CA LEU C 208 -14.47 -4.45 34.77
C LEU C 208 -13.43 -4.99 35.72
N GLY C 209 -12.24 -4.43 35.68
CA GLY C 209 -11.17 -4.86 36.56
C GLY C 209 -10.56 -6.19 36.20
N ILE C 210 -10.47 -6.52 34.91
CA ILE C 210 -9.86 -7.79 34.49
C ILE C 210 -8.76 -7.52 33.47
N PRO C 211 -7.58 -8.11 33.64
CA PRO C 211 -6.50 -7.91 32.67
C PRO C 211 -6.74 -8.65 31.36
N VAL C 212 -6.14 -8.11 30.29
CA VAL C 212 -6.17 -8.77 28.99
C VAL C 212 -4.74 -8.99 28.52
N ILE C 213 -4.57 -10.06 27.74
CA ILE C 213 -3.27 -10.40 27.19
C ILE C 213 -3.28 -10.18 25.68
N ALA C 214 -2.17 -9.65 25.16
CA ALA C 214 -2.00 -9.44 23.73
C ALA C 214 -1.30 -10.66 23.15
N ASP C 215 -2.07 -11.53 22.53
CA ASP C 215 -1.48 -12.72 21.98
C ASP C 215 -1.47 -12.79 20.46
N GLY C 216 -0.28 -12.80 19.91
CA GLY C 216 -0.05 -13.03 18.50
C GLY C 216 0.24 -11.74 17.71
N GLY C 217 0.95 -11.92 16.60
CA GLY C 217 1.26 -10.81 15.72
C GLY C 217 2.30 -9.83 16.21
N LEU C 218 3.03 -10.17 17.28
CA LEU C 218 4.15 -9.38 17.76
C LEU C 218 5.42 -9.87 17.08
N LYS C 219 6.27 -8.93 16.71
CA LYS C 219 7.48 -9.28 15.96
C LYS C 219 8.73 -8.54 16.40
N TYR C 220 8.63 -7.28 16.84
CA TYR C 220 9.73 -6.48 17.34
C TYR C 220 9.41 -6.00 18.74
N SER C 221 10.44 -5.60 19.49
CA SER C 221 10.19 -5.13 20.84
C SER C 221 9.26 -3.91 20.84
N GLY C 222 9.27 -3.11 19.78
CA GLY C 222 8.38 -1.96 19.72
C GLY C 222 6.92 -2.34 19.63
N ASP C 223 6.61 -3.45 18.96
CA ASP C 223 5.22 -3.89 18.90
C ASP C 223 4.70 -4.17 20.29
N ILE C 224 5.51 -4.85 21.13
CA ILE C 224 5.11 -5.14 22.49
C ILE C 224 4.74 -3.86 23.20
N VAL C 225 5.59 -2.83 23.06
CA VAL C 225 5.34 -1.55 23.72
C VAL C 225 3.97 -1.00 23.33
N LYS C 226 3.63 -1.10 22.04
CA LYS C 226 2.30 -0.67 21.60
C LYS C 226 1.21 -1.47 22.29
N ALA C 227 1.37 -2.79 22.41
CA ALA C 227 0.39 -3.60 23.12
C ALA C 227 0.26 -3.17 24.58
N LEU C 228 1.38 -2.94 25.25
CA LEU C 228 1.30 -2.55 26.66
C LEU C 228 0.73 -1.16 26.81
N ALA C 229 1.05 -0.26 25.89
CA ALA C 229 0.51 1.10 25.94
C ALA C 229 -0.94 1.14 25.50
N ALA C 230 -1.41 0.09 24.82
CA ALA C 230 -2.83 -0.05 24.51
C ALA C 230 -3.62 -0.55 25.72
N GLY C 231 -2.93 -1.10 26.72
CA GLY C 231 -3.57 -1.52 27.96
C GLY C 231 -3.45 -2.99 28.29
N ALA C 232 -2.83 -3.83 27.46
CA ALA C 232 -2.64 -5.21 27.84
C ALA C 232 -1.74 -5.32 29.07
N CYS C 233 -1.98 -6.37 29.88
CA CYS C 233 -1.17 -6.62 31.06
C CYS C 233 0.12 -7.36 30.72
N ALA C 234 0.09 -8.10 29.62
CA ALA C 234 1.22 -8.90 29.16
C ALA C 234 1.12 -9.25 27.69
N ALA C 235 2.19 -9.78 27.13
CA ALA C 235 2.20 -10.15 25.74
C ALA C 235 2.61 -11.60 25.56
N MET C 236 1.98 -12.28 24.63
CA MET C 236 2.29 -13.66 24.37
C MET C 236 2.88 -13.75 22.98
N MET C 237 4.01 -14.45 22.88
CA MET C 237 4.70 -14.61 21.60
C MET C 237 5.02 -16.07 21.30
N GLY C 238 4.88 -16.46 20.05
CA GLY C 238 5.16 -17.80 19.62
C GLY C 238 6.39 -17.77 18.74
N SER C 239 6.30 -17.01 17.66
CA SER C 239 7.38 -16.82 16.70
C SER C 239 8.66 -16.27 17.35
N ILE C 240 8.53 -15.24 18.19
CA ILE C 240 9.71 -14.60 18.75
C ILE C 240 10.52 -15.58 19.61
N PHE C 241 9.87 -16.58 20.23
CA PHE C 241 10.57 -17.54 21.09
C PHE C 241 10.85 -18.89 20.44
N ALA C 242 10.25 -19.18 19.28
CA ALA C 242 10.31 -20.55 18.77
C ALA C 242 11.67 -20.91 18.20
N GLY C 243 12.48 -19.93 17.83
CA GLY C 243 13.79 -20.33 17.35
C GLY C 243 14.84 -20.59 18.41
N CYS C 244 14.52 -20.39 19.68
CA CYS C 244 15.49 -20.49 20.76
C CYS C 244 15.82 -21.94 21.09
N GLU C 245 16.94 -22.12 21.81
CA GLU C 245 17.41 -23.45 22.15
C GLU C 245 16.46 -24.16 23.11
N GLU C 246 15.73 -23.41 23.93
CA GLU C 246 14.88 -24.00 24.94
C GLU C 246 13.50 -24.41 24.40
N ALA C 247 13.11 -23.92 23.23
CA ALA C 247 11.92 -24.45 22.59
C ALA C 247 12.14 -25.91 22.21
N PRO C 248 11.07 -26.72 22.15
CA PRO C 248 11.24 -28.15 21.88
C PRO C 248 11.53 -28.41 20.41
N GLY C 249 12.08 -29.58 20.14
CA GLY C 249 12.50 -29.92 18.80
C GLY C 249 13.94 -29.54 18.53
N ALA C 250 14.54 -30.23 17.58
CA ALA C 250 15.96 -30.10 17.29
C ALA C 250 16.22 -29.05 16.20
N ILE C 251 17.49 -28.70 16.06
CA ILE C 251 17.94 -27.75 15.05
C ILE C 251 18.13 -28.47 13.72
N GLU C 252 17.78 -27.80 12.63
CA GLU C 252 18.06 -28.25 11.26
C GLU C 252 19.03 -27.29 10.59
N ILE C 253 19.97 -27.86 9.85
CA ILE C 253 20.93 -27.11 9.07
C ILE C 253 20.49 -27.17 7.62
N TYR C 254 19.99 -26.05 7.09
CA TYR C 254 19.60 -25.93 5.68
C TYR C 254 20.40 -24.77 5.09
N GLN C 255 21.38 -25.10 4.26
CA GLN C 255 22.19 -24.10 3.56
C GLN C 255 22.91 -23.18 4.54
N GLY C 256 23.90 -23.76 5.21
CA GLY C 256 24.80 -22.99 6.07
C GLY C 256 24.19 -22.39 7.32
N ARG C 257 22.87 -22.29 7.40
CA ARG C 257 22.21 -21.63 8.51
C ARG C 257 21.39 -22.62 9.31
N SER C 258 21.13 -22.27 10.57
CA SER C 258 20.39 -23.12 11.49
C SER C 258 18.93 -22.69 11.57
N TYR C 259 18.03 -23.66 11.55
CA TYR C 259 16.61 -23.39 11.67
C TYR C 259 15.95 -24.40 12.60
N LYS C 260 14.83 -23.99 13.18
CA LYS C 260 13.97 -24.90 13.90
C LYS C 260 12.57 -24.84 13.31
N VAL C 261 11.85 -25.94 13.43
CA VAL C 261 10.49 -26.00 12.93
C VAL C 261 9.58 -25.18 13.85
N TYR C 262 8.60 -24.51 13.24
CA TYR C 262 7.61 -23.74 13.97
C TYR C 262 6.29 -23.93 13.25
N ARG C 263 5.27 -24.41 13.96
CA ARG C 263 4.00 -24.69 13.29
C ARG C 263 2.86 -24.20 14.14
N GLY C 264 1.78 -23.79 13.49
CA GLY C 264 0.56 -23.53 14.20
C GLY C 264 0.04 -24.79 14.87
N MET C 265 -0.63 -24.61 15.99
CA MET C 265 -1.35 -25.74 16.59
C MET C 265 -2.51 -26.19 15.71
N GLY C 266 -3.04 -25.31 14.87
CA GLY C 266 -4.11 -25.65 13.97
C GLY C 266 -3.65 -26.21 12.65
N SER C 267 -2.34 -26.40 12.50
CA SER C 267 -1.81 -26.97 11.27
C SER C 267 -1.97 -28.49 11.29
N LEU C 268 -1.84 -29.07 10.10
CA LEU C 268 -2.05 -30.52 9.96
C LEU C 268 -1.07 -31.31 10.81
N GLY C 269 0.17 -30.82 10.92
CA GLY C 269 1.19 -31.57 11.64
C GLY C 269 0.97 -31.57 13.13
N ALA C 270 0.54 -30.43 13.69
CA ALA C 270 0.24 -30.40 15.11
C ALA C 270 -1.00 -31.23 15.43
N MET C 271 -1.96 -31.28 14.51
CA MET C 271 -3.19 -32.02 14.77
C MET C 271 -3.05 -33.52 14.60
N ALA C 272 -1.89 -34.01 14.17
CA ALA C 272 -1.67 -35.46 14.06
C ALA C 272 -0.69 -36.00 15.11
N VAL C 288 -9.57 -29.68 8.32
CA VAL C 288 -9.59 -28.29 7.83
C VAL C 288 -8.79 -27.35 8.73
N PRO C 289 -7.52 -27.13 8.37
CA PRO C 289 -6.59 -26.47 9.31
C PRO C 289 -6.67 -24.95 9.29
N GLU C 290 -6.16 -24.34 10.36
CA GLU C 290 -6.19 -22.90 10.52
C GLU C 290 -4.79 -22.35 10.79
N GLY C 291 -3.77 -23.06 10.35
CA GLY C 291 -2.39 -22.64 10.48
C GLY C 291 -1.50 -23.48 9.60
N VAL C 292 -0.25 -23.05 9.51
CA VAL C 292 0.73 -23.62 8.60
C VAL C 292 1.91 -24.12 9.42
N GLU C 293 2.78 -24.90 8.77
CA GLU C 293 3.99 -25.41 9.37
C GLU C 293 5.19 -24.91 8.59
N GLY C 294 6.24 -24.51 9.31
CA GLY C 294 7.41 -23.96 8.67
C GLY C 294 8.64 -24.10 9.53
N ARG C 295 9.70 -23.43 9.09
CA ARG C 295 10.96 -23.39 9.82
C ARG C 295 11.33 -21.94 10.08
N ILE C 296 11.83 -21.66 11.28
CA ILE C 296 12.26 -20.31 11.62
C ILE C 296 13.75 -20.35 11.93
N ALA C 297 14.40 -19.20 11.85
CA ALA C 297 15.82 -19.15 12.11
C ALA C 297 16.12 -19.49 13.57
N TYR C 298 17.25 -20.16 13.78
CA TYR C 298 17.74 -20.39 15.13
C TYR C 298 18.26 -19.09 15.74
N LYS C 299 17.90 -18.84 16.99
CA LYS C 299 18.21 -17.56 17.64
C LYS C 299 19.01 -17.74 18.92
N GLY C 300 19.56 -18.93 19.17
CA GLY C 300 20.34 -19.13 20.36
C GLY C 300 19.47 -19.17 21.60
N HIS C 301 20.07 -18.81 22.74
CA HIS C 301 19.42 -18.99 24.03
C HIS C 301 18.42 -17.90 24.33
N LEU C 302 17.30 -18.30 24.94
CA LEU C 302 16.21 -17.41 25.30
C LEU C 302 16.70 -16.11 25.93
N ALA C 303 17.69 -16.19 26.82
CA ALA C 303 18.14 -15.04 27.59
C ALA C 303 18.60 -13.90 26.67
N ASP C 304 19.19 -14.23 25.52
CA ASP C 304 19.62 -13.16 24.62
C ASP C 304 18.42 -12.49 23.98
N THR C 305 17.39 -13.26 23.65
CA THR C 305 16.18 -12.67 23.07
C THR C 305 15.46 -11.81 24.10
N ILE C 306 15.31 -12.33 25.31
CA ILE C 306 14.64 -11.59 26.38
C ILE C 306 15.37 -10.29 26.67
N TYR C 307 16.69 -10.33 26.67
CA TYR C 307 17.44 -9.14 26.97
C TYR C 307 17.14 -8.06 25.95
N GLN C 308 17.10 -8.42 24.68
CA GLN C 308 16.80 -7.44 23.64
C GLN C 308 15.37 -6.90 23.75
N LEU C 309 14.40 -7.77 24.00
CA LEU C 309 13.03 -7.31 24.12
C LEU C 309 12.84 -6.40 25.31
N ILE C 310 13.46 -6.75 26.43
CA ILE C 310 13.36 -5.98 27.64
C ILE C 310 13.95 -4.61 27.43
N GLY C 311 15.09 -4.54 26.76
CA GLY C 311 15.74 -3.29 26.49
C GLY C 311 14.92 -2.38 25.59
N GLY C 312 14.31 -2.95 24.56
CA GLY C 312 13.47 -2.16 23.68
C GLY C 312 12.29 -1.56 24.43
N ILE C 313 11.70 -2.36 25.34
CA ILE C 313 10.51 -1.92 26.06
C ILE C 313 10.85 -0.77 26.98
N LYS C 314 11.96 -0.88 27.70
CA LYS C 314 12.38 0.21 28.57
C LYS C 314 12.75 1.46 27.76
N SER C 315 13.31 1.30 26.56
CA SER C 315 13.55 2.46 25.70
C SER C 315 12.26 3.21 25.41
N GLY C 316 11.26 2.51 24.89
CA GLY C 316 9.98 3.14 24.60
C GLY C 316 9.38 3.82 25.82
N MET C 317 9.47 3.16 26.97
CA MET C 317 8.89 3.75 28.18
C MET C 317 9.66 4.98 28.61
N GLY C 318 10.98 4.96 28.48
CA GLY C 318 11.76 6.19 28.59
C GLY C 318 11.26 7.28 27.68
N TYR C 319 11.05 6.97 26.39
CA TYR C 319 10.54 7.96 25.43
C TYR C 319 9.21 8.55 25.89
N LEU C 320 8.31 7.71 26.40
CA LEU C 320 7.00 8.13 26.86
C LEU C 320 6.98 8.65 28.29
N GLY C 321 8.12 8.68 28.98
CA GLY C 321 8.18 9.21 30.34
C GLY C 321 7.49 8.36 31.38
N ALA C 322 7.44 7.04 31.18
CA ALA C 322 6.63 6.17 32.02
C ALA C 322 7.46 5.35 33.01
N PRO C 323 7.41 5.64 34.30
CA PRO C 323 8.09 4.75 35.26
C PRO C 323 7.43 3.39 35.39
N THR C 324 6.10 3.29 35.21
CA THR C 324 5.36 2.04 35.33
C THR C 324 4.53 1.75 34.07
N LEU C 325 4.11 0.50 33.97
CA LEU C 325 3.31 0.07 32.84
C LEU C 325 1.96 0.77 32.82
N GLU C 326 1.36 0.96 33.99
CA GLU C 326 0.06 1.63 34.02
C GLU C 326 0.19 3.10 33.64
N ASN C 327 1.27 3.76 34.05
CA ASN C 327 1.50 5.14 33.64
C ASN C 327 1.75 5.25 32.14
N LEU C 328 2.36 4.23 31.53
CA LEU C 328 2.52 4.22 30.08
C LEU C 328 1.17 4.25 29.40
N TYR C 329 0.22 3.47 29.92
CA TYR C 329 -1.12 3.42 29.37
C TYR C 329 -1.87 4.74 29.61
N GLU C 330 -1.73 5.32 30.80
CA GLU C 330 -2.45 6.57 31.08
C GLU C 330 -2.09 7.67 30.11
N ASN C 331 -0.84 7.70 29.62
CA ASN C 331 -0.29 8.88 28.98
C ASN C 331 0.15 8.65 27.54
N ALA C 332 -0.21 7.53 26.93
CA ALA C 332 0.22 7.22 25.57
C ALA C 332 -0.72 7.85 24.56
N ASN C 333 -0.15 8.55 23.58
CA ASN C 333 -0.88 9.00 22.40
C ASN C 333 -0.32 8.28 21.18
N PHE C 334 -1.23 7.66 20.41
CA PHE C 334 -0.91 7.02 19.15
C PHE C 334 -1.20 7.95 17.98
N VAL C 335 -0.49 7.70 16.90
CA VAL C 335 -0.71 8.40 15.66
C VAL C 335 -0.68 7.33 14.58
N VAL C 336 -1.40 7.56 13.49
CA VAL C 336 -1.45 6.60 12.39
C VAL C 336 -0.44 7.01 11.33
N GLN C 337 0.33 6.03 10.86
CA GLN C 337 1.25 6.19 9.75
C GLN C 337 0.71 5.46 8.51
N THR C 338 1.02 6.00 7.33
CA THR C 338 0.65 5.36 6.07
C THR C 338 1.70 4.33 5.67
N SER C 339 1.48 3.70 4.50
CA SER C 339 2.52 2.84 3.92
C SER C 339 3.85 3.59 3.79
N ALA C 340 3.79 4.89 3.51
CA ALA C 340 5.01 5.69 3.39
C ALA C 340 5.63 5.97 4.75
N GLY C 341 4.80 6.21 5.78
CA GLY C 341 5.33 6.30 7.13
C GLY C 341 6.00 5.00 7.54
N PHE C 342 5.35 3.88 7.24
CA PHE C 342 5.90 2.56 7.52
C PHE C 342 7.29 2.40 6.94
N ARG C 343 7.44 2.70 5.64
CA ARG C 343 8.75 2.58 5.01
C ARG C 343 9.76 3.59 5.57
N GLU C 344 9.29 4.78 5.97
CA GLU C 344 10.16 5.68 6.72
C GLU C 344 10.60 5.05 8.04
N SER C 345 9.68 4.36 8.73
CA SER C 345 9.92 3.95 10.11
C SER C 345 11.00 2.88 10.17
N HIS C 346 11.00 1.97 9.21
CA HIS C 346 12.05 0.99 9.07
C HIS C 346 13.29 1.61 8.45
N PRO C 347 14.46 0.99 8.62
CA PRO C 347 15.62 1.42 7.87
C PRO C 347 15.28 1.38 6.40
N HIS C 348 15.85 2.32 5.65
CA HIS C 348 15.42 2.52 4.27
C HIS C 348 16.57 3.17 3.53
N ASP C 349 16.70 2.83 2.25
CA ASP C 349 17.71 3.42 1.38
C ASP C 349 19.12 3.15 1.90
N ILE C 350 19.34 1.94 2.42
CA ILE C 350 20.62 1.54 3.01
C ILE C 350 20.81 0.06 2.73
N ASN C 351 22.02 -0.32 2.29
CA ASN C 351 22.38 -1.72 2.16
C ASN C 351 22.98 -2.16 3.47
N ILE C 352 22.24 -2.99 4.21
CA ILE C 352 22.64 -3.39 5.55
C ILE C 352 23.62 -4.55 5.44
N THR C 353 24.74 -4.46 6.17
CA THR C 353 25.78 -5.46 6.11
C THR C 353 25.99 -6.22 7.42
N LYS C 354 25.51 -5.70 8.53
CA LYS C 354 25.68 -6.36 9.83
C LYS C 354 24.31 -6.57 10.44
N GLU C 355 24.02 -7.81 10.78
CA GLU C 355 22.77 -8.13 11.46
C GLU C 355 22.74 -7.45 12.82
N ALA C 356 21.59 -6.85 13.15
CA ALA C 356 21.30 -6.35 14.47
C ALA C 356 20.63 -7.45 15.31
N PRO C 357 20.90 -7.52 16.62
CA PRO C 357 20.27 -8.57 17.44
C PRO C 357 18.82 -8.29 17.79
N ASN C 358 18.34 -7.07 17.56
CA ASN C 358 16.94 -6.71 17.77
C ASN C 358 16.21 -6.40 16.48
N TYR C 359 16.88 -6.47 15.33
CA TYR C 359 16.25 -6.16 14.04
C TYR C 359 16.60 -7.21 13.01
N SER C 360 15.70 -8.17 12.80
CA SER C 360 15.84 -9.20 11.78
C SER C 360 16.03 -8.61 10.40
N ARG D 6 -17.07 14.64 -6.41
CA ARG D 6 -17.18 13.52 -7.34
C ARG D 6 -16.59 12.24 -6.75
N ILE D 7 -15.29 12.05 -6.95
CA ILE D 7 -14.61 10.91 -6.38
C ILE D 7 -14.71 11.14 -4.90
N LEU D 8 -15.08 10.13 -4.16
CA LEU D 8 -15.19 10.29 -2.72
C LEU D 8 -15.56 8.97 -2.12
N LYS D 9 -16.62 8.36 -2.63
CA LYS D 9 -16.99 7.06 -2.07
C LYS D 9 -15.90 6.04 -2.38
N THR D 10 -15.32 5.46 -1.33
CA THR D 10 -14.40 4.36 -1.49
C THR D 10 -15.18 3.06 -1.49
N ALA D 11 -14.76 2.14 -2.36
CA ALA D 11 -15.41 0.84 -2.51
C ALA D 11 -14.40 -0.24 -2.15
N TYR D 12 -14.88 -1.30 -1.51
CA TYR D 12 -14.01 -2.28 -0.90
C TYR D 12 -14.16 -3.63 -1.59
N THR D 13 -13.06 -4.36 -1.64
CA THR D 13 -13.12 -5.75 -2.04
C THR D 13 -12.80 -6.63 -0.83
N PHE D 14 -12.64 -7.92 -1.07
CA PHE D 14 -12.60 -8.89 0.02
C PHE D 14 -11.40 -8.66 0.93
N ASP D 15 -10.22 -8.47 0.35
CA ASP D 15 -9.05 -8.38 1.20
C ASP D 15 -8.98 -7.08 1.99
N ASP D 16 -9.95 -6.16 1.79
CA ASP D 16 -10.03 -4.90 2.55
C ASP D 16 -10.69 -5.05 3.91
N VAL D 17 -11.36 -6.18 4.17
CA VAL D 17 -12.24 -6.30 5.32
C VAL D 17 -12.05 -7.63 6.00
N LEU D 18 -12.45 -7.66 7.29
CA LEU D 18 -12.55 -8.86 8.10
C LEU D 18 -13.93 -8.90 8.77
N LEU D 19 -14.35 -10.12 9.12
CA LEU D 19 -15.53 -10.26 9.96
C LEU D 19 -15.14 -10.30 11.44
N VAL D 20 -15.81 -9.48 12.25
CA VAL D 20 -15.64 -9.51 13.71
C VAL D 20 -16.33 -10.75 14.27
N PRO D 21 -15.65 -11.58 15.05
CA PRO D 21 -16.34 -12.72 15.68
C PRO D 21 -17.53 -12.27 16.52
N ASN D 22 -18.56 -13.10 16.56
CA ASN D 22 -19.69 -12.92 17.46
C ASN D 22 -19.75 -14.09 18.44
N LYS D 23 -20.47 -13.89 19.52
CA LYS D 23 -20.71 -15.01 20.42
C LYS D 23 -21.39 -16.13 19.66
N SER D 24 -20.95 -17.36 19.91
CA SER D 24 -21.42 -18.52 19.16
C SER D 24 -21.85 -19.63 20.10
N GLU D 25 -23.12 -20.01 20.00
CA GLU D 25 -23.61 -21.25 20.58
C GLU D 25 -23.62 -22.40 19.59
N VAL D 26 -22.92 -22.26 18.46
CA VAL D 26 -23.00 -23.23 17.36
C VAL D 26 -21.60 -23.64 16.94
N LEU D 27 -21.36 -24.98 16.86
CA LEU D 27 -20.09 -25.52 16.43
C LEU D 27 -20.09 -25.71 14.92
N PRO D 28 -18.91 -25.63 14.27
CA PRO D 28 -18.90 -25.58 12.79
C PRO D 28 -19.64 -26.74 12.14
N ASN D 29 -19.63 -27.93 12.74
CA ASN D 29 -20.40 -29.03 12.21
C ASN D 29 -21.90 -28.90 12.48
N GLU D 30 -22.32 -27.91 13.25
CA GLU D 30 -23.74 -27.71 13.50
C GLU D 30 -24.41 -26.85 12.43
N VAL D 31 -23.65 -26.01 11.73
CA VAL D 31 -24.25 -24.97 10.91
C VAL D 31 -24.71 -25.55 9.58
N SER D 32 -25.76 -24.97 9.04
CA SER D 32 -26.40 -25.41 7.81
C SER D 32 -26.06 -24.50 6.65
N LEU D 33 -25.71 -25.09 5.50
CA LEU D 33 -25.24 -24.37 4.33
C LEU D 33 -26.27 -24.28 3.20
N LYS D 34 -27.50 -24.77 3.41
CA LYS D 34 -28.52 -24.66 2.36
C LYS D 34 -28.77 -23.20 1.98
N THR D 35 -28.99 -22.98 0.68
CA THR D 35 -29.27 -21.64 0.17
C THR D 35 -30.25 -21.75 -0.98
N GLN D 36 -30.95 -20.63 -1.25
CA GLN D 36 -31.90 -20.53 -2.36
C GLN D 36 -31.21 -19.83 -3.53
N LEU D 37 -30.84 -20.60 -4.55
CA LEU D 37 -30.25 -20.01 -5.75
C LEU D 37 -31.25 -19.14 -6.46
N THR D 38 -32.43 -19.70 -6.75
CA THR D 38 -33.63 -18.95 -7.07
C THR D 38 -34.78 -19.46 -6.20
N LYS D 39 -35.99 -18.98 -6.49
CA LYS D 39 -37.14 -19.34 -5.68
C LYS D 39 -37.49 -20.81 -5.84
N LYS D 40 -37.15 -21.41 -6.98
CA LYS D 40 -37.44 -22.79 -7.30
C LYS D 40 -36.25 -23.73 -7.15
N ILE D 41 -35.05 -23.21 -6.86
CA ILE D 41 -33.85 -24.04 -6.82
C ILE D 41 -33.09 -23.80 -5.52
N GLN D 42 -33.03 -24.83 -4.68
CA GLN D 42 -32.20 -24.84 -3.49
C GLN D 42 -30.95 -25.69 -3.73
N LEU D 43 -29.81 -25.24 -3.20
CA LEU D 43 -28.57 -25.99 -3.19
C LEU D 43 -28.18 -26.34 -1.76
N ASN D 44 -27.58 -27.53 -1.59
CA ASN D 44 -27.09 -27.90 -0.27
C ASN D 44 -25.85 -27.12 0.15
N ILE D 45 -25.10 -26.55 -0.81
CA ILE D 45 -23.93 -25.71 -0.54
C ILE D 45 -23.87 -24.58 -1.55
N PRO D 46 -23.46 -23.36 -1.15
CA PRO D 46 -23.63 -22.17 -1.99
C PRO D 46 -22.50 -21.92 -2.97
N LEU D 47 -22.07 -22.98 -3.66
CA LEU D 47 -20.95 -22.92 -4.59
C LEU D 47 -21.40 -23.25 -6.01
N MET D 48 -20.90 -22.47 -6.96
CA MET D 48 -21.15 -22.65 -8.38
C MET D 48 -19.85 -22.59 -9.14
N SER D 49 -19.72 -23.44 -10.16
CA SER D 49 -18.58 -23.39 -11.07
C SER D 49 -18.90 -22.53 -12.30
N ALA D 50 -17.90 -21.78 -12.75
CA ALA D 50 -18.08 -20.75 -13.78
C ALA D 50 -18.46 -21.32 -15.15
N SER D 51 -19.14 -20.48 -15.94
CA SER D 51 -19.48 -20.78 -17.34
C SER D 51 -18.31 -20.48 -18.28
N MET D 52 -17.28 -21.31 -18.17
CA MET D 52 -16.03 -21.06 -18.88
C MET D 52 -15.54 -22.35 -19.51
N ASP D 53 -14.95 -22.25 -20.71
CA ASP D 53 -14.54 -23.45 -21.43
C ASP D 53 -13.42 -24.20 -20.71
N THR D 54 -12.69 -23.57 -19.79
CA THR D 54 -11.66 -24.29 -19.05
C THR D 54 -12.10 -24.57 -17.61
N VAL D 55 -13.39 -24.44 -17.30
CA VAL D 55 -13.88 -24.80 -15.98
C VAL D 55 -14.96 -25.89 -16.04
N THR D 56 -16.07 -25.65 -16.75
CA THR D 56 -17.29 -26.43 -16.55
C THR D 56 -17.78 -27.10 -17.83
N GLU D 57 -17.89 -28.40 -17.77
CA GLU D 57 -18.43 -29.22 -18.84
C GLU D 57 -19.28 -30.22 -18.10
N SER D 58 -19.72 -31.30 -18.74
CA SER D 58 -20.57 -32.24 -18.02
C SER D 58 -19.88 -32.81 -16.80
N LYS D 59 -18.60 -33.18 -16.92
CA LYS D 59 -17.86 -33.77 -15.79
C LYS D 59 -17.79 -32.81 -14.60
N MET D 60 -17.48 -31.55 -14.86
CA MET D 60 -17.48 -30.54 -13.81
C MET D 60 -18.86 -30.40 -13.19
N ALA D 61 -19.91 -30.31 -14.02
CA ALA D 61 -21.24 -30.02 -13.52
C ALA D 61 -21.90 -31.23 -12.87
N ILE D 62 -21.55 -32.45 -13.30
CA ILE D 62 -21.97 -33.65 -12.56
C ILE D 62 -21.32 -33.66 -11.18
N ALA D 63 -19.99 -33.44 -11.14
CA ALA D 63 -19.28 -33.45 -9.86
C ALA D 63 -19.80 -32.35 -8.94
N MET D 64 -20.02 -31.15 -9.49
CA MET D 64 -20.54 -30.05 -8.67
C MET D 64 -21.88 -30.40 -8.02
N ALA D 65 -22.81 -30.91 -8.83
CA ALA D 65 -24.13 -31.24 -8.31
C ALA D 65 -24.04 -32.24 -7.15
N ARG D 66 -23.27 -33.31 -7.35
CA ARG D 66 -23.27 -34.38 -6.35
C ARG D 66 -22.62 -33.96 -5.04
N GLU D 67 -21.88 -32.86 -5.03
CA GLU D 67 -21.41 -32.29 -3.77
C GLU D 67 -22.42 -31.32 -3.15
N GLY D 68 -23.45 -30.92 -3.90
CA GLY D 68 -24.50 -30.08 -3.38
C GLY D 68 -24.55 -28.69 -3.98
N GLY D 69 -23.76 -28.42 -5.01
CA GLY D 69 -23.76 -27.12 -5.64
C GLY D 69 -24.35 -27.21 -7.02
N ILE D 70 -23.71 -26.57 -8.00
CA ILE D 70 -24.26 -26.57 -9.36
C ILE D 70 -23.21 -26.07 -10.33
N GLY D 71 -23.15 -26.68 -11.51
CA GLY D 71 -22.27 -26.25 -12.59
C GLY D 71 -23.08 -25.61 -13.69
N ILE D 72 -22.48 -24.65 -14.38
CA ILE D 72 -23.15 -23.90 -15.44
C ILE D 72 -22.36 -24.14 -16.72
N ILE D 73 -22.90 -24.99 -17.60
CA ILE D 73 -22.17 -25.39 -18.80
C ILE D 73 -21.92 -24.18 -19.70
N HIS D 74 -20.72 -24.12 -20.28
CA HIS D 74 -20.35 -22.95 -21.05
C HIS D 74 -21.00 -22.98 -22.45
N LYS D 75 -20.91 -21.84 -23.11
CA LYS D 75 -21.50 -21.56 -24.39
C LYS D 75 -20.53 -21.73 -25.54
N ASN D 76 -19.24 -21.88 -25.24
CA ASN D 76 -18.19 -21.96 -26.25
C ASN D 76 -18.19 -23.35 -26.89
N MET D 77 -19.32 -23.68 -27.50
CA MET D 77 -19.57 -24.96 -28.19
C MET D 77 -20.91 -24.83 -28.89
N THR D 78 -21.17 -25.74 -29.84
CA THR D 78 -22.36 -25.57 -30.63
C THR D 78 -23.60 -25.87 -29.81
N ILE D 79 -24.77 -25.60 -30.41
CA ILE D 79 -26.03 -25.79 -29.71
C ILE D 79 -26.27 -27.27 -29.43
N GLU D 80 -26.09 -28.12 -30.44
CA GLU D 80 -26.27 -29.56 -30.22
C GLU D 80 -25.49 -30.03 -29.00
N ASP D 81 -24.19 -29.69 -28.96
CA ASP D 81 -23.30 -30.31 -27.98
C ASP D 81 -23.54 -29.81 -26.57
N GLN D 82 -24.02 -28.59 -26.40
CA GLN D 82 -24.27 -28.12 -25.05
C GLN D 82 -25.56 -28.72 -24.50
N ALA D 83 -26.54 -28.94 -25.38
CA ALA D 83 -27.73 -29.68 -24.99
C ALA D 83 -27.38 -31.10 -24.57
N ARG D 84 -26.55 -31.77 -25.37
CA ARG D 84 -26.08 -33.09 -25.00
C ARG D 84 -25.31 -33.04 -23.68
N GLU D 85 -24.43 -32.05 -23.54
CA GLU D 85 -23.71 -31.87 -22.27
C GLU D 85 -24.67 -31.77 -21.09
N VAL D 86 -25.72 -30.95 -21.23
CA VAL D 86 -26.75 -30.87 -20.19
C VAL D 86 -27.48 -32.20 -20.04
N ASP D 87 -27.76 -32.87 -21.15
CA ASP D 87 -28.36 -34.19 -21.01
C ASP D 87 -27.43 -35.17 -20.34
N ARG D 88 -26.10 -35.01 -20.51
CA ARG D 88 -25.17 -35.84 -19.77
C ARG D 88 -25.42 -35.71 -18.27
N VAL D 89 -25.63 -34.47 -17.81
CA VAL D 89 -25.78 -34.20 -16.38
C VAL D 89 -27.13 -34.69 -15.88
N LYS D 90 -28.22 -34.29 -16.55
CA LYS D 90 -29.56 -34.58 -16.06
C LYS D 90 -29.89 -36.07 -16.09
N ARG D 91 -29.16 -36.87 -16.85
CA ARG D 91 -29.44 -38.30 -16.91
C ARG D 91 -28.72 -39.08 -15.82
N SER D 92 -27.70 -38.48 -15.20
CA SER D 92 -26.80 -39.19 -14.29
C SER D 92 -27.30 -39.15 -12.85
N GLY D 93 -28.54 -39.59 -12.64
CA GLY D 93 -29.10 -39.73 -11.31
C GLY D 93 -29.83 -38.52 -10.78
N GLY D 94 -30.42 -37.70 -11.66
CA GLY D 94 -31.23 -36.58 -11.23
C GLY D 94 -30.49 -35.48 -10.51
N LEU D 95 -29.58 -34.81 -11.21
CA LEU D 95 -28.79 -33.72 -10.66
C LEU D 95 -29.18 -32.39 -11.32
N LEU D 96 -28.93 -31.31 -10.61
CA LEU D 96 -29.20 -29.99 -11.18
C LEU D 96 -28.12 -29.62 -12.17
N CYS D 97 -28.54 -28.93 -13.25
CA CYS D 97 -27.61 -28.47 -14.28
C CYS D 97 -27.99 -27.06 -14.72
N GLY D 98 -26.97 -26.27 -15.05
CA GLY D 98 -27.16 -24.93 -15.59
C GLY D 98 -26.54 -24.84 -16.98
N ALA D 99 -26.83 -23.72 -17.65
CA ALA D 99 -26.30 -23.52 -19.00
C ALA D 99 -26.16 -22.04 -19.33
N SER D 100 -25.07 -21.72 -20.01
CA SER D 100 -24.74 -20.35 -20.38
C SER D 100 -25.41 -19.97 -21.70
N ILE D 101 -25.91 -18.74 -21.77
CA ILE D 101 -26.65 -18.23 -22.92
C ILE D 101 -26.21 -16.78 -23.15
N GLY D 102 -25.84 -16.47 -24.38
CA GLY D 102 -25.42 -15.14 -24.71
C GLY D 102 -26.47 -14.38 -25.49
N VAL D 103 -26.33 -13.05 -25.48
CA VAL D 103 -27.16 -12.19 -26.32
C VAL D 103 -26.69 -12.33 -27.77
N THR D 104 -27.27 -13.27 -28.52
CA THR D 104 -26.84 -13.56 -29.89
C THR D 104 -28.06 -13.58 -30.81
N ASN D 105 -27.82 -13.92 -32.07
CA ASN D 105 -28.91 -14.11 -33.01
C ASN D 105 -29.55 -15.48 -32.82
N ASP D 106 -28.75 -16.49 -32.48
CA ASP D 106 -29.21 -17.86 -32.27
C ASP D 106 -29.61 -18.14 -30.83
N MET D 107 -30.00 -17.12 -30.06
CA MET D 107 -30.08 -17.29 -28.61
C MET D 107 -31.30 -18.11 -28.21
N MET D 108 -32.47 -17.88 -28.82
CA MET D 108 -33.64 -18.68 -28.45
C MET D 108 -33.46 -20.14 -28.85
N GLU D 109 -32.79 -20.39 -29.98
CA GLU D 109 -32.54 -21.78 -30.38
C GLU D 109 -31.64 -22.49 -29.40
N ARG D 110 -30.65 -21.79 -28.84
CA ARG D 110 -29.83 -22.39 -27.80
C ARG D 110 -30.66 -22.67 -26.55
N VAL D 111 -31.50 -21.72 -26.15
CA VAL D 111 -32.41 -21.92 -25.01
C VAL D 111 -33.34 -23.11 -25.28
N ASP D 112 -33.96 -23.13 -26.46
CA ASP D 112 -34.86 -24.23 -26.82
C ASP D 112 -34.19 -25.57 -26.68
N ALA D 113 -32.94 -25.69 -27.11
CA ALA D 113 -32.26 -26.98 -27.08
C ALA D 113 -31.97 -27.39 -25.64
N VAL D 114 -31.34 -26.51 -24.88
CA VAL D 114 -30.99 -26.82 -23.50
C VAL D 114 -32.24 -27.09 -22.67
N VAL D 115 -33.39 -26.50 -23.05
CA VAL D 115 -34.64 -26.75 -22.33
C VAL D 115 -35.16 -28.15 -22.61
N LYS D 116 -35.27 -28.52 -23.89
CA LYS D 116 -35.59 -29.90 -24.22
C LYS D 116 -34.61 -30.85 -23.54
N ALA D 117 -33.39 -30.38 -23.26
CA ALA D 117 -32.34 -31.18 -22.67
C ALA D 117 -32.39 -31.19 -21.14
N LYS D 118 -33.44 -30.62 -20.53
CA LYS D 118 -33.75 -30.70 -19.10
C LYS D 118 -33.07 -29.65 -18.24
N VAL D 119 -32.60 -28.54 -18.81
CA VAL D 119 -31.76 -27.61 -18.06
C VAL D 119 -32.57 -26.98 -16.93
N ASP D 120 -31.97 -26.90 -15.74
CA ASP D 120 -32.72 -26.37 -14.62
C ASP D 120 -32.64 -24.87 -14.49
N VAL D 121 -31.54 -24.27 -14.92
CA VAL D 121 -31.33 -22.84 -14.78
C VAL D 121 -30.57 -22.32 -16.00
N ILE D 122 -31.02 -21.18 -16.50
CA ILE D 122 -30.37 -20.49 -17.61
C ILE D 122 -29.62 -19.31 -17.03
N VAL D 123 -28.41 -19.06 -17.54
CA VAL D 123 -27.66 -17.87 -17.16
C VAL D 123 -27.40 -17.05 -18.43
N LEU D 124 -28.03 -15.89 -18.51
CA LEU D 124 -27.84 -14.98 -19.64
C LEU D 124 -26.76 -13.98 -19.24
N ASP D 125 -25.51 -14.43 -19.29
CA ASP D 125 -24.41 -13.64 -18.76
C ASP D 125 -23.60 -13.02 -19.90
N THR D 126 -23.37 -11.71 -19.79
CA THR D 126 -22.61 -10.93 -20.76
C THR D 126 -21.71 -9.98 -19.99
N ALA D 127 -20.79 -9.33 -20.72
CA ALA D 127 -19.89 -8.38 -20.08
C ALA D 127 -20.66 -7.25 -19.39
N HIS D 128 -21.82 -6.86 -19.91
CA HIS D 128 -22.56 -5.73 -19.36
C HIS D 128 -24.04 -6.09 -19.29
N GLY D 129 -24.45 -6.69 -18.17
CA GLY D 129 -25.82 -7.12 -18.02
C GLY D 129 -26.80 -5.97 -17.88
N HIS D 130 -26.32 -4.81 -17.40
CA HIS D 130 -27.19 -3.63 -17.31
C HIS D 130 -27.35 -2.96 -18.69
N SER D 131 -27.95 -3.70 -19.63
CA SER D 131 -27.97 -3.29 -21.03
C SER D 131 -29.30 -3.66 -21.71
N LYS D 132 -29.61 -2.93 -22.79
CA LYS D 132 -30.84 -3.16 -23.53
C LYS D 132 -30.94 -4.62 -24.00
N GLY D 133 -29.90 -5.12 -24.68
CA GLY D 133 -29.91 -6.49 -25.14
C GLY D 133 -30.23 -7.50 -24.05
N VAL D 134 -29.51 -7.42 -22.92
CA VAL D 134 -29.77 -8.36 -21.84
C VAL D 134 -31.19 -8.24 -21.34
N ILE D 135 -31.64 -7.01 -21.10
CA ILE D 135 -32.97 -6.80 -20.54
C ILE D 135 -34.04 -7.32 -21.50
N GLU D 136 -33.93 -6.96 -22.79
CA GLU D 136 -34.83 -7.53 -23.80
C GLU D 136 -34.72 -9.06 -23.81
N GLY D 137 -33.50 -9.57 -23.71
CA GLY D 137 -33.29 -11.01 -23.78
C GLY D 137 -34.02 -11.75 -22.70
N VAL D 138 -33.93 -11.26 -21.45
CA VAL D 138 -34.68 -11.87 -20.35
C VAL D 138 -36.18 -11.83 -20.64
N LYS D 139 -36.70 -10.64 -20.99
CA LYS D 139 -38.13 -10.50 -21.25
C LYS D 139 -38.59 -11.49 -22.31
N ARG D 140 -37.81 -11.67 -23.37
CA ARG D 140 -38.20 -12.58 -24.44
C ARG D 140 -38.18 -14.03 -23.97
N ILE D 141 -37.20 -14.38 -23.14
CA ILE D 141 -37.09 -15.77 -22.70
C ILE D 141 -38.25 -16.14 -21.78
N LYS D 142 -38.51 -15.30 -20.76
CA LYS D 142 -39.57 -15.63 -19.80
C LYS D 142 -40.93 -15.65 -20.48
N ALA D 143 -41.15 -14.80 -21.49
CA ALA D 143 -42.41 -14.81 -22.21
C ALA D 143 -42.62 -16.15 -22.93
N LYS D 144 -41.55 -16.73 -23.46
CA LYS D 144 -41.68 -18.05 -24.06
C LYS D 144 -41.73 -19.15 -23.01
N TYR D 145 -40.86 -19.07 -21.99
CA TYR D 145 -40.77 -20.09 -20.94
C TYR D 145 -40.98 -19.42 -19.58
N PRO D 146 -42.21 -19.37 -19.07
CA PRO D 146 -42.45 -18.62 -17.84
C PRO D 146 -41.91 -19.31 -16.58
N GLU D 147 -41.78 -20.64 -16.59
CA GLU D 147 -41.33 -21.35 -15.42
C GLU D 147 -39.82 -21.54 -15.38
N LEU D 148 -39.16 -21.43 -16.53
CA LEU D 148 -37.72 -21.61 -16.60
C LEU D 148 -36.99 -20.54 -15.79
N GLN D 149 -36.17 -20.96 -14.84
CA GLN D 149 -35.45 -20.04 -13.99
C GLN D 149 -34.29 -19.42 -14.76
N VAL D 150 -34.18 -18.09 -14.67
CA VAL D 150 -33.24 -17.31 -15.46
C VAL D 150 -32.38 -16.45 -14.55
N ILE D 151 -31.06 -16.61 -14.66
CA ILE D 151 -30.07 -15.75 -14.02
C ILE D 151 -29.53 -14.80 -15.07
N ALA D 152 -29.53 -13.50 -14.77
CA ALA D 152 -28.96 -12.51 -15.68
C ALA D 152 -27.76 -11.83 -15.04
N GLY D 153 -26.80 -11.44 -15.88
CA GLY D 153 -25.65 -10.67 -15.42
C GLY D 153 -24.71 -10.40 -16.57
N ASN D 154 -23.53 -9.86 -16.27
CA ASN D 154 -23.10 -9.43 -14.94
C ASN D 154 -23.37 -7.94 -14.69
N ILE D 155 -23.62 -7.59 -13.43
CA ILE D 155 -23.95 -6.23 -13.03
C ILE D 155 -23.15 -5.87 -11.77
N ALA D 156 -23.30 -4.63 -11.36
CA ALA D 156 -22.55 -4.16 -10.21
C ALA D 156 -23.28 -3.08 -9.44
N THR D 157 -24.50 -2.69 -9.81
CA THR D 157 -25.22 -1.62 -9.17
C THR D 157 -26.59 -2.13 -8.75
N PRO D 158 -27.20 -1.50 -7.74
CA PRO D 158 -28.59 -1.86 -7.41
C PRO D 158 -29.58 -1.38 -8.45
N GLU D 159 -29.30 -0.27 -9.13
CA GLU D 159 -30.14 0.13 -10.26
C GLU D 159 -30.19 -0.96 -11.31
N ALA D 160 -29.10 -1.72 -11.43
CA ALA D 160 -29.06 -2.85 -12.36
C ALA D 160 -29.84 -4.04 -11.82
N VAL D 161 -29.83 -4.26 -10.51
CA VAL D 161 -30.66 -5.29 -9.90
C VAL D 161 -32.13 -4.99 -10.16
N ARG D 162 -32.55 -3.76 -9.85
CA ARG D 162 -33.92 -3.33 -10.02
C ARG D 162 -34.39 -3.56 -11.46
N ASP D 163 -33.57 -3.18 -12.43
CA ASP D 163 -34.01 -3.30 -13.83
C ASP D 163 -34.01 -4.73 -14.32
N LEU D 164 -33.08 -5.58 -13.85
CA LEU D 164 -33.12 -6.96 -14.32
C LEU D 164 -34.19 -7.77 -13.61
N ALA D 165 -34.53 -7.39 -12.37
CA ALA D 165 -35.68 -7.98 -11.71
C ALA D 165 -36.95 -7.66 -12.48
N GLU D 166 -37.10 -6.40 -12.89
CA GLU D 166 -38.28 -5.99 -13.66
C GLU D 166 -38.36 -6.75 -14.97
N ALA D 167 -37.22 -6.97 -15.64
CA ALA D 167 -37.19 -7.70 -16.90
C ALA D 167 -37.61 -9.15 -16.76
N GLY D 168 -37.72 -9.68 -15.53
CA GLY D 168 -38.12 -11.06 -15.30
C GLY D 168 -37.05 -11.99 -14.74
N ALA D 169 -35.87 -11.50 -14.38
CA ALA D 169 -34.82 -12.39 -13.89
C ALA D 169 -35.19 -12.96 -12.52
N ASP D 170 -34.88 -14.25 -12.32
CA ASP D 170 -35.11 -14.89 -11.02
C ASP D 170 -33.91 -14.83 -10.09
N CYS D 171 -32.76 -14.35 -10.55
CA CYS D 171 -31.52 -14.23 -9.79
C CYS D 171 -30.52 -13.46 -10.64
N VAL D 172 -29.74 -12.56 -10.03
CA VAL D 172 -28.80 -11.72 -10.76
C VAL D 172 -27.37 -12.03 -10.31
N LYS D 173 -26.42 -11.99 -11.24
CA LYS D 173 -25.04 -12.35 -11.00
C LYS D 173 -24.18 -11.08 -10.94
N VAL D 174 -23.49 -10.88 -9.81
CA VAL D 174 -22.73 -9.65 -9.56
C VAL D 174 -21.27 -9.89 -9.89
N GLY D 175 -20.64 -8.92 -10.57
CA GLY D 175 -19.23 -9.03 -10.83
C GLY D 175 -18.77 -8.38 -12.12
N ILE D 176 -18.31 -7.13 -12.07
CA ILE D 176 -17.67 -6.49 -13.21
C ILE D 176 -16.20 -6.28 -12.86
N GLY D 177 -15.35 -7.13 -13.41
CA GLY D 177 -13.93 -6.97 -13.23
C GLY D 177 -13.17 -7.74 -12.14
N PRO D 178 -13.84 -8.37 -11.16
CA PRO D 178 -13.04 -8.98 -10.08
C PRO D 178 -12.32 -10.25 -10.50
N GLY D 179 -12.60 -10.78 -11.69
CA GLY D 179 -12.10 -12.10 -12.04
C GLY D 179 -10.59 -12.14 -12.13
N SER D 180 -10.04 -13.31 -11.80
CA SER D 180 -8.59 -13.46 -11.78
C SER D 180 -7.98 -13.39 -13.18
N ILE D 181 -8.75 -13.73 -14.21
CA ILE D 181 -8.24 -13.69 -15.58
C ILE D 181 -8.79 -12.47 -16.32
N CYS D 182 -9.36 -11.51 -15.62
CA CYS D 182 -10.18 -10.47 -16.21
C CYS D 182 -9.40 -9.16 -16.30
N THR D 183 -9.44 -8.50 -17.46
CA THR D 183 -8.79 -7.20 -17.67
C THR D 183 -9.77 -6.07 -17.96
N THR D 184 -11.07 -6.30 -17.74
CA THR D 184 -12.10 -5.30 -18.02
C THR D 184 -11.79 -3.96 -17.38
N ARG D 185 -11.40 -3.97 -16.10
CA ARG D 185 -11.11 -2.72 -15.37
C ARG D 185 -9.91 -2.02 -15.96
N ILE D 186 -8.97 -2.79 -16.50
CA ILE D 186 -7.73 -2.21 -16.98
C ILE D 186 -7.91 -1.65 -18.38
N VAL D 187 -8.60 -2.37 -19.27
CA VAL D 187 -8.73 -1.90 -20.65
C VAL D 187 -9.90 -0.92 -20.85
N ALA D 188 -10.95 -1.02 -20.05
CA ALA D 188 -12.09 -0.10 -20.19
C ALA D 188 -12.22 0.88 -19.04
N GLY D 189 -11.50 0.68 -17.94
CA GLY D 189 -11.54 1.55 -16.78
C GLY D 189 -12.74 1.38 -15.88
N VAL D 190 -13.49 0.29 -15.99
CA VAL D 190 -14.86 0.18 -15.51
C VAL D 190 -14.98 -0.99 -14.52
N GLY D 191 -15.67 -0.76 -13.43
CA GLY D 191 -15.92 -1.80 -12.45
C GLY D 191 -16.18 -1.32 -11.04
N VAL D 192 -16.42 -2.27 -10.16
CA VAL D 192 -16.64 -1.97 -8.77
C VAL D 192 -15.98 -3.06 -7.94
N PRO D 193 -15.24 -2.64 -6.85
CA PRO D 193 -14.64 -3.73 -6.06
C PRO D 193 -15.76 -4.67 -5.62
N GLN D 194 -15.51 -5.95 -5.75
CA GLN D 194 -16.50 -6.98 -5.58
C GLN D 194 -17.26 -7.05 -4.29
N LEU D 195 -16.61 -6.82 -3.18
CA LEU D 195 -17.35 -6.88 -1.92
C LEU D 195 -18.41 -5.77 -1.86
N THR D 196 -18.02 -4.53 -2.13
CA THR D 196 -19.00 -3.44 -2.14
C THR D 196 -20.08 -3.69 -3.19
N ALA D 197 -19.70 -4.19 -4.37
CA ALA D 197 -20.68 -4.54 -5.39
C ALA D 197 -21.69 -5.54 -4.86
N VAL D 198 -21.20 -6.61 -4.22
CA VAL D 198 -22.10 -7.66 -3.75
C VAL D 198 -23.01 -7.12 -2.65
N MET D 199 -22.46 -6.32 -1.74
CA MET D 199 -23.31 -5.72 -0.71
C MET D 199 -24.43 -4.87 -1.33
N ASP D 200 -24.05 -3.87 -2.14
CA ASP D 200 -25.03 -2.91 -2.68
C ASP D 200 -26.13 -3.59 -3.46
N CYS D 201 -25.77 -4.62 -4.25
CA CYS D 201 -26.73 -5.37 -5.05
C CYS D 201 -27.53 -6.36 -4.21
N ALA D 202 -26.89 -6.98 -3.22
CA ALA D 202 -27.62 -7.85 -2.31
C ALA D 202 -28.65 -7.07 -1.50
N GLU D 203 -28.28 -5.86 -1.07
CA GLU D 203 -29.24 -4.97 -0.43
C GLU D 203 -30.51 -4.82 -1.30
N GLU D 204 -30.34 -4.46 -2.57
CA GLU D 204 -31.49 -4.22 -3.44
C GLU D 204 -32.20 -5.52 -3.81
N GLY D 205 -31.44 -6.58 -4.11
CA GLY D 205 -32.09 -7.83 -4.48
C GLY D 205 -32.95 -8.37 -3.37
N LYS D 206 -32.51 -8.22 -2.10
CA LYS D 206 -33.28 -8.74 -0.98
C LYS D 206 -34.58 -7.97 -0.77
N LYS D 207 -34.54 -6.63 -0.92
CA LYS D 207 -35.78 -5.86 -0.78
C LYS D 207 -36.80 -6.26 -1.84
N LEU D 208 -36.32 -6.65 -3.02
CA LEU D 208 -37.17 -7.12 -4.10
C LEU D 208 -37.43 -8.61 -4.04
N GLY D 209 -36.73 -9.33 -3.16
CA GLY D 209 -36.90 -10.77 -3.07
C GLY D 209 -36.17 -11.55 -4.14
N ILE D 210 -35.08 -11.00 -4.67
CA ILE D 210 -34.33 -11.61 -5.76
C ILE D 210 -32.93 -11.92 -5.24
N PRO D 211 -32.47 -13.16 -5.37
CA PRO D 211 -31.10 -13.49 -4.92
C PRO D 211 -30.05 -12.90 -5.83
N VAL D 212 -28.82 -12.81 -5.32
CA VAL D 212 -27.68 -12.32 -6.08
C VAL D 212 -26.50 -13.26 -5.90
N ILE D 213 -25.72 -13.42 -6.97
CA ILE D 213 -24.57 -14.31 -6.98
C ILE D 213 -23.29 -13.47 -6.92
N ALA D 214 -22.37 -13.86 -6.05
CA ALA D 214 -21.06 -13.22 -5.95
C ALA D 214 -20.12 -13.94 -6.90
N ASP D 215 -19.85 -13.35 -8.06
CA ASP D 215 -19.19 -14.04 -9.16
C ASP D 215 -17.85 -13.40 -9.43
N GLY D 216 -16.76 -14.11 -9.11
CA GLY D 216 -15.41 -13.71 -9.45
C GLY D 216 -14.63 -13.09 -8.30
N GLY D 217 -13.30 -13.23 -8.36
CA GLY D 217 -12.43 -12.64 -7.36
C GLY D 217 -12.25 -13.46 -6.09
N LEU D 218 -12.97 -14.57 -5.95
CA LEU D 218 -12.82 -15.43 -4.79
C LEU D 218 -11.55 -16.23 -4.92
N LYS D 219 -10.78 -16.27 -3.88
CA LYS D 219 -9.52 -17.01 -3.95
C LYS D 219 -9.36 -17.97 -2.78
N TYR D 220 -9.85 -17.61 -1.61
CA TYR D 220 -9.76 -18.48 -0.44
C TYR D 220 -11.16 -18.69 0.14
N SER D 221 -11.27 -19.66 1.05
CA SER D 221 -12.55 -19.92 1.69
C SER D 221 -13.05 -18.71 2.47
N GLY D 222 -12.16 -18.04 3.20
CA GLY D 222 -12.55 -16.82 3.90
C GLY D 222 -13.23 -15.83 2.99
N ASP D 223 -12.78 -15.72 1.74
CA ASP D 223 -13.43 -14.83 0.79
C ASP D 223 -14.89 -15.23 0.62
N ILE D 224 -15.17 -16.52 0.47
CA ILE D 224 -16.55 -16.93 0.25
C ILE D 224 -17.42 -16.49 1.40
N VAL D 225 -16.94 -16.71 2.64
CA VAL D 225 -17.67 -16.32 3.85
C VAL D 225 -18.06 -14.85 3.80
N LYS D 226 -17.13 -14.00 3.38
CA LYS D 226 -17.40 -12.56 3.30
C LYS D 226 -18.54 -12.27 2.33
N ALA D 227 -18.50 -12.90 1.15
CA ALA D 227 -19.55 -12.69 0.15
C ALA D 227 -20.90 -13.08 0.71
N LEU D 228 -20.94 -14.21 1.41
CA LEU D 228 -22.20 -14.68 1.96
C LEU D 228 -22.71 -13.75 3.06
N ALA D 229 -21.82 -13.33 3.96
CA ALA D 229 -22.20 -12.38 4.99
C ALA D 229 -22.66 -11.05 4.38
N ALA D 230 -22.16 -10.72 3.18
CA ALA D 230 -22.63 -9.53 2.48
C ALA D 230 -24.04 -9.73 1.92
N GLY D 231 -24.53 -10.96 1.82
CA GLY D 231 -25.87 -11.25 1.40
C GLY D 231 -26.00 -11.98 0.08
N ALA D 232 -24.88 -12.38 -0.53
CA ALA D 232 -24.92 -13.23 -1.70
C ALA D 232 -25.62 -14.55 -1.37
N CYS D 233 -26.28 -15.13 -2.36
CA CYS D 233 -26.94 -16.40 -2.13
C CYS D 233 -26.05 -17.58 -2.47
N ALA D 234 -24.99 -17.37 -3.25
CA ALA D 234 -24.06 -18.41 -3.65
C ALA D 234 -22.89 -17.75 -4.35
N ALA D 235 -21.77 -18.44 -4.36
CA ALA D 235 -20.51 -17.88 -4.83
C ALA D 235 -20.08 -18.63 -6.07
N MET D 236 -19.72 -17.90 -7.13
CA MET D 236 -19.28 -18.50 -8.36
C MET D 236 -17.78 -18.33 -8.46
N MET D 237 -17.09 -19.40 -8.80
CA MET D 237 -15.64 -19.43 -8.83
C MET D 237 -15.18 -20.01 -10.16
N GLY D 238 -14.10 -19.46 -10.70
CA GLY D 238 -13.47 -20.10 -11.83
C GLY D 238 -12.14 -20.69 -11.43
N SER D 239 -11.22 -19.81 -11.04
CA SER D 239 -9.84 -20.19 -10.79
C SER D 239 -9.74 -21.29 -9.73
N ILE D 240 -10.59 -21.24 -8.71
CA ILE D 240 -10.53 -22.24 -7.64
C ILE D 240 -10.85 -23.63 -8.18
N PHE D 241 -11.71 -23.72 -9.20
CA PHE D 241 -12.13 -25.00 -9.75
C PHE D 241 -11.40 -25.39 -11.02
N ALA D 242 -10.74 -24.44 -11.69
CA ALA D 242 -10.16 -24.72 -12.99
C ALA D 242 -8.98 -25.69 -12.90
N GLY D 243 -8.42 -25.87 -11.72
CA GLY D 243 -7.30 -26.78 -11.56
C GLY D 243 -7.67 -28.23 -11.40
N CYS D 244 -8.95 -28.50 -11.14
CA CYS D 244 -9.47 -29.84 -10.88
C CYS D 244 -9.56 -30.82 -12.05
N GLU D 245 -9.61 -32.12 -11.75
CA GLU D 245 -9.64 -33.15 -12.79
C GLU D 245 -10.84 -33.00 -13.69
N GLU D 246 -11.92 -32.82 -13.15
CA GLU D 246 -13.17 -32.65 -13.86
C GLU D 246 -13.16 -31.53 -14.88
N ALA D 247 -12.43 -30.33 -14.57
CA ALA D 247 -12.41 -29.23 -15.50
C ALA D 247 -11.92 -29.72 -16.86
N PRO D 248 -12.40 -29.13 -17.96
CA PRO D 248 -11.89 -29.49 -19.28
C PRO D 248 -10.42 -29.13 -19.42
N GLY D 249 -9.80 -29.69 -20.46
CA GLY D 249 -8.42 -29.40 -20.74
C GLY D 249 -7.47 -30.47 -20.25
N ALA D 250 -6.53 -30.85 -21.10
CA ALA D 250 -5.49 -31.77 -20.69
C ALA D 250 -4.56 -31.09 -19.69
N ILE D 251 -3.72 -31.90 -19.04
CA ILE D 251 -2.83 -31.44 -17.99
C ILE D 251 -1.45 -31.23 -18.60
N GLU D 252 -1.13 -29.98 -18.93
CA GLU D 252 0.24 -29.66 -19.32
C GLU D 252 1.16 -29.72 -18.10
N ILE D 253 2.40 -30.14 -18.32
CA ILE D 253 3.36 -30.27 -17.24
C ILE D 253 4.59 -29.46 -17.57
N TYR D 254 5.14 -28.79 -16.56
CA TYR D 254 6.19 -27.79 -16.75
C TYR D 254 7.18 -27.92 -15.59
N GLN D 255 8.39 -28.40 -15.89
CA GLN D 255 9.46 -28.55 -14.91
C GLN D 255 8.97 -29.34 -13.68
N GLY D 256 8.59 -30.59 -13.94
CA GLY D 256 8.18 -31.49 -12.88
C GLY D 256 6.92 -31.11 -12.13
N ARG D 257 6.13 -30.16 -12.64
CA ARG D 257 4.89 -29.76 -12.00
C ARG D 257 3.77 -29.68 -13.02
N SER D 258 2.59 -30.17 -12.65
CA SER D 258 1.45 -30.21 -13.55
C SER D 258 0.60 -28.94 -13.42
N TYR D 259 -0.03 -28.56 -14.53
CA TYR D 259 -0.91 -27.39 -14.58
C TYR D 259 -2.06 -27.65 -15.56
N LYS D 260 -3.03 -26.74 -15.55
CA LYS D 260 -4.16 -26.76 -16.48
C LYS D 260 -4.39 -25.38 -17.07
N VAL D 261 -4.72 -25.33 -18.36
CA VAL D 261 -4.98 -24.05 -19.00
C VAL D 261 -6.18 -23.40 -18.36
N TYR D 262 -6.03 -22.14 -17.95
CA TYR D 262 -7.13 -21.32 -17.47
C TYR D 262 -7.07 -19.99 -18.21
N ARG D 263 -8.18 -19.63 -18.87
CA ARG D 263 -8.24 -18.48 -19.75
C ARG D 263 -9.55 -17.73 -19.53
N GLY D 264 -9.52 -16.42 -19.77
CA GLY D 264 -10.75 -15.66 -19.83
C GLY D 264 -11.62 -16.07 -21.01
N MET D 265 -12.93 -15.96 -20.82
CA MET D 265 -13.83 -16.17 -21.93
C MET D 265 -13.75 -15.04 -22.95
N GLY D 266 -13.30 -13.86 -22.52
CA GLY D 266 -13.07 -12.76 -23.43
C GLY D 266 -11.60 -12.61 -23.73
N SER D 267 -10.85 -13.70 -23.63
CA SER D 267 -9.46 -13.70 -24.04
C SER D 267 -9.37 -14.14 -25.49
N LEU D 268 -8.27 -13.79 -26.14
CA LEU D 268 -8.08 -14.16 -27.54
C LEU D 268 -8.25 -15.66 -27.76
N GLY D 269 -7.77 -16.47 -26.80
CA GLY D 269 -7.91 -17.90 -26.93
C GLY D 269 -9.35 -18.34 -27.01
N ALA D 270 -10.17 -17.98 -26.01
CA ALA D 270 -11.55 -18.47 -25.96
C ALA D 270 -12.38 -17.96 -27.12
N MET D 271 -12.18 -16.69 -27.52
CA MET D 271 -13.01 -16.10 -28.56
C MET D 271 -12.70 -16.65 -29.94
N ALA D 272 -11.53 -17.25 -30.14
CA ALA D 272 -11.20 -17.84 -31.44
C ALA D 272 -11.83 -19.22 -31.60
N LYS D 286 -8.70 -8.22 -34.82
CA LYS D 286 -9.93 -7.42 -34.78
C LYS D 286 -10.58 -7.50 -33.39
N PHE D 287 -10.27 -8.56 -32.65
CA PHE D 287 -10.73 -8.67 -31.26
C PHE D 287 -10.00 -7.65 -30.38
N VAL D 288 -10.76 -7.03 -29.47
CA VAL D 288 -10.16 -6.27 -28.36
C VAL D 288 -10.49 -7.01 -27.07
N PRO D 289 -9.61 -7.92 -26.62
CA PRO D 289 -9.95 -8.83 -25.53
C PRO D 289 -10.14 -8.13 -24.21
N GLU D 290 -10.78 -8.84 -23.27
CA GLU D 290 -10.99 -8.32 -21.92
C GLU D 290 -10.65 -9.37 -20.86
N GLY D 291 -9.90 -10.41 -21.25
CA GLY D 291 -9.32 -11.35 -20.31
C GLY D 291 -7.95 -11.79 -20.77
N VAL D 292 -7.32 -12.62 -19.94
CA VAL D 292 -6.03 -13.20 -20.33
C VAL D 292 -6.14 -14.71 -20.36
N GLU D 293 -5.04 -15.38 -20.68
CA GLU D 293 -4.99 -16.84 -20.80
C GLU D 293 -3.73 -17.31 -20.10
N GLY D 294 -3.82 -18.41 -19.38
CA GLY D 294 -2.68 -18.82 -18.58
C GLY D 294 -2.81 -20.23 -18.05
N ARG D 295 -2.02 -20.52 -17.03
CA ARG D 295 -1.93 -21.85 -16.44
C ARG D 295 -1.96 -21.73 -14.92
N ILE D 296 -2.68 -22.64 -14.27
CA ILE D 296 -2.76 -22.72 -12.82
C ILE D 296 -2.44 -24.15 -12.43
N ALA D 297 -1.89 -24.31 -11.23
CA ALA D 297 -1.41 -25.61 -10.79
C ALA D 297 -2.55 -26.60 -10.62
N TYR D 298 -2.25 -27.88 -10.85
CA TYR D 298 -3.26 -28.92 -10.80
C TYR D 298 -3.70 -29.15 -9.37
N LYS D 299 -5.02 -29.11 -9.12
CA LYS D 299 -5.61 -29.06 -7.78
C LYS D 299 -6.01 -30.42 -7.23
N GLY D 300 -6.05 -31.45 -8.08
CA GLY D 300 -6.56 -32.73 -7.66
C GLY D 300 -7.99 -32.98 -8.07
N HIS D 301 -8.73 -33.74 -7.25
CA HIS D 301 -10.14 -34.02 -7.52
C HIS D 301 -11.00 -32.95 -6.86
N LEU D 302 -12.18 -32.71 -7.44
CA LEU D 302 -13.03 -31.59 -7.01
C LEU D 302 -13.57 -31.81 -5.60
N ALA D 303 -13.81 -33.07 -5.22
CA ALA D 303 -14.32 -33.35 -3.88
C ALA D 303 -13.41 -32.76 -2.81
N ASP D 304 -12.10 -32.97 -2.94
CA ASP D 304 -11.20 -32.50 -1.88
C ASP D 304 -11.15 -30.99 -1.84
N THR D 305 -11.13 -30.33 -3.01
CA THR D 305 -11.18 -28.87 -3.03
C THR D 305 -12.45 -28.35 -2.38
N ILE D 306 -13.58 -29.00 -2.63
CA ILE D 306 -14.85 -28.52 -2.10
C ILE D 306 -14.93 -28.76 -0.58
N TYR D 307 -14.49 -29.93 -0.13
CA TYR D 307 -14.39 -30.19 1.31
C TYR D 307 -13.67 -29.05 2.03
N GLN D 308 -12.49 -28.66 1.56
CA GLN D 308 -11.76 -27.60 2.22
C GLN D 308 -12.50 -26.27 2.18
N LEU D 309 -13.25 -25.98 1.10
CA LEU D 309 -13.98 -24.73 1.05
C LEU D 309 -15.17 -24.76 2.00
N ILE D 310 -15.87 -25.89 2.07
CA ILE D 310 -16.99 -26.07 2.99
C ILE D 310 -16.55 -25.86 4.43
N GLY D 311 -15.38 -26.38 4.79
CA GLY D 311 -14.95 -26.30 6.17
C GLY D 311 -14.60 -24.89 6.60
N GLY D 312 -14.00 -24.11 5.70
CA GLY D 312 -13.77 -22.70 6.00
C GLY D 312 -15.07 -21.97 6.26
N ILE D 313 -16.05 -22.16 5.37
CA ILE D 313 -17.37 -21.53 5.54
C ILE D 313 -17.97 -21.93 6.87
N LYS D 314 -18.00 -23.23 7.15
CA LYS D 314 -18.54 -23.72 8.41
C LYS D 314 -17.76 -23.16 9.59
N SER D 315 -16.44 -23.01 9.43
CA SER D 315 -15.62 -22.45 10.49
C SER D 315 -15.93 -20.97 10.68
N GLY D 316 -16.02 -20.22 9.57
CA GLY D 316 -16.38 -18.81 9.66
C GLY D 316 -17.73 -18.60 10.31
N MET D 317 -18.69 -19.51 10.04
CA MET D 317 -20.00 -19.36 10.62
C MET D 317 -20.00 -19.69 12.11
N GLY D 318 -19.19 -20.68 12.51
CA GLY D 318 -18.92 -20.88 13.93
C GLY D 318 -18.46 -19.61 14.61
N TYR D 319 -17.40 -18.98 14.07
CA TYR D 319 -16.93 -17.71 14.62
C TYR D 319 -18.04 -16.68 14.77
N LEU D 320 -18.94 -16.59 13.79
CA LEU D 320 -20.01 -15.61 13.83
C LEU D 320 -21.29 -16.13 14.47
N GLY D 321 -21.31 -17.39 14.89
CA GLY D 321 -22.43 -17.91 15.67
C GLY D 321 -23.72 -17.99 14.90
N ALA D 322 -23.64 -18.23 13.59
CA ALA D 322 -24.78 -18.23 12.68
C ALA D 322 -25.11 -19.65 12.24
N PRO D 323 -26.27 -20.21 12.62
CA PRO D 323 -26.62 -21.57 12.16
C PRO D 323 -26.92 -21.63 10.68
N THR D 324 -27.27 -20.50 10.07
CA THR D 324 -27.70 -20.45 8.67
C THR D 324 -27.09 -19.25 7.98
N LEU D 325 -27.11 -19.28 6.65
CA LEU D 325 -26.54 -18.18 5.88
C LEU D 325 -27.30 -16.88 6.11
N GLU D 326 -28.61 -16.97 6.29
CA GLU D 326 -29.41 -15.78 6.57
C GLU D 326 -28.98 -15.13 7.89
N ASN D 327 -28.89 -15.90 8.97
CA ASN D 327 -28.46 -15.33 10.24
C ASN D 327 -27.05 -14.77 10.14
N LEU D 328 -26.21 -15.35 9.29
CA LEU D 328 -24.86 -14.81 9.10
C LEU D 328 -24.90 -13.45 8.40
N TYR D 329 -25.77 -13.29 7.40
CA TYR D 329 -25.95 -12.01 6.74
C TYR D 329 -26.40 -10.94 7.73
N GLU D 330 -27.43 -11.25 8.54
CA GLU D 330 -28.00 -10.26 9.46
C GLU D 330 -27.04 -9.83 10.56
N ASN D 331 -26.16 -10.72 11.03
CA ASN D 331 -25.39 -10.47 12.25
C ASN D 331 -23.91 -10.26 11.97
N ALA D 332 -23.53 -10.03 10.73
CA ALA D 332 -22.11 -9.86 10.41
C ALA D 332 -21.72 -8.40 10.59
N ASN D 333 -20.54 -8.20 11.16
CA ASN D 333 -19.94 -6.90 11.35
C ASN D 333 -18.60 -6.90 10.62
N PHE D 334 -18.48 -6.05 9.62
CA PHE D 334 -17.25 -5.90 8.86
C PHE D 334 -16.39 -4.81 9.48
N VAL D 335 -15.10 -4.95 9.29
CA VAL D 335 -14.15 -3.95 9.74
C VAL D 335 -13.10 -3.86 8.65
N VAL D 336 -12.62 -2.65 8.38
CA VAL D 336 -11.61 -2.43 7.34
C VAL D 336 -10.23 -2.72 7.91
N GLN D 337 -9.43 -3.47 7.17
CA GLN D 337 -8.02 -3.66 7.48
C GLN D 337 -7.15 -2.98 6.44
N THR D 338 -6.13 -2.25 6.90
CA THR D 338 -5.13 -1.63 6.03
C THR D 338 -4.22 -2.71 5.42
N SER D 339 -3.26 -2.27 4.62
CA SER D 339 -2.31 -3.21 4.04
C SER D 339 -1.41 -3.87 5.09
N ALA D 340 -1.21 -3.22 6.25
CA ALA D 340 -0.52 -3.93 7.34
C ALA D 340 -1.44 -4.92 8.04
N GLY D 341 -2.73 -4.63 8.16
CA GLY D 341 -3.64 -5.65 8.68
C GLY D 341 -3.64 -6.87 7.80
N PHE D 342 -3.65 -6.64 6.48
CA PHE D 342 -3.63 -7.71 5.51
C PHE D 342 -2.39 -8.58 5.69
N ARG D 343 -1.22 -7.95 5.81
CA ARG D 343 0.03 -8.68 6.05
C ARG D 343 -0.01 -9.47 7.35
N GLU D 344 -0.63 -8.91 8.40
CA GLU D 344 -0.78 -9.65 9.65
C GLU D 344 -1.80 -10.79 9.52
N SER D 345 -2.75 -10.66 8.56
CA SER D 345 -3.81 -11.65 8.41
C SER D 345 -3.29 -12.91 7.74
N HIS D 346 -2.49 -12.75 6.71
CA HIS D 346 -1.80 -13.85 6.10
C HIS D 346 -0.67 -14.32 7.02
N PRO D 347 -0.22 -15.56 6.88
CA PRO D 347 1.01 -15.96 7.58
C PRO D 347 2.15 -15.01 7.24
N HIS D 348 3.01 -14.79 8.22
CA HIS D 348 4.10 -13.85 8.01
C HIS D 348 5.32 -14.35 8.74
N ASP D 349 6.49 -13.99 8.21
CA ASP D 349 7.76 -14.25 8.87
C ASP D 349 7.89 -15.72 9.24
N ILE D 350 7.66 -16.58 8.24
CA ILE D 350 7.76 -18.03 8.40
C ILE D 350 8.06 -18.65 7.04
N ASN D 351 9.10 -19.48 6.97
CA ASN D 351 9.39 -20.24 5.75
C ASN D 351 8.49 -21.46 5.77
N ILE D 352 7.33 -21.34 5.13
CA ILE D 352 6.41 -22.46 5.06
C ILE D 352 7.06 -23.61 4.32
N THR D 353 7.05 -24.79 4.93
CA THR D 353 7.75 -25.95 4.39
C THR D 353 6.84 -27.12 4.04
N LYS D 354 5.54 -27.06 4.36
CA LYS D 354 4.60 -28.11 4.02
C LYS D 354 3.31 -27.50 3.47
N GLU D 355 2.66 -28.23 2.58
CA GLU D 355 1.52 -27.72 1.84
C GLU D 355 0.26 -27.81 2.71
N ALA D 356 -0.28 -26.67 3.08
CA ALA D 356 -1.60 -26.65 3.68
C ALA D 356 -2.65 -26.91 2.62
N PRO D 357 -3.64 -27.77 2.88
CA PRO D 357 -4.64 -28.06 1.82
C PRO D 357 -5.49 -26.86 1.44
N ASN D 358 -5.57 -25.84 2.29
CA ASN D 358 -6.45 -24.70 2.06
C ASN D 358 -5.68 -23.37 1.99
N TYR D 359 -4.41 -23.40 1.59
CA TYR D 359 -3.62 -22.15 1.52
C TYR D 359 -2.50 -22.26 0.50
N SER D 360 -2.61 -21.45 -0.56
CA SER D 360 -1.50 -21.10 -1.46
C SER D 360 -0.61 -22.27 -1.84
P IMP E . 19.23 10.25 7.34
O1P IMP E . 19.65 11.49 6.68
O2P IMP E . 17.87 9.91 6.88
O3P IMP E . 20.15 9.18 6.94
O5' IMP E . 19.17 10.48 8.91
C5' IMP E . 20.27 10.89 9.69
C4' IMP E . 19.78 11.20 11.09
O4' IMP E . 19.48 10.01 11.83
C3' IMP E . 20.80 11.90 11.95
O3' IMP E . 20.69 13.30 11.80
C2' IMP E . 20.39 11.55 13.34
O2' IMP E . 19.43 12.47 13.74
C1' IMP E . 19.70 10.22 13.23
N9 IMP E . 20.48 9.05 13.70
C8 IMP E . 21.78 8.82 13.59
N7 IMP E . 22.07 7.63 14.12
C5 IMP E . 20.94 7.10 14.56
C6 IMP E . 20.60 5.92 15.19
O6 IMP E . 21.45 5.05 15.44
N1 IMP E . 19.33 5.68 15.52
C2 IMP E . 18.39 6.59 15.24
N3 IMP E . 18.68 7.73 14.64
C4 IMP E . 19.94 8.00 14.30
C1 8L1 F . 21.21 5.49 21.12
C2 8L1 F . 22.55 5.85 21.02
C3 8L1 F . 22.94 6.89 20.17
C8 8L1 F . 19.84 8.95 17.96
C7 8L1 F . 19.58 7.90 18.73
C4 8L1 F . 21.98 7.57 19.41
C5 8L1 F . 20.64 7.19 19.51
C6 8L1 F . 20.26 6.16 20.36
C10 8L1 F . 19.07 5.48 23.47
C11 8L1 F . 20.81 4.37 22.04
C12 8L1 F . 21.89 4.30 23.13
C13 8L1 F . 20.79 3.07 21.25
C17 8L1 F . 17.00 6.09 24.64
C18 8L1 F . 17.51 7.18 25.32
C19 8L1 F . 16.73 7.94 26.18
C20 8L1 F . 15.39 7.60 26.38
C21 8L1 F . 14.87 6.51 25.71
C22 8L1 F . 15.66 5.74 24.85
C24 8L1 F . 17.45 9.10 26.81
C26 8L1 F . 18.02 11.37 27.90
C27 8L1 F . 19.02 10.43 27.64
C29 8L1 F . 20.41 10.77 28.01
F1 8L1 F . 21.04 11.20 26.93
F2 8L1 F . 21.06 9.75 28.54
F3 8L1 F . 20.27 11.72 28.92
N1 8L1 F . 18.33 7.46 18.83
N3 8L1 F . 19.50 4.55 22.60
N4 8L1 F . 17.77 5.33 23.80
N5 8L1 F . 18.77 9.23 27.06
O1 8L1 F . 17.27 8.06 18.15
O2 8L1 F . 19.82 6.36 23.88
S 8L1 F . 16.63 10.55 27.32
CL 8L1 F . 14.34 8.54 27.49
K K G . 6.62 10.63 -12.63
P IMP H . 4.02 9.45 -20.49
O1P IMP H . 2.95 9.39 -21.50
O2P IMP H . 3.50 8.87 -19.24
O3P IMP H . 5.17 8.67 -20.97
O5' IMP H . 4.41 10.96 -20.26
C5' IMP H . 4.84 11.80 -21.32
C4' IMP H . 4.69 13.25 -20.91
O4' IMP H . 5.63 13.62 -19.92
C3' IMP H . 4.93 14.19 -22.06
O3' IMP H . 3.71 14.54 -22.70
C2' IMP H . 5.45 15.42 -21.39
O2' IMP H . 4.31 16.20 -21.06
C1' IMP H . 6.07 14.96 -20.09
N9 IMP H . 7.56 14.97 -20.07
C8 IMP H . 8.37 14.65 -21.06
N7 IMP H . 9.64 14.75 -20.64
C5 IMP H . 9.62 15.14 -19.36
C6 IMP H . 10.59 15.41 -18.41
O6 IMP H . 11.79 15.30 -18.66
N1 IMP H . 10.22 15.77 -17.19
C2 IMP H . 8.94 15.89 -16.88
N3 IMP H . 7.99 15.65 -17.77
C4 IMP H . 8.29 15.27 -19.02
C1 8L1 I . 13.12 20.78 -18.11
C2 8L1 I . 13.43 20.71 -19.46
C3 8L1 I . 12.50 20.19 -20.36
C8 8L1 I . 8.64 18.96 -18.77
C7 8L1 I . 9.66 19.32 -18.00
C4 8L1 I . 11.25 19.73 -19.91
C5 8L1 I . 10.96 19.79 -18.56
C6 8L1 I . 11.89 20.30 -17.67
C10 8L1 I . 12.83 23.03 -15.84
C11 8L1 I . 14.10 21.28 -17.09
C12 8L1 I . 15.13 22.22 -17.72
C13 8L1 I . 14.85 20.02 -16.69
C17 8L1 I . 11.65 24.43 -14.23
C18 8L1 I . 11.39 25.50 -15.08
C19 8L1 I . 10.71 26.64 -14.67
C20 8L1 I . 10.27 26.69 -13.35
C21 8L1 I . 10.53 25.62 -12.49
C22 8L1 I . 11.22 24.49 -12.91
C24 8L1 I . 10.48 27.68 -15.74
C26 8L1 I . 9.55 29.67 -17.17
C27 8L1 I . 10.58 28.86 -17.67
C29 8L1 I . 11.13 29.17 -19.03
F1 8L1 I . 11.19 28.06 -19.75
F2 8L1 I . 12.34 29.69 -18.95
F3 8L1 I . 10.29 30.01 -19.59
N1 8L1 I . 9.54 19.24 -16.68
N3 8L1 I . 13.45 21.84 -15.92
N4 8L1 I . 12.33 23.31 -14.63
N5 8L1 I . 11.08 27.81 -16.96
O1 8L1 I . 8.37 18.81 -16.07
O2 8L1 I . 12.74 23.78 -16.80
S 8L1 I . 9.26 28.94 -15.63
CL 8L1 I . 9.38 28.09 -12.65
K K J . -9.31 -8.53 -12.54
C1 GOL K . -20.31 15.22 -12.86
O1 GOL K . -19.79 15.98 -13.95
C2 GOL K . -21.47 14.38 -13.35
O2 GOL K . -22.60 15.22 -13.58
C3 GOL K . -21.79 13.25 -12.36
O3 GOL K . -22.60 12.26 -12.97
P IMP L . 2.87 -15.51 16.93
O1P IMP L . 2.59 -14.38 16.02
O2P IMP L . 3.79 -16.45 16.31
O3P IMP L . 3.43 -14.90 18.16
O5' IMP L . 1.47 -16.20 17.25
C5' IMP L . 1.31 -17.32 18.08
C4' IMP L . -0.12 -17.33 18.60
O4' IMP L . -1.02 -17.74 17.60
C3' IMP L . -0.34 -18.32 19.73
O3' IMP L . -0.17 -17.66 20.97
C2' IMP L . -1.79 -18.67 19.60
O2' IMP L . -2.49 -17.67 20.33
C1' IMP L . -2.08 -18.54 18.12
N9 IMP L . -2.02 -19.81 17.36
C8 IMP L . -1.27 -20.87 17.60
N7 IMP L . -1.48 -21.78 16.64
C5 IMP L . -2.37 -21.28 15.78
C6 IMP L . -2.97 -21.74 14.62
O6 IMP L . -2.71 -22.85 14.16
N1 IMP L . -3.85 -20.96 13.98
C2 IMP L . -4.14 -19.76 14.45
N3 IMP L . -3.58 -19.29 15.56
C4 IMP L . -2.70 -20.03 16.25
C1 8L1 M . -7.75 -25.38 15.36
C2 8L1 M . -6.89 -26.18 16.11
C3 8L1 M . -6.00 -25.61 17.01
C8 8L1 M . -6.18 -21.29 17.61
C7 8L1 M . -6.76 -21.91 16.59
C4 8L1 M . -5.95 -24.23 17.18
C5 8L1 M . -6.79 -23.41 16.44
C6 8L1 M . -7.68 -23.99 15.52
C10 8L1 M . -10.86 -24.86 14.89
C11 8L1 M . -8.68 -26.01 14.36
C12 8L1 M . -9.05 -27.42 14.80
C13 8L1 M . -7.91 -26.14 13.06
C17 8L1 M . -12.94 -23.57 14.87
C18 8L1 M . -13.32 -23.83 16.18
C19 8L1 M . -14.49 -23.32 16.72
C20 8L1 M . -15.30 -22.52 15.93
C21 8L1 M . -14.94 -22.25 14.61
C22 8L1 M . -13.77 -22.77 14.09
C24 8L1 M . -14.72 -23.71 18.16
C26 8L1 M . -15.41 -23.69 20.67
C27 8L1 M . -14.72 -24.76 20.13
C29 8L1 M . -14.38 -25.90 21.03
F1 8L1 M . -13.08 -26.17 20.92
F2 8L1 M . -15.07 -26.96 20.66
F3 8L1 M . -14.65 -25.54 22.27
N1 8L1 M . -7.33 -21.16 15.65
N3 8L1 M . -9.85 -25.18 14.09
N4 8L1 M . -11.78 -24.07 14.32
N5 8L1 M . -14.32 -24.81 18.84
O1 8L1 M . -7.33 -19.77 15.72
O2 8L1 M . -10.90 -25.26 16.05
S 8L1 M . -15.54 -22.66 19.28
CL 8L1 M . -16.85 -21.81 16.51
P IMP N . -12.37 -16.12 -11.00
O1P IMP N . -11.85 -15.13 -10.05
O2P IMP N . -13.01 -17.21 -10.24
O3P IMP N . -11.30 -16.71 -11.82
O5' IMP N . -13.46 -15.39 -11.89
C5' IMP N . -14.24 -16.09 -12.85
C4' IMP N . -15.29 -15.15 -13.41
O4' IMP N . -14.66 -14.16 -14.22
C3' IMP N . -16.27 -15.83 -14.32
O3' IMP N . -17.34 -16.43 -13.61
C2' IMP N . -16.77 -14.69 -15.15
O2' IMP N . -17.79 -14.02 -14.43
C1' IMP N . -15.57 -13.77 -15.24
N9 IMP N . -14.86 -13.89 -16.52
C8 IMP N . -14.62 -15.00 -17.20
N7 IMP N . -13.93 -14.70 -18.30
C5 IMP N . -13.73 -13.38 -18.31
C6 IMP N . -13.10 -12.51 -19.16
O6 IMP N . -12.54 -12.90 -20.19
N1 IMP N . -13.08 -11.20 -18.88
C2 IMP N . -13.66 -10.74 -17.77
N3 IMP N . -14.26 -11.56 -16.93
C4 IMP N . -14.32 -12.88 -17.18
C1 8L1 O . -16.00 -10.15 -24.09
C2 8L1 O . -16.13 -11.43 -24.60
C3 8L1 O . -16.41 -12.48 -23.75
C8 8L1 O . -16.88 -11.63 -19.62
C7 8L1 O . -16.57 -10.68 -20.48
C4 8L1 O . -16.55 -12.25 -22.40
C5 8L1 O . -16.41 -10.98 -21.92
C6 8L1 O . -16.13 -9.92 -22.75
C10 8L1 O . -17.21 -7.18 -24.46
C11 8L1 O . -15.68 -9.01 -24.99
C12 8L1 O . -16.37 -9.18 -26.32
C13 8L1 O . -14.20 -9.10 -25.23
C17 8L1 O . -18.32 -5.12 -23.84
C18 8L1 O . -19.61 -5.50 -24.15
C19 8L1 O . -20.67 -4.63 -24.00
C20 8L1 O . -20.46 -3.37 -23.47
C21 8L1 O . -19.17 -2.99 -23.16
C22 8L1 O . -18.11 -3.86 -23.35
C24 8L1 O . -22.00 -5.23 -24.32
C26 8L1 O . -24.52 -5.66 -24.57
C27 8L1 O . -23.60 -6.66 -24.83
C29 8L1 O . -24.09 -7.99 -25.28
F1 8L1 O . -23.16 -8.62 -25.96
F2 8L1 O . -25.10 -7.82 -26.07
F3 8L1 O . -24.43 -8.67 -24.20
N1 8L1 O . -16.39 -9.44 -20.09
N3 8L1 O . -16.00 -7.71 -24.48
N4 8L1 O . -17.25 -5.93 -24.00
N5 8L1 O . -22.27 -6.49 -24.69
O1 8L1 O . -16.53 -9.09 -18.76
O2 8L1 O . -18.18 -7.81 -24.81
S 8L1 O . -23.48 -4.38 -24.11
CL 8L1 O . -21.74 -2.15 -23.19
#